data_2DUU
#
_entry.id   2DUU
#
_cell.length_a   151.4
_cell.length_b   79.8
_cell.length_c   207.2
_cell.angle_alpha   90.00
_cell.angle_beta   102.1
_cell.angle_gamma   90.00
#
_symmetry.space_group_name_H-M   'C 1 2 1'
#
loop_
_entity.id
_entity.type
_entity.pdbx_description
1 polymer 'Glyceraldehyde 3-phosphate dehydrogenase'
2 non-polymer 'SULFATE ION'
3 water water
#
_entity_poly.entity_id   1
_entity_poly.type   'polypeptide(L)'
_entity_poly.pdbx_seq_one_letter_code
;MTIRVAINGFGRIGRNFLRCWFGRQNTDLEVVAINNTSDARTAAHLLEYDSVLGRFNADISYDENSITVNGKTMKIVCDR
NPLNLPWKEWDIDLVIESTGVFVTAEGASKHIQAGAKKVLITAPGKAEGVGTYVIGVNDSEYRHEDFAVISNASCTTNCL
APVAKVLHDNFGIIKGTMTTTHSYTLDQRILDASHRDLRRARAAAVNIVPTTTGAAKAVALVIPELKGKLNGIALRVPTP
NVSVVDLVVQVEKPTITEQVNEVLQKASQTTMKGIIKYSDLPLVSSDFRGTDESSIVDSSLTLVMDGDLVKVIAWYDNEW
GYSQRVVDLAELAARKSGRLGLVQTLLISSQDSLPLTGGFFVAKREHPRSQDSINPSGPD
;
_entity_poly.pdbx_strand_id   A,B,O,P,Q,R
#
loop_
_chem_comp.id
_chem_comp.type
_chem_comp.name
_chem_comp.formula
SO4 non-polymer 'SULFATE ION' 'O4 S -2'
#
# COMPACT_ATOMS: atom_id res chain seq x y z
N MET A 1 6.95 70.33 14.47
CA MET A 1 7.32 70.85 15.81
C MET A 1 7.09 69.80 16.90
N THR A 2 7.81 69.93 18.01
CA THR A 2 7.65 69.00 19.12
C THR A 2 6.47 69.48 19.94
N ILE A 3 5.31 68.87 19.72
CA ILE A 3 4.09 69.26 20.42
C ILE A 3 4.08 69.02 21.93
N ARG A 4 3.35 69.87 22.64
CA ARG A 4 3.25 69.77 24.09
C ARG A 4 2.05 68.91 24.44
N VAL A 5 2.29 67.85 25.20
CA VAL A 5 1.22 66.93 25.60
C VAL A 5 0.87 66.96 27.08
N ALA A 6 -0.41 66.85 27.37
CA ALA A 6 -0.92 66.79 28.74
C ALA A 6 -1.72 65.47 28.84
N ILE A 7 -1.43 64.65 29.85
CA ILE A 7 -2.13 63.39 30.03
C ILE A 7 -3.24 63.57 31.04
N ASN A 8 -4.47 63.28 30.64
CA ASN A 8 -5.60 63.43 31.53
C ASN A 8 -5.94 62.05 32.07
N GLY A 9 -5.83 61.91 33.38
CA GLY A 9 -6.08 60.62 34.03
C GLY A 9 -4.75 59.91 34.15
N PHE A 10 -4.44 59.38 35.33
CA PHE A 10 -3.17 58.69 35.47
C PHE A 10 -3.31 57.29 36.01
N GLY A 11 -4.18 56.52 35.38
CA GLY A 11 -4.37 55.14 35.80
C GLY A 11 -3.56 54.20 34.94
N ARG A 12 -4.16 53.04 34.69
CA ARG A 12 -3.57 51.98 33.90
C ARG A 12 -2.98 52.55 32.62
N ILE A 13 -3.85 53.14 31.80
CA ILE A 13 -3.41 53.68 30.52
C ILE A 13 -2.46 54.87 30.60
N GLY A 14 -2.81 55.85 31.42
CA GLY A 14 -1.94 57.03 31.54
C GLY A 14 -0.52 56.65 31.91
N ARG A 15 -0.40 55.84 32.97
CA ARG A 15 0.90 55.38 33.47
C ARG A 15 1.65 54.59 32.41
N ASN A 16 0.92 53.73 31.72
CA ASN A 16 1.49 52.92 30.65
C ASN A 16 2.01 53.82 29.53
N PHE A 17 1.20 54.80 29.14
CA PHE A 17 1.60 55.75 28.11
C PHE A 17 2.89 56.47 28.48
N LEU A 18 3.02 56.85 29.75
CA LEU A 18 4.23 57.55 30.18
C LEU A 18 5.47 56.68 29.99
N ARG A 19 5.39 55.46 30.51
CA ARG A 19 6.50 54.52 30.42
C ARG A 19 6.90 54.33 28.97
N CYS A 20 5.90 54.19 28.09
CA CYS A 20 6.17 53.70 26.71
C CYS A 20 6.89 54.88 26.08
N TRP A 21 6.44 56.09 26.41
CA TRP A 21 7.04 57.29 25.86
C TRP A 21 8.51 57.39 26.26
N PHE A 22 8.79 57.35 27.57
CA PHE A 22 10.18 57.36 28.00
C PHE A 22 10.61 56.04 27.37
N GLY A 23 11.87 55.87 27.03
CA GLY A 23 12.23 54.60 26.41
C GLY A 23 12.08 54.61 24.90
N ARG A 24 11.34 55.56 24.36
CA ARG A 24 11.20 55.64 22.91
C ARG A 24 12.53 56.23 22.41
N GLN A 25 13.07 55.64 21.35
CA GLN A 25 14.34 56.13 20.81
C GLN A 25 14.30 57.64 20.50
N ASN A 26 13.19 58.13 19.97
CA ASN A 26 13.02 59.54 19.65
C ASN A 26 11.58 59.95 19.95
N THR A 27 11.26 61.21 19.74
CA THR A 27 9.90 61.68 20.01
C THR A 27 9.69 63.13 19.62
N ASP A 28 8.51 63.42 19.08
CA ASP A 28 8.17 64.79 18.72
C ASP A 28 7.22 65.25 19.81
N LEU A 29 7.17 64.47 20.88
CA LEU A 29 6.29 64.76 22.00
C LEU A 29 7.05 65.32 23.20
N GLU A 30 6.39 66.22 23.91
CA GLU A 30 6.95 66.83 25.10
C GLU A 30 5.85 66.81 26.14
N VAL A 31 5.89 65.84 27.04
CA VAL A 31 4.86 65.79 28.08
C VAL A 31 5.15 66.89 29.11
N VAL A 32 4.15 67.71 29.41
CA VAL A 32 4.34 68.82 30.32
C VAL A 32 3.46 68.79 31.58
N ALA A 33 2.31 68.14 31.51
CA ALA A 33 1.42 68.09 32.65
C ALA A 33 0.58 66.84 32.72
N ILE A 34 0.16 66.48 33.93
CA ILE A 34 -0.65 65.29 34.11
C ILE A 34 -1.77 65.65 35.06
N ASN A 35 -3.01 65.38 34.66
CA ASN A 35 -4.13 65.67 35.52
C ASN A 35 -4.50 64.37 36.22
N ASN A 36 -4.48 64.39 37.55
CA ASN A 36 -4.77 63.22 38.34
C ASN A 36 -5.98 63.45 39.24
N THR A 37 -6.23 62.47 40.11
CA THR A 37 -7.31 62.56 41.08
C THR A 37 -6.67 62.35 42.43
N SER A 38 -5.34 62.35 42.44
CA SER A 38 -4.58 62.17 43.67
C SER A 38 -3.38 63.11 43.60
N ASP A 39 -2.50 63.02 44.59
CA ASP A 39 -1.33 63.89 44.67
C ASP A 39 -0.15 63.44 43.83
N ALA A 40 0.81 64.35 43.68
CA ALA A 40 2.03 64.11 42.91
C ALA A 40 2.89 63.01 43.53
N ARG A 41 2.52 62.57 44.72
CA ARG A 41 3.26 61.51 45.37
C ARG A 41 2.66 60.21 44.85
N THR A 42 1.37 60.04 45.09
CA THR A 42 0.67 58.84 44.64
C THR A 42 1.02 58.55 43.18
N ALA A 43 1.22 59.62 42.42
CA ALA A 43 1.56 59.51 41.01
C ALA A 43 2.93 58.89 40.78
N ALA A 44 3.94 59.41 41.46
CA ALA A 44 5.29 58.88 41.31
C ALA A 44 5.43 57.47 41.88
N HIS A 45 4.54 57.12 42.82
CA HIS A 45 4.54 55.80 43.44
C HIS A 45 3.97 54.80 42.44
N LEU A 46 2.81 55.12 41.89
CA LEU A 46 2.15 54.27 40.91
C LEU A 46 2.93 54.16 39.62
N LEU A 47 3.73 55.19 39.31
CA LEU A 47 4.55 55.20 38.11
C LEU A 47 5.77 54.32 38.30
N GLU A 48 6.21 54.19 39.54
CA GLU A 48 7.38 53.38 39.81
C GLU A 48 7.07 51.89 40.02
N TYR A 49 6.03 51.61 40.82
CA TYR A 49 5.66 50.23 41.13
C TYR A 49 4.46 49.71 40.37
N ASP A 50 4.68 48.72 39.53
CA ASP A 50 3.61 48.13 38.73
C ASP A 50 3.44 46.65 39.02
N SER A 51 2.28 46.29 39.54
CA SER A 51 1.96 44.90 39.85
C SER A 51 1.93 44.04 38.59
N VAL A 52 2.11 44.68 37.44
CA VAL A 52 2.09 44.00 36.15
C VAL A 52 3.40 44.15 35.40
N LEU A 53 3.71 45.37 34.99
CA LEU A 53 4.94 45.67 34.26
C LEU A 53 6.20 45.59 35.14
N GLY A 54 5.98 45.56 36.46
CA GLY A 54 7.10 45.49 37.39
C GLY A 54 7.58 46.89 37.71
N ARG A 55 8.66 47.01 38.48
CA ARG A 55 9.21 48.31 38.84
C ARG A 55 9.78 49.03 37.63
N PHE A 56 9.39 50.29 37.47
CA PHE A 56 9.88 51.13 36.37
C PHE A 56 11.23 51.70 36.76
N ASN A 57 12.27 51.23 36.09
CA ASN A 57 13.64 51.69 36.36
C ASN A 57 13.98 52.97 35.61
N ALA A 58 13.87 54.08 36.34
CA ALA A 58 14.16 55.40 35.82
C ALA A 58 14.12 56.33 37.04
N ASP A 59 14.95 57.36 37.03
CA ASP A 59 14.99 58.31 38.14
C ASP A 59 13.66 59.00 38.34
N ILE A 60 12.94 58.56 39.36
CA ILE A 60 11.65 59.13 39.69
C ILE A 60 11.76 59.92 40.98
N SER A 61 11.32 61.18 40.92
CA SER A 61 11.34 62.06 42.08
C SER A 61 10.06 62.89 42.05
N TYR A 62 9.33 62.89 43.16
CA TYR A 62 8.09 63.65 43.20
C TYR A 62 8.32 65.04 43.76
N ASP A 63 7.22 65.69 44.09
CA ASP A 63 7.22 67.05 44.61
C ASP A 63 5.78 67.40 44.94
N GLU A 64 5.54 68.55 45.54
CA GLU A 64 4.19 68.92 45.90
C GLU A 64 3.29 69.11 44.68
N ASN A 65 3.83 69.70 43.62
CA ASN A 65 3.05 69.94 42.40
C ASN A 65 3.60 69.32 41.13
N SER A 66 4.75 68.67 41.22
CA SER A 66 5.34 68.08 40.02
C SER A 66 5.93 66.69 40.22
N ILE A 67 6.45 66.15 39.12
CA ILE A 67 7.05 64.83 39.09
C ILE A 67 8.18 64.85 38.08
N THR A 68 9.38 64.50 38.52
CA THR A 68 10.50 64.47 37.60
C THR A 68 10.93 63.03 37.36
N VAL A 69 11.10 62.69 36.09
CA VAL A 69 11.49 61.36 35.68
C VAL A 69 12.62 61.51 34.68
N ASN A 70 13.84 61.20 35.11
CA ASN A 70 14.99 61.32 34.22
C ASN A 70 14.99 62.73 33.68
N GLY A 71 15.37 63.69 34.53
CA GLY A 71 15.44 65.07 34.11
C GLY A 71 14.10 65.75 33.86
N LYS A 72 13.42 65.37 32.80
CA LYS A 72 12.15 65.96 32.42
C LYS A 72 11.12 65.91 33.54
N THR A 73 10.62 67.09 33.91
CA THR A 73 9.64 67.18 34.97
C THR A 73 8.31 67.58 34.34
N MET A 74 7.23 67.41 35.09
CA MET A 74 5.93 67.75 34.56
C MET A 74 4.91 68.12 35.63
N LYS A 75 4.21 69.22 35.38
CA LYS A 75 3.21 69.74 36.28
C LYS A 75 2.09 68.75 36.59
N ILE A 76 1.74 68.66 37.88
CA ILE A 76 0.67 67.77 38.32
C ILE A 76 -0.49 68.66 38.76
N VAL A 77 -1.69 68.36 38.26
CA VAL A 77 -2.87 69.13 38.62
C VAL A 77 -4.03 68.18 38.86
N CYS A 78 -5.03 68.64 39.61
CA CYS A 78 -6.16 67.80 39.90
C CYS A 78 -7.48 68.53 39.70
N ASP A 79 -8.14 68.25 38.58
CA ASP A 79 -9.43 68.86 38.27
C ASP A 79 -10.33 67.82 37.66
N ARG A 80 -11.46 67.53 38.30
CA ARG A 80 -12.37 66.54 37.76
C ARG A 80 -13.25 67.14 36.65
N ASN A 81 -12.93 68.37 36.25
CA ASN A 81 -13.68 69.03 35.18
C ASN A 81 -12.69 69.60 34.16
N PRO A 82 -12.63 68.98 32.98
CA PRO A 82 -11.71 69.45 31.93
C PRO A 82 -11.86 70.94 31.64
N LEU A 83 -13.10 71.43 31.71
CA LEU A 83 -13.38 72.85 31.47
C LEU A 83 -12.49 73.75 32.34
N ASN A 84 -12.19 73.28 33.55
CA ASN A 84 -11.36 74.03 34.50
C ASN A 84 -9.87 73.96 34.30
N LEU A 85 -9.42 73.09 33.40
CA LEU A 85 -7.99 72.92 33.19
C LEU A 85 -7.24 74.10 32.55
N PRO A 86 -5.96 74.27 32.89
CA PRO A 86 -5.05 75.31 32.40
C PRO A 86 -4.36 74.91 31.12
N TRP A 87 -5.13 74.35 30.20
CA TRP A 87 -4.57 73.91 28.94
C TRP A 87 -4.11 75.08 28.10
N LYS A 88 -4.86 76.17 28.15
CA LYS A 88 -4.48 77.34 27.38
C LYS A 88 -3.20 77.95 27.98
N GLU A 89 -3.22 78.18 29.29
CA GLU A 89 -2.07 78.78 29.96
C GLU A 89 -0.81 77.98 29.80
N TRP A 90 -0.94 76.66 29.74
CA TRP A 90 0.25 75.81 29.60
C TRP A 90 0.58 75.42 28.17
N ASP A 91 -0.06 76.10 27.22
CA ASP A 91 0.16 75.84 25.80
C ASP A 91 0.17 74.34 25.52
N ILE A 92 -0.96 73.69 25.80
CA ILE A 92 -1.11 72.26 25.57
C ILE A 92 -1.68 72.06 24.18
N ASP A 93 -0.92 71.35 23.36
CA ASP A 93 -1.34 71.09 21.99
C ASP A 93 -2.25 69.87 21.98
N LEU A 94 -1.70 68.74 22.42
CA LEU A 94 -2.40 67.47 22.45
C LEU A 94 -2.66 66.94 23.84
N VAL A 95 -3.90 66.54 24.10
CA VAL A 95 -4.28 66.00 25.40
C VAL A 95 -4.61 64.53 25.27
N ILE A 96 -3.90 63.68 26.01
CA ILE A 96 -4.18 62.25 26.00
C ILE A 96 -5.27 62.00 27.03
N GLU A 97 -6.47 61.73 26.53
CA GLU A 97 -7.64 61.50 27.38
C GLU A 97 -7.76 60.02 27.71
N SER A 98 -7.43 59.67 28.95
CA SER A 98 -7.48 58.30 29.41
C SER A 98 -8.20 58.14 30.73
N THR A 99 -9.42 58.63 30.83
CA THR A 99 -10.19 58.51 32.07
C THR A 99 -11.44 57.71 31.75
N GLY A 100 -11.62 57.42 30.46
CA GLY A 100 -12.79 56.68 30.03
C GLY A 100 -14.11 57.41 30.25
N VAL A 101 -14.08 58.62 30.81
CA VAL A 101 -15.34 59.31 31.03
C VAL A 101 -15.71 60.26 29.92
N PHE A 102 -14.74 60.72 29.14
CA PHE A 102 -15.04 61.62 28.03
C PHE A 102 -14.73 60.96 26.71
N VAL A 103 -15.70 60.22 26.19
CA VAL A 103 -15.48 59.51 24.95
C VAL A 103 -16.33 59.98 23.79
N THR A 104 -17.27 60.87 24.05
CA THR A 104 -18.11 61.43 23.00
C THR A 104 -17.35 62.67 22.55
N ALA A 105 -17.53 63.08 21.30
CA ALA A 105 -16.81 64.24 20.78
C ALA A 105 -17.03 65.49 21.65
N GLU A 106 -18.26 65.74 22.05
CA GLU A 106 -18.52 66.90 22.87
C GLU A 106 -17.90 66.82 24.26
N GLY A 107 -17.88 65.63 24.84
CA GLY A 107 -17.29 65.51 26.15
C GLY A 107 -15.80 65.77 26.07
N ALA A 108 -15.13 65.05 25.19
CA ALA A 108 -13.68 65.17 25.02
C ALA A 108 -13.24 66.56 24.60
N SER A 109 -14.08 67.24 23.83
CA SER A 109 -13.71 68.57 23.38
C SER A 109 -13.74 69.59 24.50
N LYS A 110 -14.07 69.17 25.72
CA LYS A 110 -14.05 70.10 26.85
C LYS A 110 -12.59 70.52 27.02
N HIS A 111 -11.67 69.61 26.69
CA HIS A 111 -10.24 69.90 26.77
C HIS A 111 -9.92 70.95 25.72
N ILE A 112 -10.69 70.99 24.63
CA ILE A 112 -10.45 71.96 23.57
C ILE A 112 -10.80 73.35 24.13
N GLN A 113 -12.01 73.50 24.66
CA GLN A 113 -12.42 74.77 25.23
C GLN A 113 -11.38 75.22 26.27
N ALA A 114 -10.89 74.30 27.09
CA ALA A 114 -9.91 74.64 28.10
C ALA A 114 -8.59 75.11 27.49
N GLY A 115 -8.54 75.20 26.17
CA GLY A 115 -7.33 75.67 25.51
C GLY A 115 -6.44 74.69 24.76
N ALA A 116 -6.80 73.41 24.69
CA ALA A 116 -5.99 72.45 23.95
C ALA A 116 -6.50 72.40 22.52
N LYS A 117 -5.57 72.23 21.58
CA LYS A 117 -5.94 72.19 20.17
C LYS A 117 -6.44 70.81 19.71
N LYS A 118 -5.85 69.75 20.23
CA LYS A 118 -6.26 68.39 19.85
C LYS A 118 -6.27 67.35 21.01
N VAL A 119 -7.32 66.54 21.07
CA VAL A 119 -7.44 65.50 22.09
C VAL A 119 -7.63 64.09 21.51
N LEU A 120 -6.84 63.15 22.02
CA LEU A 120 -6.88 61.76 21.58
C LEU A 120 -7.37 60.83 22.70
N ILE A 121 -8.48 60.14 22.44
CA ILE A 121 -9.11 59.24 23.40
C ILE A 121 -8.49 57.84 23.41
N THR A 122 -8.02 57.39 24.56
CA THR A 122 -7.45 56.05 24.70
C THR A 122 -8.59 55.06 24.92
N ALA A 123 -9.60 55.14 24.07
CA ALA A 123 -10.75 54.26 24.21
C ALA A 123 -11.64 54.53 23.02
N PRO A 124 -12.63 53.66 22.79
CA PRO A 124 -13.53 53.85 21.66
C PRO A 124 -14.32 55.14 21.77
N GLY A 125 -14.56 55.78 20.64
CA GLY A 125 -15.35 56.99 20.68
C GLY A 125 -16.82 56.61 20.75
N LYS A 126 -17.60 57.42 21.45
CA LYS A 126 -19.02 57.17 21.56
C LYS A 126 -19.72 58.20 20.72
N ALA A 127 -20.70 57.76 19.93
CA ALA A 127 -21.45 58.65 19.04
C ALA A 127 -20.56 58.95 17.85
N GLU A 128 -20.89 60.01 17.12
CA GLU A 128 -20.07 60.38 15.97
C GLU A 128 -19.33 61.66 16.32
N GLY A 129 -18.43 62.07 15.41
CA GLY A 129 -17.67 63.28 15.65
C GLY A 129 -16.19 63.03 15.93
N VAL A 130 -15.82 61.78 16.21
CA VAL A 130 -14.43 61.47 16.47
C VAL A 130 -13.78 60.67 15.32
N GLY A 131 -12.46 60.66 15.28
CA GLY A 131 -11.80 59.95 14.22
C GLY A 131 -11.07 58.78 14.82
N THR A 132 -11.44 57.59 14.40
CA THR A 132 -10.79 56.41 14.93
C THR A 132 -9.68 55.99 13.98
N TYR A 133 -8.52 55.69 14.55
CA TYR A 133 -7.40 55.24 13.76
C TYR A 133 -6.78 54.06 14.50
N VAL A 134 -6.37 53.06 13.73
CA VAL A 134 -5.69 51.89 14.28
C VAL A 134 -4.37 51.82 13.54
N ILE A 135 -3.28 52.18 14.21
CA ILE A 135 -1.96 52.17 13.60
C ILE A 135 -1.69 50.90 12.82
N GLY A 136 -1.22 51.07 11.60
CA GLY A 136 -0.92 49.93 10.75
C GLY A 136 -2.10 49.53 9.89
N VAL A 137 -3.28 50.06 10.21
CA VAL A 137 -4.47 49.71 9.46
C VAL A 137 -5.04 50.88 8.66
N ASN A 138 -5.09 52.07 9.26
CA ASN A 138 -5.61 53.21 8.50
C ASN A 138 -4.88 54.52 8.83
N ASP A 139 -3.68 54.41 9.36
CA ASP A 139 -2.89 55.57 9.74
C ASP A 139 -2.41 56.38 8.53
N SER A 140 -2.54 55.83 7.33
CA SER A 140 -2.12 56.54 6.14
C SER A 140 -3.23 57.53 5.76
N GLU A 141 -4.39 57.34 6.37
CA GLU A 141 -5.54 58.20 6.13
C GLU A 141 -5.53 59.38 7.08
N TYR A 142 -4.50 59.49 7.91
CA TYR A 142 -4.45 60.57 8.88
C TYR A 142 -4.16 61.91 8.24
N ARG A 143 -4.96 62.90 8.61
CA ARG A 143 -4.88 64.28 8.14
C ARG A 143 -5.28 65.17 9.30
N HIS A 144 -4.31 65.94 9.79
CA HIS A 144 -4.53 66.83 10.92
C HIS A 144 -5.86 67.60 11.01
N GLU A 145 -6.44 67.96 9.87
CA GLU A 145 -7.69 68.72 9.89
C GLU A 145 -8.94 67.92 10.08
N ASP A 146 -8.90 66.63 9.83
CA ASP A 146 -10.12 65.83 9.95
C ASP A 146 -10.82 65.85 11.31
N PHE A 147 -10.07 65.65 12.39
CA PHE A 147 -10.70 65.64 13.71
C PHE A 147 -9.90 66.29 14.82
N ALA A 148 -10.61 67.07 15.63
CA ALA A 148 -10.01 67.70 16.78
C ALA A 148 -9.92 66.63 17.84
N VAL A 149 -10.95 65.78 17.89
CA VAL A 149 -11.01 64.66 18.85
C VAL A 149 -10.84 63.35 18.09
N ILE A 150 -9.74 62.63 18.34
CA ILE A 150 -9.50 61.37 17.67
C ILE A 150 -9.44 60.22 18.67
N SER A 151 -9.73 59.01 18.19
CA SER A 151 -9.70 57.83 19.04
C SER A 151 -8.73 56.77 18.53
N ASN A 152 -8.19 55.99 19.44
CA ASN A 152 -7.26 54.92 19.09
C ASN A 152 -8.00 53.59 19.19
N ALA A 153 -9.32 53.66 19.17
CA ALA A 153 -10.14 52.47 19.27
C ALA A 153 -9.82 51.76 20.59
N SER A 154 -9.87 50.43 20.62
CA SER A 154 -9.58 49.70 21.86
C SER A 154 -8.48 48.65 21.71
N CYS A 155 -8.15 47.99 22.82
CA CYS A 155 -7.11 46.95 22.80
C CYS A 155 -7.52 45.84 21.87
N THR A 156 -8.76 45.38 22.04
CA THR A 156 -9.27 44.30 21.22
C THR A 156 -9.22 44.69 19.74
N THR A 157 -9.78 45.85 19.42
CA THR A 157 -9.79 46.31 18.05
C THR A 157 -8.37 46.41 17.50
N ASN A 158 -7.42 46.79 18.36
CA ASN A 158 -6.04 46.90 17.90
C ASN A 158 -5.33 45.60 17.67
N CYS A 159 -5.95 44.51 18.11
CA CYS A 159 -5.38 43.17 17.95
C CYS A 159 -6.05 42.55 16.74
N LEU A 160 -7.34 42.84 16.64
CA LEU A 160 -8.18 42.34 15.59
C LEU A 160 -7.98 42.99 14.21
N ALA A 161 -8.11 44.31 14.12
CA ALA A 161 -8.01 45.03 12.85
C ALA A 161 -6.76 44.72 12.02
N PRO A 162 -5.60 44.61 12.67
CA PRO A 162 -4.43 44.30 11.84
C PRO A 162 -4.61 42.94 11.14
N VAL A 163 -5.01 41.92 11.90
CA VAL A 163 -5.22 40.58 11.33
C VAL A 163 -6.26 40.62 10.21
N ALA A 164 -7.43 41.18 10.50
CA ALA A 164 -8.49 41.29 9.51
C ALA A 164 -7.93 41.93 8.26
N LYS A 165 -7.16 42.99 8.46
CA LYS A 165 -6.57 43.72 7.37
C LYS A 165 -5.83 42.74 6.44
N VAL A 166 -4.79 42.08 6.96
CA VAL A 166 -4.00 41.14 6.18
C VAL A 166 -4.83 40.05 5.53
N LEU A 167 -5.64 39.37 6.36
CA LEU A 167 -6.50 38.30 5.88
C LEU A 167 -7.36 38.79 4.70
N HIS A 168 -7.97 39.95 4.87
CA HIS A 168 -8.79 40.53 3.83
C HIS A 168 -7.97 40.94 2.59
N ASP A 169 -6.79 41.53 2.81
CA ASP A 169 -5.96 41.92 1.70
C ASP A 169 -5.52 40.71 0.89
N ASN A 170 -5.27 39.60 1.57
CA ASN A 170 -4.81 38.39 0.92
C ASN A 170 -5.86 37.37 0.46
N PHE A 171 -7.01 37.29 1.12
CA PHE A 171 -8.00 36.30 0.72
C PHE A 171 -9.39 36.87 0.57
N GLY A 172 -9.60 38.04 1.13
CA GLY A 172 -10.89 38.69 1.03
C GLY A 172 -11.97 38.09 1.91
N ILE A 173 -12.28 38.79 2.99
CA ILE A 173 -13.31 38.37 3.93
C ILE A 173 -14.70 38.58 3.32
N ILE A 174 -15.58 37.61 3.52
CA ILE A 174 -16.94 37.70 3.00
C ILE A 174 -17.83 37.95 4.21
N LYS A 175 -17.53 37.23 5.28
CA LYS A 175 -18.25 37.40 6.52
C LYS A 175 -17.43 36.67 7.57
N GLY A 176 -17.60 37.06 8.81
CA GLY A 176 -16.82 36.42 9.85
C GLY A 176 -17.41 36.66 11.22
N THR A 177 -16.71 36.17 12.22
CA THR A 177 -17.19 36.30 13.57
C THR A 177 -15.99 36.13 14.50
N MET A 178 -16.03 36.80 15.64
CA MET A 178 -14.92 36.70 16.58
C MET A 178 -15.38 36.62 18.02
N THR A 179 -14.56 35.98 18.83
CA THR A 179 -14.84 35.86 20.25
C THR A 179 -13.58 36.22 20.99
N THR A 180 -13.63 37.32 21.73
CA THR A 180 -12.47 37.73 22.50
C THR A 180 -12.64 37.25 23.93
N THR A 181 -11.61 36.60 24.43
CA THR A 181 -11.59 36.09 25.78
C THR A 181 -10.54 36.96 26.46
N HIS A 182 -10.98 38.01 27.14
CA HIS A 182 -10.04 38.92 27.77
C HIS A 182 -10.20 39.04 29.27
N SER A 183 -9.10 39.40 29.90
CA SER A 183 -9.01 39.56 31.35
C SER A 183 -9.92 40.63 31.95
N TYR A 184 -9.56 41.03 33.18
CA TYR A 184 -10.26 42.05 33.96
C TYR A 184 -10.69 43.27 33.14
N ALA A 201 -21.18 42.70 36.00
CA ALA A 201 -22.03 43.09 37.12
C ALA A 201 -22.01 42.04 38.24
N ARG A 202 -21.23 40.97 38.04
CA ARG A 202 -21.14 39.89 39.01
C ARG A 202 -19.67 39.57 39.31
N ALA A 203 -19.42 39.01 40.50
CA ALA A 203 -18.06 38.66 40.93
C ALA A 203 -17.27 38.02 39.79
N ALA A 204 -16.61 38.86 39.01
CA ALA A 204 -15.83 38.39 37.86
C ALA A 204 -14.63 37.55 38.27
N ALA A 205 -14.32 37.54 39.56
CA ALA A 205 -13.17 36.80 40.06
C ALA A 205 -13.42 35.29 40.11
N VAL A 206 -14.69 34.90 40.12
CA VAL A 206 -15.06 33.50 40.19
C VAL A 206 -15.85 33.01 38.98
N ASN A 207 -16.18 33.93 38.08
CA ASN A 207 -16.94 33.56 36.88
C ASN A 207 -16.16 33.75 35.58
N ILE A 208 -16.85 33.45 34.50
CA ILE A 208 -16.37 33.63 33.13
C ILE A 208 -17.54 34.49 32.72
N VAL A 209 -17.30 35.79 32.55
CA VAL A 209 -18.42 36.66 32.24
C VAL A 209 -18.64 37.11 30.79
N PRO A 210 -19.77 36.67 30.21
CA PRO A 210 -20.10 37.04 28.84
C PRO A 210 -20.39 38.54 28.87
N THR A 211 -19.96 39.25 27.84
CA THR A 211 -20.20 40.68 27.76
C THR A 211 -20.12 41.10 26.31
N THR A 212 -20.67 42.26 26.00
CA THR A 212 -20.66 42.75 24.63
C THR A 212 -19.28 43.26 24.25
N THR A 213 -19.09 43.47 22.95
CA THR A 213 -17.84 44.00 22.42
C THR A 213 -18.11 44.75 21.12
N GLY A 214 -17.56 45.95 21.02
CA GLY A 214 -17.75 46.74 19.81
C GLY A 214 -16.60 46.58 18.84
N ALA A 215 -15.59 45.81 19.23
CA ALA A 215 -14.42 45.59 18.41
C ALA A 215 -14.79 45.09 17.02
N ALA A 216 -15.86 44.31 16.94
CA ALA A 216 -16.30 43.77 15.65
C ALA A 216 -16.65 44.94 14.73
N LYS A 217 -17.56 45.77 15.19
CA LYS A 217 -17.99 46.94 14.46
C LYS A 217 -16.85 47.98 14.31
N ALA A 218 -16.07 48.14 15.36
CA ALA A 218 -14.95 49.05 15.34
C ALA A 218 -14.10 48.85 14.11
N VAL A 219 -13.81 47.59 13.77
CA VAL A 219 -12.98 47.30 12.62
C VAL A 219 -13.57 47.91 11.34
N ALA A 220 -14.88 48.03 11.27
CA ALA A 220 -15.49 48.61 10.08
C ALA A 220 -14.99 50.04 9.89
N LEU A 221 -14.73 50.71 11.00
CA LEU A 221 -14.24 52.07 10.96
C LEU A 221 -12.87 52.18 10.32
N VAL A 222 -11.97 51.27 10.66
CA VAL A 222 -10.64 51.34 10.09
C VAL A 222 -10.46 50.46 8.84
N ILE A 223 -11.52 49.76 8.45
CA ILE A 223 -11.52 48.90 7.27
C ILE A 223 -12.97 48.88 6.76
N PRO A 224 -13.44 50.02 6.25
CA PRO A 224 -14.79 50.25 5.71
C PRO A 224 -15.37 49.12 4.84
N GLU A 225 -14.52 48.44 4.08
CA GLU A 225 -14.98 47.35 3.22
C GLU A 225 -15.58 46.21 4.04
N LEU A 226 -15.12 46.06 5.28
CA LEU A 226 -15.63 45.00 6.13
C LEU A 226 -16.88 45.45 6.86
N LYS A 227 -17.45 46.57 6.43
CA LYS A 227 -18.66 47.09 7.07
C LYS A 227 -19.75 46.04 7.04
N GLY A 228 -20.33 45.78 8.21
CA GLY A 228 -21.40 44.79 8.32
C GLY A 228 -20.99 43.36 8.04
N LYS A 229 -19.69 43.09 7.98
CA LYS A 229 -19.21 41.75 7.69
C LYS A 229 -18.64 41.00 8.89
N LEU A 230 -18.53 41.68 10.03
CA LEU A 230 -18.01 41.01 11.22
C LEU A 230 -18.90 41.19 12.43
N ASN A 231 -18.80 40.26 13.35
CA ASN A 231 -19.55 40.34 14.58
C ASN A 231 -18.82 39.61 15.66
N GLY A 232 -18.95 40.09 16.89
CA GLY A 232 -18.24 39.45 17.98
C GLY A 232 -18.97 39.34 19.29
N ILE A 233 -18.32 38.63 20.21
CA ILE A 233 -18.83 38.37 21.55
C ILE A 233 -17.62 38.32 22.45
N ALA A 234 -17.75 38.82 23.67
CA ALA A 234 -16.63 38.78 24.60
C ALA A 234 -16.91 37.89 25.80
N LEU A 235 -15.85 37.29 26.32
CA LEU A 235 -15.94 36.44 27.49
C LEU A 235 -14.84 36.94 28.43
N ARG A 236 -15.25 37.39 29.62
CA ARG A 236 -14.28 37.89 30.58
C ARG A 236 -13.81 36.77 31.52
N VAL A 237 -12.50 36.64 31.64
CA VAL A 237 -11.90 35.61 32.50
C VAL A 237 -11.05 36.23 33.60
N PRO A 238 -10.90 35.52 34.73
CA PRO A 238 -10.10 36.03 35.85
C PRO A 238 -8.62 35.89 35.56
N THR A 239 -8.21 36.23 34.34
CA THR A 239 -6.79 36.13 34.01
C THR A 239 -6.07 37.43 34.33
N PRO A 240 -4.76 37.35 34.59
CA PRO A 240 -3.93 38.52 34.92
C PRO A 240 -3.79 39.57 33.81
N ASN A 241 -3.00 39.26 32.80
CA ASN A 241 -2.77 40.20 31.71
C ASN A 241 -3.26 39.65 30.38
N VAL A 242 -2.32 39.25 29.54
CA VAL A 242 -2.61 38.92 28.13
C VAL A 242 -4.02 38.38 27.88
N SER A 243 -4.57 38.73 26.72
CA SER A 243 -5.89 38.28 26.30
C SER A 243 -5.74 37.64 24.93
N VAL A 244 -6.85 37.24 24.32
CA VAL A 244 -6.77 36.58 23.01
C VAL A 244 -8.02 36.80 22.18
N VAL A 245 -7.87 36.79 20.85
CA VAL A 245 -9.03 36.95 19.97
C VAL A 245 -9.14 35.68 19.15
N ASP A 246 -10.38 35.27 18.91
CA ASP A 246 -10.67 34.06 18.17
C ASP A 246 -11.39 34.50 16.90
N LEU A 247 -10.66 34.55 15.79
CA LEU A 247 -11.26 35.01 14.54
C LEU A 247 -11.58 33.94 13.53
N VAL A 248 -12.86 33.83 13.20
CA VAL A 248 -13.30 32.85 12.19
C VAL A 248 -13.89 33.58 11.00
N VAL A 249 -13.20 33.51 9.86
CA VAL A 249 -13.71 34.19 8.68
C VAL A 249 -13.82 33.26 7.49
N GLN A 250 -14.78 33.55 6.63
CA GLN A 250 -14.98 32.78 5.40
C GLN A 250 -14.39 33.63 4.28
N VAL A 251 -13.31 33.17 3.67
CA VAL A 251 -12.67 33.94 2.62
C VAL A 251 -13.12 33.61 1.19
N GLU A 252 -12.61 34.42 0.24
CA GLU A 252 -12.90 34.27 -1.17
C GLU A 252 -11.88 33.32 -1.80
N LYS A 253 -10.60 33.65 -1.68
CA LYS A 253 -9.56 32.80 -2.24
C LYS A 253 -9.34 31.60 -1.35
N PRO A 254 -9.64 30.39 -1.85
CA PRO A 254 -9.43 29.23 -1.00
C PRO A 254 -7.93 29.05 -0.73
N THR A 255 -7.58 28.65 0.51
CA THR A 255 -6.18 28.46 0.91
C THR A 255 -5.93 27.28 1.83
N ILE A 256 -4.71 27.21 2.36
CA ILE A 256 -4.31 26.15 3.27
C ILE A 256 -3.58 26.71 4.51
N THR A 257 -3.78 26.09 5.66
CA THR A 257 -3.15 26.53 6.90
C THR A 257 -1.75 27.06 6.71
N GLU A 258 -0.88 26.28 6.05
CA GLU A 258 0.50 26.69 5.83
C GLU A 258 0.62 28.07 5.17
N GLN A 259 -0.26 28.34 4.22
CA GLN A 259 -0.27 29.60 3.48
C GLN A 259 -0.90 30.80 4.22
N VAL A 260 -1.84 30.53 5.11
CA VAL A 260 -2.46 31.60 5.87
C VAL A 260 -1.41 32.10 6.84
N ASN A 261 -0.66 31.18 7.44
CA ASN A 261 0.40 31.56 8.37
C ASN A 261 1.58 32.20 7.64
N GLU A 262 1.71 31.87 6.36
CA GLU A 262 2.78 32.43 5.56
C GLU A 262 2.56 33.93 5.33
N VAL A 263 1.33 34.34 4.98
CA VAL A 263 1.09 35.76 4.76
C VAL A 263 1.17 36.56 6.05
N LEU A 264 0.68 35.99 7.14
CA LEU A 264 0.71 36.66 8.43
C LEU A 264 2.15 36.90 8.87
N GLN A 265 3.03 35.98 8.52
CA GLN A 265 4.43 36.14 8.87
C GLN A 265 5.10 37.19 7.97
N LYS A 266 4.71 37.24 6.70
CA LYS A 266 5.29 38.22 5.78
C LYS A 266 4.96 39.59 6.33
N ALA A 267 3.69 39.76 6.69
CA ALA A 267 3.18 41.00 7.25
C ALA A 267 3.94 41.44 8.51
N SER A 268 4.28 40.48 9.36
CA SER A 268 5.02 40.75 10.59
C SER A 268 6.47 41.13 10.31
N GLN A 269 6.90 40.99 9.06
CA GLN A 269 8.27 41.32 8.71
C GLN A 269 8.28 42.50 7.76
N THR A 270 7.09 42.97 7.39
CA THR A 270 6.96 44.06 6.44
C THR A 270 5.83 45.03 6.78
N THR A 271 4.84 45.12 5.89
CA THR A 271 3.70 46.01 6.08
C THR A 271 3.18 46.16 7.51
N MET A 272 3.12 45.08 8.28
CA MET A 272 2.64 45.16 9.65
C MET A 272 3.77 44.96 10.67
N LYS A 273 4.99 45.24 10.24
CA LYS A 273 6.16 45.10 11.08
C LYS A 273 6.04 45.99 12.31
N GLY A 274 6.25 45.41 13.48
CA GLY A 274 6.14 46.16 14.72
C GLY A 274 4.72 46.13 15.28
N ILE A 275 3.75 45.89 14.40
CA ILE A 275 2.34 45.81 14.78
C ILE A 275 1.88 44.38 15.07
N ILE A 276 2.16 43.47 14.14
CA ILE A 276 1.81 42.08 14.29
C ILE A 276 3.06 41.25 14.57
N LYS A 277 3.00 40.46 15.63
CA LYS A 277 4.10 39.56 15.99
C LYS A 277 3.67 38.16 15.56
N TYR A 278 4.54 37.45 14.84
CA TYR A 278 4.25 36.10 14.38
C TYR A 278 5.02 35.12 15.26
N SER A 279 4.30 34.42 16.12
CA SER A 279 4.92 33.46 17.03
C SER A 279 4.54 32.07 16.56
N ASP A 280 5.52 31.18 16.46
CA ASP A 280 5.26 29.80 16.05
C ASP A 280 5.67 28.88 17.19
N LEU A 281 6.50 29.41 18.07
CA LEU A 281 6.97 28.67 19.23
C LEU A 281 5.81 28.35 20.15
N PRO A 282 5.84 27.18 20.77
CA PRO A 282 4.78 26.75 21.69
C PRO A 282 4.86 27.55 22.99
N LEU A 283 3.96 28.52 23.16
CA LEU A 283 3.98 29.35 24.36
C LEU A 283 2.60 29.57 24.98
N VAL A 284 2.57 30.30 26.09
CA VAL A 284 1.34 30.58 26.81
C VAL A 284 1.20 32.06 27.15
N SER A 285 0.07 32.44 27.75
CA SER A 285 -0.21 33.82 28.15
C SER A 285 1.02 34.62 28.58
N SER A 286 1.46 34.37 29.81
CA SER A 286 2.60 35.06 30.39
C SER A 286 3.70 35.40 29.40
N ASP A 287 4.03 34.46 28.53
CA ASP A 287 5.10 34.66 27.59
C ASP A 287 5.02 35.92 26.73
N PHE A 288 3.83 36.48 26.61
CA PHE A 288 3.67 37.68 25.77
C PHE A 288 3.55 39.00 26.54
N ARG A 289 3.87 38.95 27.82
CA ARG A 289 3.83 40.14 28.66
C ARG A 289 4.91 41.10 28.16
N GLY A 290 4.61 42.39 28.19
CA GLY A 290 5.58 43.36 27.74
C GLY A 290 5.86 43.36 26.25
N THR A 291 5.03 42.66 25.49
CA THR A 291 5.21 42.62 24.05
C THR A 291 4.75 43.95 23.46
N ASP A 292 5.59 44.58 22.62
CA ASP A 292 5.22 45.86 22.03
C ASP A 292 4.16 45.74 20.93
N GLU A 293 4.16 44.64 20.21
CA GLU A 293 3.17 44.44 19.15
C GLU A 293 1.77 44.44 19.77
N SER A 294 0.78 44.87 19.00
CA SER A 294 -0.58 44.93 19.54
C SER A 294 -1.40 43.72 19.13
N SER A 295 -0.73 42.78 18.48
CA SER A 295 -1.41 41.57 18.01
C SER A 295 -0.42 40.47 17.69
N ILE A 296 -0.35 39.45 18.56
CA ILE A 296 0.56 38.32 18.33
C ILE A 296 -0.20 37.09 17.85
N VAL A 297 0.14 36.64 16.64
CA VAL A 297 -0.48 35.46 16.06
C VAL A 297 0.17 34.18 16.57
N ASP A 298 -0.65 33.19 16.90
CA ASP A 298 -0.12 31.92 17.35
C ASP A 298 -0.37 30.95 16.22
N SER A 299 0.61 30.88 15.31
CA SER A 299 0.54 30.03 14.12
C SER A 299 0.13 28.56 14.38
N SER A 300 0.68 27.94 15.42
CA SER A 300 0.31 26.57 15.70
C SER A 300 -1.21 26.39 15.83
N LEU A 301 -1.93 27.50 16.08
CA LEU A 301 -3.38 27.45 16.25
C LEU A 301 -4.21 27.74 15.00
N THR A 302 -3.57 27.99 13.87
CA THR A 302 -4.32 28.31 12.65
C THR A 302 -4.96 27.09 11.97
N LEU A 303 -6.26 27.19 11.69
CA LEU A 303 -7.02 26.11 11.05
C LEU A 303 -7.71 26.63 9.80
N VAL A 304 -7.85 25.77 8.80
CA VAL A 304 -8.53 26.14 7.57
C VAL A 304 -9.43 24.96 7.19
N MET A 305 -10.74 25.18 7.17
CA MET A 305 -11.68 24.12 6.83
C MET A 305 -12.17 24.20 5.39
N ASP A 306 -11.97 23.12 4.64
CA ASP A 306 -12.42 23.04 3.25
C ASP A 306 -11.82 24.17 2.40
N GLY A 307 -10.61 24.57 2.75
CA GLY A 307 -9.94 25.64 2.02
C GLY A 307 -10.49 27.06 2.10
N ASP A 308 -11.65 27.31 2.69
CA ASP A 308 -12.15 28.67 2.74
C ASP A 308 -12.76 29.15 4.05
N LEU A 309 -12.60 28.39 5.12
CA LEU A 309 -13.10 28.82 6.43
C LEU A 309 -11.85 28.96 7.26
N VAL A 310 -11.42 30.19 7.47
CA VAL A 310 -10.20 30.42 8.23
C VAL A 310 -10.46 30.81 9.67
N LYS A 311 -9.61 30.29 10.55
CA LYS A 311 -9.66 30.58 11.97
C LYS A 311 -8.29 31.01 12.47
N VAL A 312 -8.19 32.22 13.00
CA VAL A 312 -6.92 32.70 13.54
C VAL A 312 -7.07 33.13 15.01
N ILE A 313 -6.13 32.68 15.83
CA ILE A 313 -6.12 33.01 17.25
C ILE A 313 -4.93 33.91 17.45
N ALA A 314 -5.17 35.08 18.05
CA ALA A 314 -4.11 36.05 18.30
C ALA A 314 -4.15 36.48 19.75
N TRP A 315 -2.96 36.62 20.34
CA TRP A 315 -2.81 37.07 21.71
C TRP A 315 -2.52 38.55 21.69
N TYR A 316 -2.98 39.26 22.70
CA TYR A 316 -2.65 40.67 22.81
C TYR A 316 -2.45 41.02 24.27
N ASP A 317 -1.39 41.77 24.55
CA ASP A 317 -1.09 42.20 25.91
C ASP A 317 -2.01 43.35 26.21
N ASN A 318 -3.02 43.09 27.03
CA ASN A 318 -4.02 44.08 27.38
C ASN A 318 -3.69 45.53 27.08
N GLU A 319 -3.24 46.27 28.11
CA GLU A 319 -2.95 47.67 27.95
C GLU A 319 -1.54 48.07 27.49
N TRP A 320 -0.57 47.17 27.53
CA TRP A 320 0.79 47.54 27.11
C TRP A 320 0.95 47.79 25.61
N GLY A 321 0.63 46.81 24.79
CA GLY A 321 0.75 47.00 23.35
C GLY A 321 -0.16 48.14 22.93
N TYR A 322 -1.33 48.20 23.54
CA TYR A 322 -2.27 49.26 23.23
C TYR A 322 -1.61 50.61 23.46
N SER A 323 -0.86 50.71 24.56
CA SER A 323 -0.17 51.94 24.91
C SER A 323 0.94 52.27 23.92
N GLN A 324 1.59 51.24 23.37
CA GLN A 324 2.63 51.49 22.38
C GLN A 324 1.96 52.12 21.16
N ARG A 325 0.75 51.63 20.85
CA ARG A 325 0.00 52.16 19.72
C ARG A 325 -0.51 53.58 20.01
N VAL A 326 -0.79 53.88 21.27
CA VAL A 326 -1.27 55.22 21.64
C VAL A 326 -0.14 56.23 21.42
N VAL A 327 1.06 55.91 21.88
CA VAL A 327 2.19 56.80 21.69
C VAL A 327 2.43 56.95 20.20
N ASP A 328 2.24 55.88 19.48
CA ASP A 328 2.43 55.87 18.03
C ASP A 328 1.55 56.88 17.33
N LEU A 329 0.29 56.94 17.76
CA LEU A 329 -0.69 57.84 17.17
C LEU A 329 -0.44 59.28 17.57
N ALA A 330 -0.03 59.49 18.83
CA ALA A 330 0.27 60.84 19.30
C ALA A 330 1.41 61.35 18.41
N GLU A 331 2.43 60.50 18.24
CA GLU A 331 3.59 60.80 17.42
C GLU A 331 3.24 61.11 15.96
N LEU A 332 2.34 60.33 15.40
CA LEU A 332 1.90 60.53 14.03
C LEU A 332 1.19 61.88 13.99
N ALA A 333 0.35 62.12 15.00
CA ALA A 333 -0.39 63.39 15.06
C ALA A 333 0.55 64.59 15.18
N ALA A 334 1.74 64.36 15.74
CA ALA A 334 2.75 65.40 15.89
C ALA A 334 3.38 65.61 14.52
N ARG A 335 4.04 64.59 14.01
CA ARG A 335 4.68 64.67 12.70
C ARG A 335 3.74 65.19 11.63
N LYS A 336 2.46 65.35 11.96
CA LYS A 336 1.48 65.83 10.99
C LYS A 336 0.71 67.09 11.41
N SER A 337 1.08 67.72 12.53
CA SER A 337 0.37 68.92 12.98
C SER A 337 0.45 69.96 11.86
N GLY A 338 -0.69 70.57 11.55
CA GLY A 338 -0.71 71.58 10.49
C GLY A 338 -0.79 72.97 11.09
N MET B 1 -31.58 -7.52 33.86
CA MET B 1 -31.14 -7.82 35.26
C MET B 1 -30.40 -6.62 35.84
N THR B 2 -30.28 -6.60 37.17
CA THR B 2 -29.58 -5.51 37.85
C THR B 2 -28.12 -5.91 37.89
N ILE B 3 -27.34 -5.34 36.98
CA ILE B 3 -25.92 -5.64 36.87
C ILE B 3 -25.06 -5.15 38.03
N ARG B 4 -23.97 -5.87 38.24
CA ARG B 4 -23.01 -5.57 39.30
C ARG B 4 -21.90 -4.68 38.78
N VAL B 5 -21.75 -3.50 39.36
CA VAL B 5 -20.73 -2.56 38.94
C VAL B 5 -19.58 -2.38 39.95
N ALA B 6 -18.38 -2.16 39.43
CA ALA B 6 -17.20 -1.91 40.25
C ALA B 6 -16.60 -0.67 39.64
N ILE B 7 -16.28 0.30 40.49
CA ILE B 7 -15.69 1.56 40.07
C ILE B 7 -14.18 1.49 40.24
N ASN B 8 -13.45 1.65 39.15
CA ASN B 8 -12.01 1.60 39.23
C ASN B 8 -11.53 3.07 39.24
N GLY B 9 -10.92 3.45 40.35
CA GLY B 9 -10.46 4.82 40.48
C GLY B 9 -11.52 5.64 41.20
N PHE B 10 -11.15 6.32 42.28
CA PHE B 10 -12.11 7.09 43.05
C PHE B 10 -11.73 8.58 43.13
N GLY B 11 -11.53 9.19 41.98
CA GLY B 11 -11.18 10.59 41.95
C GLY B 11 -12.39 11.45 41.69
N ARG B 12 -12.21 12.54 40.97
CA ARG B 12 -13.32 13.41 40.65
C ARG B 12 -14.44 12.58 40.05
N ILE B 13 -14.16 11.93 38.92
CA ILE B 13 -15.16 11.13 38.21
C ILE B 13 -15.78 9.98 38.98
N GLY B 14 -14.94 9.13 39.57
CA GLY B 14 -15.47 8.03 40.35
C GLY B 14 -16.44 8.51 41.41
N ARG B 15 -16.01 9.47 42.21
CA ARG B 15 -16.84 10.04 43.27
C ARG B 15 -18.11 10.66 42.71
N ASN B 16 -17.98 11.45 41.65
CA ASN B 16 -19.13 12.10 41.02
C ASN B 16 -20.11 11.00 40.60
N PHE B 17 -19.57 9.94 40.00
CA PHE B 17 -20.40 8.82 39.55
C PHE B 17 -21.21 8.26 40.70
N LEU B 18 -20.57 8.04 41.84
CA LEU B 18 -21.26 7.54 43.03
C LEU B 18 -22.39 8.46 43.48
N ARG B 19 -22.11 9.76 43.63
CA ARG B 19 -23.14 10.70 44.03
C ARG B 19 -24.31 10.65 43.06
N CYS B 20 -24.02 10.85 41.77
CA CYS B 20 -25.08 10.85 40.76
C CYS B 20 -25.96 9.62 40.83
N TRP B 21 -25.34 8.46 41.00
CA TRP B 21 -26.08 7.20 41.07
C TRP B 21 -27.03 7.20 42.26
N PHE B 22 -26.52 7.41 43.47
CA PHE B 22 -27.43 7.51 44.62
C PHE B 22 -28.20 8.74 44.14
N GLY B 23 -29.39 8.97 44.63
CA GLY B 23 -30.08 10.14 44.12
C GLY B 23 -30.86 9.85 42.85
N ARG B 24 -30.50 8.80 42.13
CA ARG B 24 -31.24 8.44 40.91
C ARG B 24 -32.55 7.79 41.36
N GLN B 25 -33.67 8.24 40.78
CA GLN B 25 -34.99 7.70 41.12
C GLN B 25 -34.96 6.19 41.18
N ASN B 26 -34.44 5.58 40.12
CA ASN B 26 -34.35 4.13 39.98
C ASN B 26 -32.98 3.74 39.43
N THR B 27 -32.72 2.44 39.31
CA THR B 27 -31.45 1.96 38.79
C THR B 27 -31.39 0.47 38.54
N ASP B 28 -30.71 0.07 37.48
CA ASP B 28 -30.54 -1.34 37.18
C ASP B 28 -29.11 -1.65 37.54
N LEU B 29 -28.49 -0.73 38.27
CA LEU B 29 -27.11 -0.92 38.68
C LEU B 29 -27.05 -1.29 40.14
N GLU B 30 -25.95 -1.93 40.50
CA GLU B 30 -25.70 -2.36 41.86
C GLU B 30 -24.20 -2.26 42.06
N VAL B 31 -23.71 -1.10 42.52
CA VAL B 31 -22.27 -0.93 42.76
C VAL B 31 -21.88 -1.85 43.92
N VAL B 32 -20.83 -2.66 43.74
CA VAL B 32 -20.41 -3.57 44.81
C VAL B 32 -18.99 -3.35 45.32
N ALA B 33 -18.12 -2.77 44.50
CA ALA B 33 -16.75 -2.52 44.94
C ALA B 33 -16.12 -1.31 44.27
N ILE B 34 -15.12 -0.73 44.94
CA ILE B 34 -14.42 0.43 44.43
C ILE B 34 -12.94 0.19 44.58
N ASN B 35 -12.20 0.36 43.51
CA ASN B 35 -10.76 0.17 43.58
C ASN B 35 -10.14 1.54 43.71
N ASN B 36 -9.46 1.75 44.83
CA ASN B 36 -8.83 3.01 45.14
C ASN B 36 -7.30 2.95 45.11
N THR B 37 -6.67 4.01 45.58
CA THR B 37 -5.21 4.07 45.68
C THR B 37 -4.92 4.52 47.09
N SER B 38 -5.99 4.61 47.88
CA SER B 38 -5.92 5.00 49.28
C SER B 38 -6.80 4.07 50.08
N ASP B 39 -7.02 4.40 51.34
CA ASP B 39 -7.85 3.57 52.22
C ASP B 39 -9.34 3.87 52.16
N ALA B 40 -10.11 3.01 52.80
CA ALA B 40 -11.56 3.13 52.84
C ALA B 40 -11.99 4.38 53.61
N ARG B 41 -11.05 4.97 54.35
CA ARG B 41 -11.36 6.18 55.10
C ARG B 41 -11.29 7.36 54.16
N THR B 42 -10.13 7.56 53.56
CA THR B 42 -9.91 8.64 52.60
C THR B 42 -11.06 8.66 51.60
N ALA B 43 -11.57 7.49 51.24
CA ALA B 43 -12.66 7.39 50.28
C ALA B 43 -13.95 8.02 50.82
N ALA B 44 -14.31 7.63 52.03
CA ALA B 44 -15.52 8.13 52.68
C ALA B 44 -15.46 9.64 52.91
N HIS B 45 -14.26 10.13 53.21
CA HIS B 45 -14.02 11.55 53.45
C HIS B 45 -14.19 12.32 52.15
N LEU B 46 -13.50 11.87 51.11
CA LEU B 46 -13.58 12.52 49.83
C LEU B 46 -15.00 12.42 49.27
N LEU B 47 -15.69 11.32 49.56
CA LEU B 47 -17.03 11.16 49.06
C LEU B 47 -18.02 12.09 49.76
N GLU B 48 -17.72 12.49 51.00
CA GLU B 48 -18.60 13.37 51.75
C GLU B 48 -18.35 14.87 51.52
N TYR B 49 -17.08 15.27 51.55
CA TYR B 49 -16.70 16.67 51.37
C TYR B 49 -16.18 17.04 49.99
N ASP B 50 -16.95 17.84 49.27
CA ASP B 50 -16.54 18.26 47.95
C ASP B 50 -16.30 19.76 47.86
N SER B 51 -15.06 20.13 47.55
CA SER B 51 -14.70 21.54 47.44
C SER B 51 -15.44 22.21 46.29
N VAL B 52 -16.19 21.41 45.54
CA VAL B 52 -16.97 21.89 44.40
C VAL B 52 -18.47 21.67 44.60
N LEU B 53 -18.88 20.40 44.62
CA LEU B 53 -20.28 20.04 44.80
C LEU B 53 -20.81 20.32 46.21
N GLY B 54 -19.89 20.53 47.16
CA GLY B 54 -20.30 20.78 48.53
C GLY B 54 -20.43 19.46 49.26
N ARG B 55 -20.77 19.52 50.54
CA ARG B 55 -20.92 18.30 51.34
C ARG B 55 -22.03 17.41 50.80
N PHE B 56 -21.72 16.13 50.65
CA PHE B 56 -22.68 15.13 50.17
C PHE B 56 -23.53 14.65 51.34
N ASN B 57 -24.80 15.05 51.34
CA ASN B 57 -25.69 14.68 52.42
C ASN B 57 -26.31 13.32 52.22
N ALA B 58 -25.75 12.34 52.93
CA ALA B 58 -26.20 10.96 52.88
C ALA B 58 -25.41 10.26 53.97
N ASP B 59 -26.00 9.22 54.55
CA ASP B 59 -25.31 8.49 55.60
C ASP B 59 -24.06 7.78 55.09
N ILE B 60 -22.91 8.31 55.46
CA ILE B 60 -21.64 7.74 55.04
C ILE B 60 -20.91 7.19 56.24
N SER B 61 -20.52 5.92 56.14
CA SER B 61 -19.79 5.25 57.19
C SER B 61 -18.70 4.43 56.54
N TYR B 62 -17.48 4.57 57.04
CA TYR B 62 -16.39 3.83 56.46
C TYR B 62 -16.16 2.58 57.27
N ASP B 63 -15.02 1.95 57.02
CA ASP B 63 -14.62 0.72 57.69
C ASP B 63 -13.24 0.40 57.16
N GLU B 64 -12.60 -0.63 57.68
CA GLU B 64 -11.28 -0.97 57.22
C GLU B 64 -11.25 -1.36 55.73
N ASN B 65 -12.23 -2.15 55.30
CA ASN B 65 -12.29 -2.62 53.92
C ASN B 65 -13.53 -2.23 53.13
N SER B 66 -14.46 -1.52 53.75
CA SER B 66 -15.67 -1.12 53.05
C SER B 66 -16.12 0.30 53.30
N ILE B 67 -17.25 0.64 52.69
CA ILE B 67 -17.85 1.96 52.81
C ILE B 67 -19.34 1.81 52.65
N THR B 68 -20.08 2.29 53.63
CA THR B 68 -21.52 2.19 53.53
C THR B 68 -22.08 3.56 53.31
N VAL B 69 -23.05 3.65 52.42
CA VAL B 69 -23.68 4.90 52.09
C VAL B 69 -25.17 4.67 51.97
N ASN B 70 -25.92 5.05 53.00
CA ASN B 70 -27.35 4.86 53.00
C ASN B 70 -27.62 3.38 52.81
N GLY B 71 -27.26 2.59 53.81
CA GLY B 71 -27.49 1.16 53.73
C GLY B 71 -26.55 0.36 52.85
N LYS B 72 -26.59 0.61 51.54
CA LYS B 72 -25.75 -0.10 50.58
C LYS B 72 -24.28 0.07 50.90
N THR B 73 -23.59 -1.06 51.08
CA THR B 73 -22.18 -1.00 51.41
C THR B 73 -21.41 -1.55 50.21
N MET B 74 -20.13 -1.24 50.15
CA MET B 74 -19.31 -1.71 49.05
C MET B 74 -17.86 -1.91 49.37
N LYS B 75 -17.36 -3.08 48.95
CA LYS B 75 -16.00 -3.49 49.16
C LYS B 75 -14.98 -2.50 48.61
N ILE B 76 -13.93 -2.23 49.39
CA ILE B 76 -12.86 -1.32 48.96
C ILE B 76 -11.57 -2.12 48.80
N VAL B 77 -10.94 -1.98 47.63
CA VAL B 77 -9.70 -2.70 47.34
C VAL B 77 -8.69 -1.73 46.72
N CYS B 78 -7.41 -2.05 46.81
CA CYS B 78 -6.37 -1.18 46.26
C CYS B 78 -5.35 -1.96 45.42
N ASP B 79 -5.54 -1.96 44.10
CA ASP B 79 -4.66 -2.67 43.17
C ASP B 79 -4.34 -1.76 41.98
N ARG B 80 -3.08 -1.41 41.78
CA ARG B 80 -2.71 -0.56 40.64
C ARG B 80 -2.69 -1.36 39.35
N ASN B 81 -2.96 -2.66 39.44
CA ASN B 81 -2.93 -3.51 38.25
C ASN B 81 -4.26 -4.21 38.05
N PRO B 82 -5.07 -3.75 37.08
CA PRO B 82 -6.37 -4.38 36.83
C PRO B 82 -6.30 -5.90 36.68
N LEU B 83 -5.17 -6.38 36.20
CA LEU B 83 -4.99 -7.80 36.02
C LEU B 83 -5.14 -8.54 37.33
N ASN B 84 -4.78 -7.87 38.43
CA ASN B 84 -4.86 -8.47 39.76
C ASN B 84 -6.24 -8.49 40.38
N LEU B 85 -7.13 -7.64 39.89
CA LEU B 85 -8.45 -7.54 40.48
C LEU B 85 -9.34 -8.79 40.56
N PRO B 86 -10.08 -8.96 41.67
CA PRO B 86 -11.01 -10.08 41.95
C PRO B 86 -12.35 -9.85 41.26
N TRP B 87 -12.32 -9.40 40.00
CA TRP B 87 -13.54 -9.10 39.26
C TRP B 87 -14.39 -10.33 38.99
N LYS B 88 -13.73 -11.46 38.81
CA LYS B 88 -14.42 -12.71 38.57
C LYS B 88 -15.02 -13.22 39.88
N GLU B 89 -14.23 -13.19 40.93
CA GLU B 89 -14.68 -13.64 42.26
C GLU B 89 -15.89 -12.87 42.73
N TRP B 90 -15.94 -11.59 42.39
CA TRP B 90 -17.01 -10.72 42.83
C TRP B 90 -18.15 -10.57 41.86
N ASP B 91 -18.13 -11.39 40.81
CA ASP B 91 -19.17 -11.37 39.78
C ASP B 91 -19.41 -9.94 39.30
N ILE B 92 -18.35 -9.30 38.82
CA ILE B 92 -18.45 -7.93 38.34
C ILE B 92 -18.85 -7.95 36.89
N ASP B 93 -20.00 -7.36 36.60
CA ASP B 93 -20.46 -7.30 35.23
C ASP B 93 -19.82 -6.12 34.49
N LEU B 94 -20.08 -4.91 34.99
CA LEU B 94 -19.58 -3.69 34.40
C LEU B 94 -18.56 -3.03 35.30
N VAL B 95 -17.50 -2.49 34.70
CA VAL B 95 -16.48 -1.79 35.46
C VAL B 95 -16.40 -0.36 34.96
N ILE B 96 -16.59 0.61 35.86
CA ILE B 96 -16.49 2.01 35.47
C ILE B 96 -15.00 2.35 35.61
N GLU B 97 -14.34 2.54 34.47
CA GLU B 97 -12.92 2.86 34.44
C GLU B 97 -12.66 4.36 34.38
N SER B 98 -12.29 4.92 35.53
CA SER B 98 -12.05 6.34 35.64
C SER B 98 -10.71 6.66 36.29
N THR B 99 -9.63 6.13 35.74
CA THR B 99 -8.30 6.40 36.27
C THR B 99 -7.54 7.18 35.19
N GLY B 100 -8.13 7.17 33.99
CA GLY B 100 -7.52 7.87 32.87
C GLY B 100 -6.28 7.18 32.34
N VAL B 101 -5.89 6.06 32.95
CA VAL B 101 -4.69 5.38 32.50
C VAL B 101 -4.94 4.22 31.56
N PHE B 102 -6.17 3.73 31.52
CA PHE B 102 -6.50 2.63 30.62
C PHE B 102 -7.58 3.11 29.66
N VAL B 103 -7.15 3.67 28.54
CA VAL B 103 -8.10 4.20 27.58
C VAL B 103 -8.03 3.54 26.21
N THR B 104 -7.07 2.65 26.03
CA THR B 104 -6.95 1.91 24.78
C THR B 104 -7.78 0.66 25.03
N ALA B 105 -8.35 0.08 23.98
CA ALA B 105 -9.17 -1.11 24.19
C ALA B 105 -8.41 -2.21 24.93
N GLU B 106 -7.16 -2.45 24.54
CA GLU B 106 -6.36 -3.47 25.19
C GLU B 106 -6.04 -3.17 26.66
N GLY B 107 -5.81 -1.90 26.98
CA GLY B 107 -5.48 -1.56 28.36
C GLY B 107 -6.68 -1.74 29.25
N ALA B 108 -7.80 -1.18 28.82
CA ALA B 108 -9.06 -1.26 29.55
C ALA B 108 -9.55 -2.69 29.71
N SER B 109 -9.29 -3.49 28.69
CA SER B 109 -9.75 -4.87 28.72
C SER B 109 -9.00 -5.69 29.76
N LYS B 110 -8.11 -5.05 30.50
CA LYS B 110 -7.40 -5.79 31.53
C LYS B 110 -8.46 -6.16 32.54
N HIS B 111 -9.49 -5.34 32.63
CA HIS B 111 -10.59 -5.59 33.55
C HIS B 111 -11.38 -6.82 33.07
N ILE B 112 -11.44 -6.99 31.75
CA ILE B 112 -12.14 -8.13 31.16
C ILE B 112 -11.45 -9.43 31.56
N GLN B 113 -10.13 -9.46 31.44
CA GLN B 113 -9.35 -10.63 31.83
C GLN B 113 -9.54 -10.91 33.30
N ALA B 114 -9.54 -9.86 34.11
CA ALA B 114 -9.73 -10.00 35.55
C ALA B 114 -11.11 -10.59 35.86
N GLY B 115 -11.89 -10.84 34.81
CA GLY B 115 -13.20 -11.44 34.98
C GLY B 115 -14.43 -10.59 34.70
N ALA B 116 -14.23 -9.32 34.42
CA ALA B 116 -15.39 -8.46 34.17
C ALA B 116 -15.86 -8.69 32.74
N LYS B 117 -17.17 -8.59 32.52
CA LYS B 117 -17.72 -8.81 31.21
C LYS B 117 -17.71 -7.57 30.30
N LYS B 118 -17.84 -6.39 30.90
CA LYS B 118 -17.85 -5.14 30.14
C LYS B 118 -17.23 -3.95 30.90
N VAL B 119 -16.45 -3.14 30.20
CA VAL B 119 -15.83 -2.01 30.85
C VAL B 119 -16.10 -0.71 30.12
N LEU B 120 -16.51 0.31 30.87
CA LEU B 120 -16.81 1.64 30.32
C LEU B 120 -15.79 2.70 30.79
N ILE B 121 -15.14 3.34 29.81
CA ILE B 121 -14.13 4.37 30.04
C ILE B 121 -14.75 5.77 30.20
N THR B 122 -14.43 6.44 31.30
CA THR B 122 -14.94 7.79 31.55
C THR B 122 -13.98 8.78 30.94
N ALA B 123 -13.61 8.51 29.69
CA ALA B 123 -12.67 9.34 28.95
C ALA B 123 -12.69 8.90 27.52
N PRO B 124 -12.03 9.65 26.65
CA PRO B 124 -12.00 9.26 25.24
C PRO B 124 -11.18 8.00 25.04
N GLY B 125 -11.61 7.17 24.10
CA GLY B 125 -10.85 5.96 23.82
C GLY B 125 -9.66 6.32 22.95
N LYS B 126 -8.51 5.73 23.24
CA LYS B 126 -7.33 5.96 22.44
C LYS B 126 -7.20 4.78 21.50
N ALA B 127 -7.02 5.06 20.21
CA ALA B 127 -6.88 4.00 19.22
C ALA B 127 -8.28 3.49 18.85
N GLU B 128 -8.34 2.34 18.19
CA GLU B 128 -9.61 1.78 17.79
C GLU B 128 -9.99 0.60 18.68
N GLY B 129 -11.19 0.08 18.48
CA GLY B 129 -11.63 -1.04 19.28
C GLY B 129 -12.63 -0.74 20.37
N VAL B 130 -12.84 0.54 20.67
CA VAL B 130 -13.79 0.91 21.70
C VAL B 130 -15.05 1.50 21.08
N GLY B 131 -16.14 1.45 21.82
CA GLY B 131 -17.38 1.99 21.29
C GLY B 131 -17.71 3.28 21.97
N THR B 132 -17.73 4.37 21.23
CA THR B 132 -18.03 5.64 21.86
C THR B 132 -19.51 5.99 21.71
N TYR B 133 -20.11 6.42 22.81
CA TYR B 133 -21.52 6.77 22.81
C TYR B 133 -21.71 8.05 23.58
N VAL B 134 -22.54 8.93 23.04
CA VAL B 134 -22.84 10.21 23.66
C VAL B 134 -24.35 10.23 23.83
N ILE B 135 -24.77 10.14 25.08
CA ILE B 135 -26.19 10.11 25.39
C ILE B 135 -26.99 11.24 24.77
N GLY B 136 -28.03 10.89 24.02
CA GLY B 136 -28.85 11.88 23.37
C GLY B 136 -28.45 12.12 21.93
N VAL B 137 -27.30 11.54 21.54
CA VAL B 137 -26.78 11.70 20.19
C VAL B 137 -26.76 10.36 19.42
N ASN B 138 -26.21 9.31 20.01
CA ASN B 138 -26.13 8.02 19.32
C ASN B 138 -26.40 6.80 20.20
N ASP B 139 -27.14 7.00 21.29
CA ASP B 139 -27.44 5.89 22.20
C ASP B 139 -28.44 4.88 21.65
N SER B 140 -29.10 5.25 20.57
CA SER B 140 -30.07 4.36 19.91
C SER B 140 -29.28 3.31 19.10
N GLU B 141 -28.00 3.58 18.94
CA GLU B 141 -27.12 2.69 18.20
C GLU B 141 -26.49 1.70 19.16
N TYR B 142 -26.78 1.83 20.45
CA TYR B 142 -26.18 0.92 21.40
C TYR B 142 -26.73 -0.48 21.32
N ARG B 143 -25.82 -1.44 21.18
CA ARG B 143 -26.10 -2.87 21.11
C ARG B 143 -25.05 -3.53 22.01
N HIS B 144 -25.51 -4.31 22.98
CA HIS B 144 -24.65 -4.97 23.94
C HIS B 144 -23.45 -5.75 23.45
N GLU B 145 -23.55 -6.34 22.26
CA GLU B 145 -22.45 -7.13 21.74
C GLU B 145 -21.39 -6.40 20.92
N ASP B 146 -21.66 -5.17 20.50
CA ASP B 146 -20.71 -4.41 19.70
C ASP B 146 -19.32 -4.24 20.32
N PHE B 147 -19.26 -3.88 21.59
CA PHE B 147 -17.95 -3.69 22.22
C PHE B 147 -17.93 -4.08 23.66
N ALA B 148 -16.79 -4.64 24.06
CA ALA B 148 -16.55 -5.05 25.44
C ALA B 148 -16.16 -3.80 26.21
N VAL B 149 -15.42 -2.94 25.53
CA VAL B 149 -14.92 -1.68 26.08
C VAL B 149 -15.62 -0.51 25.42
N ILE B 150 -16.45 0.19 26.17
CA ILE B 150 -17.15 1.34 25.62
C ILE B 150 -16.69 2.62 26.29
N SER B 151 -16.88 3.74 25.59
CA SER B 151 -16.47 5.04 26.09
C SER B 151 -17.61 6.02 26.05
N ASN B 152 -17.54 7.01 26.93
CA ASN B 152 -18.55 8.05 27.01
C ASN B 152 -18.01 9.34 26.42
N ALA B 153 -16.87 9.24 25.75
CA ALA B 153 -16.18 10.38 25.14
C ALA B 153 -15.72 11.28 26.28
N SER B 154 -15.80 12.60 26.07
CA SER B 154 -15.36 13.54 27.09
C SER B 154 -16.44 14.56 27.45
N CYS B 155 -16.14 15.41 28.42
CA CYS B 155 -17.08 16.44 28.88
C CYS B 155 -17.34 17.41 27.75
N THR B 156 -16.26 17.86 27.12
CA THR B 156 -16.35 18.79 25.99
C THR B 156 -17.18 18.16 24.86
N THR B 157 -16.84 16.93 24.48
CA THR B 157 -17.56 16.24 23.41
C THR B 157 -19.03 16.12 23.75
N ASN B 158 -19.32 15.89 25.03
CA ASN B 158 -20.69 15.74 25.49
C ASN B 158 -21.50 17.04 25.48
N CYS B 159 -20.80 18.16 25.45
CA CYS B 159 -21.45 19.46 25.43
C CYS B 159 -21.65 19.85 23.98
N LEU B 160 -20.67 19.46 23.16
CA LEU B 160 -20.66 19.75 21.75
C LEU B 160 -21.59 18.89 20.90
N ALA B 161 -21.41 17.56 20.96
CA ALA B 161 -22.21 16.62 20.16
C ALA B 161 -23.72 16.86 20.15
N PRO B 162 -24.31 17.18 21.31
CA PRO B 162 -25.74 17.42 21.33
C PRO B 162 -26.12 18.61 20.46
N VAL B 163 -25.37 19.71 20.60
CA VAL B 163 -25.61 20.93 19.83
C VAL B 163 -25.40 20.72 18.34
N ALA B 164 -24.27 20.14 17.97
CA ALA B 164 -23.96 19.86 16.58
C ALA B 164 -25.08 19.04 16.00
N LYS B 165 -25.54 18.06 16.77
CA LYS B 165 -26.63 17.18 16.38
C LYS B 165 -27.82 18.01 15.90
N VAL B 166 -28.37 18.82 16.81
CA VAL B 166 -29.52 19.66 16.50
C VAL B 166 -29.29 20.59 15.31
N LEU B 167 -28.26 21.42 15.42
CA LEU B 167 -27.91 22.34 14.34
C LEU B 167 -27.89 21.61 13.00
N HIS B 168 -27.23 20.44 12.98
CA HIS B 168 -27.12 19.65 11.77
C HIS B 168 -28.45 19.13 11.28
N ASP B 169 -29.25 18.57 12.18
CA ASP B 169 -30.55 18.02 11.78
C ASP B 169 -31.44 19.10 11.22
N ASN B 170 -31.33 20.31 11.74
CA ASN B 170 -32.18 21.41 11.30
C ASN B 170 -31.65 22.28 10.16
N PHE B 171 -30.34 22.50 10.10
CA PHE B 171 -29.79 23.37 9.06
C PHE B 171 -28.74 22.72 8.18
N GLY B 172 -28.14 21.65 8.70
CA GLY B 172 -27.12 20.94 7.95
C GLY B 172 -25.76 21.60 7.92
N ILE B 173 -24.87 21.10 8.75
CA ILE B 173 -23.51 21.62 8.81
C ILE B 173 -22.71 21.24 7.57
N ILE B 174 -21.95 22.18 7.04
CA ILE B 174 -21.12 21.95 5.88
C ILE B 174 -19.70 21.84 6.41
N LYS B 175 -19.33 22.79 7.24
CA LYS B 175 -18.01 22.78 7.87
C LYS B 175 -18.07 23.70 9.05
N GLY B 176 -17.22 23.44 10.03
CA GLY B 176 -17.24 24.28 11.20
C GLY B 176 -15.95 24.25 11.97
N THR B 177 -15.96 24.96 13.08
CA THR B 177 -14.79 25.03 13.94
C THR B 177 -15.27 25.33 15.35
N MET B 178 -14.47 24.96 16.33
CA MET B 178 -14.87 25.24 17.70
C MET B 178 -13.67 25.52 18.57
N THR B 179 -13.90 26.34 19.58
CA THR B 179 -12.87 26.66 20.57
C THR B 179 -13.51 26.40 21.92
N THR B 180 -12.89 25.51 22.68
CA THR B 180 -13.38 25.21 24.02
C THR B 180 -12.46 25.91 25.02
N THR B 181 -13.07 26.73 25.87
CA THR B 181 -12.35 27.45 26.90
C THR B 181 -12.81 26.68 28.13
N HIS B 182 -11.91 25.88 28.69
CA HIS B 182 -12.26 25.10 29.85
C HIS B 182 -11.28 25.21 31.00
N SER B 183 -11.79 24.92 32.19
CA SER B 183 -11.03 25.00 33.42
C SER B 183 -9.84 24.06 33.56
N TYR B 184 -9.45 23.82 34.81
CA TYR B 184 -8.32 22.96 35.16
C TYR B 184 -8.36 21.61 34.43
N ALA B 201 1.81 22.31 30.46
CA ALA B 201 3.18 22.09 30.93
C ALA B 201 3.73 23.32 31.67
N ARG B 202 2.89 24.34 31.85
CA ARG B 202 3.28 25.56 32.52
C ARG B 202 2.25 25.99 33.56
N ALA B 203 2.70 26.74 34.57
CA ALA B 203 1.83 27.21 35.64
C ALA B 203 0.48 27.64 35.10
N ALA B 204 -0.44 26.70 35.00
CA ALA B 204 -1.77 26.99 34.49
C ALA B 204 -2.58 27.88 35.42
N ALA B 205 -2.02 28.20 36.58
CA ALA B 205 -2.71 29.03 37.56
C ALA B 205 -2.63 30.51 37.22
N VAL B 206 -1.61 30.87 36.44
CA VAL B 206 -1.38 32.25 36.05
C VAL B 206 -1.50 32.50 34.55
N ASN B 207 -1.64 31.42 33.77
CA ASN B 207 -1.73 31.55 32.32
C ASN B 207 -3.09 31.14 31.75
N ILE B 208 -3.20 31.32 30.44
CA ILE B 208 -4.34 30.92 29.65
C ILE B 208 -3.56 29.97 28.76
N VAL B 209 -3.77 28.68 28.92
CA VAL B 209 -2.98 27.72 28.16
C VAL B 209 -3.65 27.04 26.97
N PRO B 210 -3.10 27.26 25.76
CA PRO B 210 -3.57 26.70 24.49
C PRO B 210 -3.22 25.24 24.53
N THR B 211 -4.14 24.39 24.12
CA THR B 211 -3.89 22.96 24.13
C THR B 211 -4.76 22.35 23.04
N THR B 212 -4.43 21.12 22.65
CA THR B 212 -5.19 20.41 21.63
C THR B 212 -6.48 19.84 22.22
N THR B 213 -7.39 19.45 21.35
CA THR B 213 -8.67 18.88 21.78
C THR B 213 -9.18 17.91 20.71
N GLY B 214 -9.62 16.74 21.14
CA GLY B 214 -10.11 15.76 20.20
C GLY B 214 -11.62 15.83 20.07
N ALA B 215 -12.25 16.57 20.98
CA ALA B 215 -13.67 16.72 20.94
C ALA B 215 -14.22 16.99 19.54
N ALA B 216 -13.47 17.72 18.71
CA ALA B 216 -13.91 18.07 17.36
C ALA B 216 -14.11 16.84 16.48
N LYS B 217 -13.09 16.00 16.48
CA LYS B 217 -13.09 14.76 15.72
C LYS B 217 -13.99 13.76 16.42
N ALA B 218 -13.95 13.74 17.75
CA ALA B 218 -14.77 12.85 18.55
C ALA B 218 -16.25 12.93 18.14
N VAL B 219 -16.70 14.11 17.74
CA VAL B 219 -18.10 14.25 17.36
C VAL B 219 -18.45 13.42 16.12
N ALA B 220 -17.44 13.19 15.27
CA ALA B 220 -17.65 12.40 14.06
C ALA B 220 -18.05 11.00 14.46
N LEU B 221 -17.49 10.53 15.57
CA LEU B 221 -17.77 9.22 16.08
C LEU B 221 -19.23 9.02 16.41
N VAL B 222 -19.88 10.06 16.91
CA VAL B 222 -21.28 9.92 17.29
C VAL B 222 -22.24 10.61 16.32
N ILE B 223 -21.66 11.19 15.27
CA ILE B 223 -22.39 11.86 14.17
C ILE B 223 -21.48 11.75 12.94
N PRO B 224 -21.37 10.54 12.37
CA PRO B 224 -20.55 10.20 11.21
C PRO B 224 -20.67 11.16 10.04
N GLU B 225 -21.85 11.75 9.87
CA GLU B 225 -22.05 12.67 8.78
C GLU B 225 -21.17 13.89 8.90
N LEU B 226 -20.70 14.15 10.11
CA LEU B 226 -19.86 15.30 10.35
C LEU B 226 -18.38 14.98 10.26
N LYS B 227 -18.07 13.76 9.84
CA LYS B 227 -16.68 13.34 9.69
C LYS B 227 -15.94 14.34 8.79
N GLY B 228 -14.79 14.81 9.26
CA GLY B 228 -13.99 15.75 8.49
C GLY B 228 -14.59 17.14 8.32
N LYS B 229 -15.69 17.40 9.02
CA LYS B 229 -16.33 18.69 8.90
C LYS B 229 -16.12 19.64 10.10
N LEU B 230 -15.50 19.14 11.16
CA LEU B 230 -15.27 19.97 12.33
C LEU B 230 -13.82 19.94 12.82
N ASN B 231 -13.42 21.01 13.46
CA ASN B 231 -12.07 21.10 14.00
C ASN B 231 -12.08 22.08 15.15
N GLY B 232 -11.24 21.80 16.14
CA GLY B 232 -11.23 22.65 17.29
C GLY B 232 -9.91 22.89 17.96
N ILE B 233 -9.94 23.83 18.89
CA ILE B 233 -8.78 24.25 19.64
C ILE B 233 -9.24 24.44 21.08
N ALA B 234 -8.34 24.22 22.03
CA ALA B 234 -8.68 24.41 23.44
C ALA B 234 -7.82 25.46 24.09
N LEU B 235 -8.43 26.20 25.01
CA LEU B 235 -7.75 27.25 25.77
C LEU B 235 -8.07 26.96 27.23
N ARG B 236 -7.04 26.67 28.01
CA ARG B 236 -7.26 26.39 29.43
C ARG B 236 -7.22 27.65 30.30
N VAL B 237 -8.23 27.82 31.16
CA VAL B 237 -8.28 28.99 32.04
C VAL B 237 -8.32 28.62 33.53
N PRO B 238 -7.78 29.48 34.40
CA PRO B 238 -7.76 29.23 35.84
C PRO B 238 -9.15 29.40 36.46
N THR B 239 -10.17 28.87 35.79
CA THR B 239 -11.52 28.97 36.30
C THR B 239 -11.83 27.76 37.16
N PRO B 240 -12.71 27.92 38.15
CA PRO B 240 -13.12 26.85 39.06
C PRO B 240 -13.77 25.63 38.42
N ASN B 241 -15.04 25.78 38.05
CA ASN B 241 -15.81 24.71 37.45
C ASN B 241 -16.21 25.05 36.02
N VAL B 242 -17.51 25.12 35.79
CA VAL B 242 -18.10 25.45 34.48
C VAL B 242 -17.15 25.89 33.35
N SER B 243 -17.35 25.27 32.18
CA SER B 243 -16.58 25.59 30.99
C SER B 243 -17.52 25.99 29.86
N VAL B 244 -16.98 26.26 28.68
CA VAL B 244 -17.83 26.68 27.58
C VAL B 244 -17.28 26.27 26.22
N VAL B 245 -18.16 26.07 25.24
CA VAL B 245 -17.70 25.75 23.90
C VAL B 245 -18.20 26.86 23.00
N ASP B 246 -17.38 27.20 22.01
CA ASP B 246 -17.67 28.26 21.07
C ASP B 246 -17.79 27.57 19.72
N LEU B 247 -19.02 27.39 19.27
CA LEU B 247 -19.24 26.70 17.99
C LEU B 247 -19.63 27.59 16.81
N VAL B 248 -18.77 27.62 15.80
CA VAL B 248 -19.05 28.39 14.60
C VAL B 248 -19.21 27.41 13.44
N VAL B 249 -20.40 27.35 12.88
CA VAL B 249 -20.64 26.44 11.76
C VAL B 249 -21.29 27.16 10.60
N GLN B 250 -21.00 26.67 9.40
CA GLN B 250 -21.57 27.22 8.18
C GLN B 250 -22.63 26.24 7.77
N VAL B 251 -23.89 26.64 7.81
CA VAL B 251 -24.99 25.75 7.46
C VAL B 251 -25.48 25.79 6.02
N GLU B 252 -26.43 24.91 5.70
CA GLU B 252 -27.02 24.82 4.37
C GLU B 252 -28.28 25.68 4.29
N LYS B 253 -29.22 25.45 5.20
CA LYS B 253 -30.46 26.24 5.23
C LYS B 253 -30.19 27.60 5.89
N PRO B 254 -30.23 28.69 5.12
CA PRO B 254 -29.97 29.98 5.77
C PRO B 254 -31.04 30.22 6.84
N THR B 255 -30.67 30.85 7.94
CA THR B 255 -31.60 31.14 9.03
C THR B 255 -31.30 32.43 9.76
N ILE B 256 -32.04 32.69 10.84
CA ILE B 256 -31.84 33.90 11.62
C ILE B 256 -31.69 33.53 13.10
N THR B 257 -31.01 34.38 13.85
CA THR B 257 -30.79 34.13 15.26
C THR B 257 -32.02 33.61 15.98
N GLU B 258 -33.14 34.32 15.85
CA GLU B 258 -34.38 33.91 16.50
C GLU B 258 -34.72 32.45 16.27
N GLN B 259 -34.57 32.01 15.03
CA GLN B 259 -34.89 30.63 14.64
C GLN B 259 -33.89 29.56 15.08
N VAL B 260 -32.62 29.94 15.21
CA VAL B 260 -31.60 29.00 15.64
C VAL B 260 -31.87 28.71 17.10
N ASN B 261 -32.16 29.76 17.86
CA ASN B 261 -32.47 29.60 19.27
C ASN B 261 -33.78 28.83 19.45
N GLU B 262 -34.68 29.01 18.50
CA GLU B 262 -35.98 28.34 18.52
C GLU B 262 -35.83 26.82 18.47
N VAL B 263 -35.05 26.31 17.53
CA VAL B 263 -34.85 24.86 17.42
C VAL B 263 -34.15 24.30 18.65
N LEU B 264 -33.15 25.02 19.16
CA LEU B 264 -32.39 24.59 20.33
C LEU B 264 -33.30 24.49 21.54
N GLN B 265 -34.30 25.37 21.61
CA GLN B 265 -35.23 25.35 22.72
C GLN B 265 -36.16 24.14 22.59
N LYS B 266 -36.70 23.94 21.40
CA LYS B 266 -37.58 22.81 21.15
C LYS B 266 -36.88 21.53 21.58
N ALA B 267 -35.64 21.37 21.11
CA ALA B 267 -34.86 20.19 21.42
C ALA B 267 -34.73 20.02 22.94
N SER B 268 -34.51 21.13 23.64
CA SER B 268 -34.34 21.12 25.10
C SER B 268 -35.63 20.76 25.83
N GLN B 269 -36.73 20.68 25.09
CA GLN B 269 -38.02 20.33 25.68
C GLN B 269 -38.48 19.01 25.11
N THR B 270 -37.70 18.44 24.19
CA THR B 270 -38.09 17.20 23.56
C THR B 270 -36.90 16.27 23.31
N THR B 271 -36.63 16.00 22.04
CA THR B 271 -35.56 15.12 21.62
C THR B 271 -34.28 15.16 22.44
N MET B 272 -33.92 16.33 22.95
CA MET B 272 -32.70 16.49 23.74
C MET B 272 -33.01 16.88 25.18
N LYS B 273 -34.26 16.65 25.56
CA LYS B 273 -34.76 16.94 26.89
C LYS B 273 -33.85 16.30 27.94
N GLY B 274 -33.42 17.10 28.91
CA GLY B 274 -32.56 16.56 29.95
C GLY B 274 -31.10 16.51 29.54
N ILE B 275 -30.83 16.68 28.25
CA ILE B 275 -29.47 16.67 27.75
C ILE B 275 -29.02 18.09 27.56
N ILE B 276 -29.79 18.81 26.77
CA ILE B 276 -29.49 20.22 26.48
C ILE B 276 -30.36 21.16 27.30
N LYS B 277 -29.72 22.10 27.99
CA LYS B 277 -30.44 23.08 28.77
C LYS B 277 -30.46 24.41 28.00
N TYR B 278 -31.65 24.94 27.77
CA TYR B 278 -31.82 26.21 27.05
C TYR B 278 -32.02 27.36 28.03
N SER B 279 -30.98 28.13 28.25
CA SER B 279 -31.03 29.27 29.16
C SER B 279 -31.07 30.56 28.39
N ASP B 280 -32.05 31.41 28.69
CA ASP B 280 -32.18 32.70 28.01
C ASP B 280 -31.86 33.80 29.02
N LEU B 281 -31.98 33.46 30.29
CA LEU B 281 -31.71 34.40 31.36
C LEU B 281 -30.25 34.80 31.36
N PRO B 282 -29.99 36.09 31.58
CA PRO B 282 -28.61 36.61 31.62
C PRO B 282 -27.87 36.06 32.83
N LEU B 283 -27.04 35.06 32.63
CA LEU B 283 -26.31 34.45 33.74
C LEU B 283 -24.81 34.30 33.49
N VAL B 284 -24.11 33.72 34.47
CA VAL B 284 -22.67 33.50 34.37
C VAL B 284 -22.24 32.08 34.82
N SER B 285 -20.94 31.81 34.74
CA SER B 285 -20.38 30.51 35.11
C SER B 285 -21.11 29.84 36.28
N SER B 286 -20.76 30.27 37.48
CA SER B 286 -21.31 29.75 38.72
C SER B 286 -22.74 29.30 38.62
N ASP B 287 -23.58 30.11 37.99
CA ASP B 287 -24.99 29.81 37.87
C ASP B 287 -25.33 28.42 37.33
N PHE B 288 -24.39 27.80 36.62
CA PHE B 288 -24.66 26.49 36.04
C PHE B 288 -24.03 25.32 36.78
N ARG B 289 -23.53 25.58 37.98
CA ARG B 289 -22.93 24.53 38.80
C ARG B 289 -24.06 23.57 39.19
N GLY B 290 -23.74 22.29 39.30
CA GLY B 290 -24.75 21.32 39.67
C GLY B 290 -25.83 21.09 38.63
N THR B 291 -25.61 21.54 37.40
CA THR B 291 -26.61 21.34 36.36
C THR B 291 -26.52 19.92 35.82
N ASP B 292 -27.66 19.25 35.69
CA ASP B 292 -27.67 17.88 35.19
C ASP B 292 -27.50 17.76 33.69
N GLU B 293 -27.80 18.83 32.97
CA GLU B 293 -27.62 18.79 31.54
C GLU B 293 -26.13 18.76 31.22
N SER B 294 -25.76 18.19 30.08
CA SER B 294 -24.36 18.11 29.72
C SER B 294 -24.05 19.23 28.74
N SER B 295 -25.05 20.05 28.45
CA SER B 295 -24.87 21.14 27.52
C SER B 295 -25.92 22.25 27.69
N ILE B 296 -25.51 23.40 28.20
CA ILE B 296 -26.42 24.53 28.40
C ILE B 296 -26.16 25.64 27.37
N VAL B 297 -27.14 25.87 26.51
CA VAL B 297 -27.05 26.89 25.49
C VAL B 297 -27.33 28.26 26.12
N ASP B 298 -26.60 29.29 25.71
CA ASP B 298 -26.82 30.64 26.21
C ASP B 298 -27.37 31.43 25.03
N SER B 299 -28.68 31.33 24.83
CA SER B 299 -29.37 31.98 23.72
C SER B 299 -28.99 33.43 23.48
N SER B 300 -28.82 34.20 24.53
CA SER B 300 -28.45 35.60 24.36
C SER B 300 -27.18 35.73 23.51
N LEU B 301 -26.29 34.74 23.55
CA LEU B 301 -25.04 34.78 22.79
C LEU B 301 -25.07 34.29 21.33
N THR B 302 -26.23 33.84 20.84
CA THR B 302 -26.34 33.32 19.48
C THR B 302 -26.27 34.40 18.40
N LEU B 303 -25.43 34.15 17.40
CA LEU B 303 -25.22 35.08 16.28
C LEU B 303 -25.34 34.34 14.95
N VAL B 304 -25.83 35.02 13.92
CA VAL B 304 -25.99 34.41 12.60
C VAL B 304 -25.59 35.46 11.58
N MET B 305 -24.48 35.23 10.89
CA MET B 305 -23.97 36.17 9.87
C MET B 305 -24.44 35.84 8.46
N ASP B 306 -25.09 36.78 7.81
CA ASP B 306 -25.53 36.58 6.45
C ASP B 306 -26.37 35.29 6.34
N GLY B 307 -27.19 35.06 7.36
CA GLY B 307 -28.08 33.91 7.38
C GLY B 307 -27.50 32.51 7.31
N ASP B 308 -26.20 32.35 7.16
CA ASP B 308 -25.66 30.98 7.10
C ASP B 308 -24.37 30.71 7.86
N LEU B 309 -23.92 31.66 8.68
CA LEU B 309 -22.71 31.44 9.46
C LEU B 309 -23.16 31.48 10.91
N VAL B 310 -23.49 30.31 11.47
CA VAL B 310 -23.98 30.26 12.83
C VAL B 310 -22.91 30.10 13.90
N LYS B 311 -23.15 30.74 15.03
CA LYS B 311 -22.24 30.67 16.17
C LYS B 311 -23.05 30.44 17.43
N VAL B 312 -22.73 29.35 18.13
CA VAL B 312 -23.42 29.03 19.36
C VAL B 312 -22.44 28.83 20.49
N ILE B 313 -22.74 29.47 21.61
CA ILE B 313 -21.92 29.35 22.81
C ILE B 313 -22.72 28.52 23.82
N ALA B 314 -22.11 27.47 24.36
CA ALA B 314 -22.76 26.59 25.32
C ALA B 314 -21.88 26.36 26.52
N TRP B 315 -22.51 26.35 27.68
CA TRP B 315 -21.82 26.14 28.94
C TRP B 315 -21.97 24.68 29.32
N TYR B 316 -20.96 24.14 29.98
CA TYR B 316 -21.04 22.78 30.47
C TYR B 316 -20.32 22.69 31.82
N ASP B 317 -20.97 22.03 32.77
CA ASP B 317 -20.40 21.84 34.10
C ASP B 317 -19.40 20.71 33.96
N ASN B 318 -18.12 21.06 33.98
CA ASN B 318 -17.05 20.09 33.81
C ASN B 318 -17.41 18.63 34.04
N GLU B 319 -17.14 18.12 35.23
CA GLU B 319 -17.41 16.70 35.49
C GLU B 319 -18.77 16.29 36.02
N TRP B 320 -19.60 17.22 36.44
CA TRP B 320 -20.92 16.83 36.98
C TRP B 320 -21.90 16.34 35.92
N GLY B 321 -22.24 17.19 34.97
CA GLY B 321 -23.15 16.77 33.92
C GLY B 321 -22.58 15.56 33.19
N TYR B 322 -21.25 15.50 33.09
CA TYR B 322 -20.58 14.40 32.41
C TYR B 322 -20.90 13.13 33.19
N SER B 323 -20.80 13.25 34.52
CA SER B 323 -21.10 12.13 35.40
C SER B 323 -22.54 11.67 35.29
N GLN B 324 -23.48 12.59 35.09
CA GLN B 324 -24.87 12.20 34.94
C GLN B 324 -24.98 11.36 33.67
N ARG B 325 -24.25 11.75 32.63
CA ARG B 325 -24.25 11.02 31.36
C ARG B 325 -23.59 9.64 31.53
N VAL B 326 -22.56 9.56 32.36
CA VAL B 326 -21.88 8.29 32.62
C VAL B 326 -22.83 7.29 33.30
N VAL B 327 -23.60 7.74 34.27
CA VAL B 327 -24.56 6.87 34.93
C VAL B 327 -25.62 6.48 33.89
N ASP B 328 -25.94 7.39 32.99
CA ASP B 328 -26.95 7.13 31.96
C ASP B 328 -26.51 6.01 31.02
N LEU B 329 -25.21 5.98 30.71
CA LEU B 329 -24.68 4.99 29.81
C LEU B 329 -24.53 3.64 30.51
N ALA B 330 -24.18 3.67 31.79
CA ALA B 330 -24.04 2.42 32.53
C ALA B 330 -25.43 1.80 32.60
N GLU B 331 -26.42 2.65 32.82
CA GLU B 331 -27.80 2.23 32.91
C GLU B 331 -28.28 1.65 31.59
N LEU B 332 -27.99 2.36 30.49
CA LEU B 332 -28.40 1.92 29.18
C LEU B 332 -27.80 0.55 28.95
N ALA B 333 -26.52 0.43 29.25
CA ALA B 333 -25.80 -0.83 29.08
C ALA B 333 -26.39 -1.97 29.92
N ALA B 334 -27.08 -1.61 31.00
CA ALA B 334 -27.71 -2.59 31.87
C ALA B 334 -29.02 -3.01 31.21
N ARG B 335 -29.92 -2.05 31.02
CA ARG B 335 -31.20 -2.32 30.37
C ARG B 335 -31.02 -3.08 29.05
N LYS B 336 -29.78 -3.22 28.60
CA LYS B 336 -29.56 -3.89 27.34
C LYS B 336 -28.61 -5.09 27.41
N SER B 337 -28.16 -5.47 28.62
CA SER B 337 -27.25 -6.60 28.78
C SER B 337 -27.89 -7.80 28.10
N GLY B 338 -27.09 -8.52 27.33
CA GLY B 338 -27.59 -9.69 26.62
C GLY B 338 -27.02 -10.96 27.21
N MET C 1 -26.04 20.18 -17.39
CA MET C 1 -25.52 19.87 -18.76
C MET C 1 -24.30 18.96 -18.72
N THR C 2 -23.13 19.56 -18.49
CA THR C 2 -21.87 18.83 -18.44
C THR C 2 -20.80 19.67 -17.79
N ILE C 3 -19.81 19.02 -17.19
CA ILE C 3 -18.70 19.70 -16.53
C ILE C 3 -17.39 19.38 -17.28
N ARG C 4 -16.46 20.33 -17.31
CA ARG C 4 -15.20 20.13 -17.99
C ARG C 4 -14.26 19.37 -17.08
N VAL C 5 -13.68 18.29 -17.59
CA VAL C 5 -12.78 17.47 -16.80
C VAL C 5 -11.33 17.48 -17.28
N ALA C 6 -10.42 17.37 -16.34
CA ALA C 6 -8.99 17.33 -16.64
C ALA C 6 -8.37 16.17 -15.87
N ILE C 7 -7.64 15.31 -16.55
CA ILE C 7 -7.03 14.17 -15.90
C ILE C 7 -5.56 14.43 -15.56
N ASN C 8 -5.24 14.45 -14.26
CA ASN C 8 -3.87 14.68 -13.89
C ASN C 8 -3.21 13.34 -13.69
N GLY C 9 -2.28 13.01 -14.57
CA GLY C 9 -1.58 11.73 -14.48
C GLY C 9 -2.19 10.79 -15.51
N PHE C 10 -1.36 10.25 -16.40
CA PHE C 10 -1.87 9.35 -17.42
C PHE C 10 -1.28 7.96 -17.30
N GLY C 11 -1.22 7.44 -16.07
CA GLY C 11 -0.70 6.11 -15.85
C GLY C 11 -1.84 5.13 -16.08
N ARG C 12 -1.77 3.97 -15.45
CA ARG C 12 -2.80 2.96 -15.60
C ARG C 12 -4.19 3.55 -15.28
N ILE C 13 -4.38 4.03 -14.06
CA ILE C 13 -5.67 4.59 -13.65
C ILE C 13 -6.13 5.67 -14.60
N GLY C 14 -5.21 6.56 -14.96
CA GLY C 14 -5.50 7.65 -15.87
C GLY C 14 -6.01 7.12 -17.19
N ARG C 15 -5.28 6.16 -17.75
CA ARG C 15 -5.66 5.56 -19.01
C ARG C 15 -6.98 4.79 -18.93
N ASN C 16 -7.19 4.02 -17.86
CA ASN C 16 -8.45 3.27 -17.73
C ASN C 16 -9.63 4.22 -17.68
N PHE C 17 -9.46 5.34 -16.97
CA PHE C 17 -10.52 6.32 -16.87
C PHE C 17 -10.99 6.70 -18.26
N LEU C 18 -10.06 7.04 -19.14
CA LEU C 18 -10.42 7.39 -20.52
C LEU C 18 -11.20 6.26 -21.20
N ARG C 19 -10.60 5.07 -21.25
CA ARG C 19 -11.25 3.91 -21.87
C ARG C 19 -12.66 3.76 -21.33
N CYS C 20 -12.78 3.52 -20.03
CA CYS C 20 -14.08 3.36 -19.40
C CYS C 20 -15.03 4.46 -19.86
N TRP C 21 -14.58 5.72 -19.78
CA TRP C 21 -15.39 6.87 -20.13
C TRP C 21 -15.91 6.81 -21.57
N PHE C 22 -15.02 6.55 -22.52
CA PHE C 22 -15.45 6.47 -23.91
C PHE C 22 -16.40 5.29 -24.09
N GLY C 23 -16.16 4.24 -23.31
CA GLY C 23 -17.02 3.08 -23.39
C GLY C 23 -18.47 3.38 -23.04
N ARG C 24 -18.71 4.21 -22.03
CA ARG C 24 -20.08 4.54 -21.63
C ARG C 24 -20.86 5.22 -22.72
N GLN C 25 -22.18 5.01 -22.73
CA GLN C 25 -23.02 5.63 -23.74
C GLN C 25 -23.17 7.11 -23.47
N ASN C 26 -23.87 7.46 -22.39
CA ASN C 26 -24.05 8.87 -22.04
C ASN C 26 -23.06 9.27 -20.96
N THR C 27 -22.88 10.57 -20.80
CA THR C 27 -22.01 11.12 -19.77
C THR C 27 -22.23 12.61 -19.64
N ASP C 28 -22.06 13.12 -18.43
CA ASP C 28 -22.22 14.55 -18.15
C ASP C 28 -20.80 15.07 -17.98
N LEU C 29 -19.84 14.28 -18.43
CA LEU C 29 -18.44 14.67 -18.31
C LEU C 29 -17.87 15.03 -19.66
N GLU C 30 -16.81 15.82 -19.66
CA GLU C 30 -16.14 16.22 -20.88
C GLU C 30 -14.66 16.42 -20.62
N VAL C 31 -13.86 15.36 -20.81
CA VAL C 31 -12.43 15.45 -20.59
C VAL C 31 -11.85 16.36 -21.66
N VAL C 32 -11.29 17.49 -21.24
CA VAL C 32 -10.73 18.44 -22.18
C VAL C 32 -9.22 18.55 -22.13
N ALA C 33 -8.62 18.01 -21.08
CA ALA C 33 -7.16 18.05 -21.00
C ALA C 33 -6.63 16.94 -20.13
N ILE C 34 -5.37 16.61 -20.34
CA ILE C 34 -4.71 15.55 -19.59
C ILE C 34 -3.33 16.07 -19.24
N ASN C 35 -2.96 16.01 -17.96
CA ASN C 35 -1.62 16.46 -17.61
C ASN C 35 -0.75 15.22 -17.69
N ASN C 36 -0.23 14.93 -18.88
CA ASN C 36 0.61 13.77 -19.05
C ASN C 36 1.96 13.99 -18.38
N THR C 37 2.82 12.97 -18.38
CA THR C 37 4.13 13.08 -17.77
C THR C 37 5.18 12.89 -18.86
N SER C 38 4.72 12.96 -20.11
CA SER C 38 5.53 12.80 -21.32
C SER C 38 4.81 13.50 -22.47
N ASP C 39 5.25 13.24 -23.70
CA ASP C 39 4.64 13.87 -24.88
C ASP C 39 3.26 13.33 -25.23
N ALA C 40 2.66 13.91 -26.26
CA ALA C 40 1.33 13.52 -26.69
C ALA C 40 1.25 12.17 -27.41
N ARG C 41 2.36 11.71 -27.98
CA ARG C 41 2.32 10.43 -28.69
C ARG C 41 2.43 9.28 -27.72
N THR C 42 3.28 9.43 -26.71
CA THR C 42 3.44 8.38 -25.71
C THR C 42 2.08 8.17 -25.06
N ALA C 43 1.26 9.21 -25.08
CA ALA C 43 -0.07 9.14 -24.51
C ALA C 43 -0.92 8.27 -25.42
N ALA C 44 -1.03 8.68 -26.68
CA ALA C 44 -1.83 7.95 -27.65
C ALA C 44 -1.38 6.49 -27.73
N HIS C 45 -0.07 6.29 -27.65
CA HIS C 45 0.50 4.96 -27.69
C HIS C 45 -0.03 4.13 -26.51
N LEU C 46 0.38 4.51 -25.30
CA LEU C 46 -0.03 3.81 -24.08
C LEU C 46 -1.54 3.63 -23.98
N LEU C 47 -2.28 4.51 -24.63
CA LEU C 47 -3.73 4.47 -24.59
C LEU C 47 -4.28 3.38 -25.52
N GLU C 48 -3.52 3.06 -26.56
CA GLU C 48 -3.96 2.04 -27.52
C GLU C 48 -3.47 0.63 -27.22
N TYR C 49 -2.26 0.51 -26.70
CA TYR C 49 -1.69 -0.80 -26.41
C TYR C 49 -1.61 -1.07 -24.92
N ASP C 50 -2.42 -2.02 -24.45
CA ASP C 50 -2.45 -2.38 -23.04
C ASP C 50 -2.10 -3.85 -22.83
N SER C 51 -0.99 -4.08 -22.13
CA SER C 51 -0.51 -5.44 -21.84
C SER C 51 -1.54 -6.20 -21.01
N VAL C 52 -2.61 -5.50 -20.62
CA VAL C 52 -3.65 -6.11 -19.80
C VAL C 52 -5.00 -6.07 -20.50
N LEU C 53 -5.50 -4.86 -20.72
CA LEU C 53 -6.79 -4.67 -21.37
C LEU C 53 -6.75 -5.03 -22.86
N GLY C 54 -5.54 -5.14 -23.40
CA GLY C 54 -5.40 -5.45 -24.81
C GLY C 54 -5.62 -4.21 -25.65
N ARG C 55 -5.29 -4.27 -26.93
CA ARG C 55 -5.45 -3.12 -27.81
C ARG C 55 -6.80 -2.42 -27.66
N PHE C 56 -6.79 -1.09 -27.68
CA PHE C 56 -8.01 -0.28 -27.55
C PHE C 56 -8.49 0.13 -28.94
N ASN C 57 -9.74 -0.19 -29.25
CA ASN C 57 -10.29 0.11 -30.57
C ASN C 57 -10.88 1.50 -30.63
N ALA C 58 -10.21 2.41 -31.34
CA ALA C 58 -10.69 3.78 -31.49
C ALA C 58 -9.86 4.49 -32.53
N ASP C 59 -10.24 5.72 -32.84
CA ASP C 59 -9.54 6.53 -33.82
C ASP C 59 -8.49 7.39 -33.10
N ILE C 60 -7.54 6.72 -32.46
CA ILE C 60 -6.48 7.38 -31.72
C ILE C 60 -5.46 8.10 -32.60
N SER C 61 -5.73 9.36 -32.91
CA SER C 61 -4.85 10.16 -33.75
C SER C 61 -4.31 11.30 -32.91
N TYR C 62 -3.03 11.25 -32.56
CA TYR C 62 -2.45 12.31 -31.73
C TYR C 62 -1.86 13.47 -32.52
N ASP C 63 -1.37 14.46 -31.79
CA ASP C 63 -0.79 15.68 -32.37
C ASP C 63 0.46 16.12 -31.62
N GLU C 64 0.98 17.29 -31.96
CA GLU C 64 2.17 17.84 -31.32
C GLU C 64 1.94 17.94 -29.82
N ASN C 65 0.72 18.28 -29.43
CA ASN C 65 0.35 18.43 -28.03
C ASN C 65 -1.17 18.31 -27.81
N SER C 66 -1.78 17.32 -28.44
CA SER C 66 -3.21 17.12 -28.26
C SER C 66 -3.71 15.88 -28.95
N ILE C 67 -3.91 14.82 -28.18
CA ILE C 67 -4.41 13.58 -28.75
C ILE C 67 -5.91 13.69 -29.05
N THR C 68 -6.39 12.84 -29.96
CA THR C 68 -7.80 12.84 -30.32
C THR C 68 -8.33 11.41 -30.38
N VAL C 69 -9.43 11.18 -29.68
CA VAL C 69 -10.02 9.86 -29.64
C VAL C 69 -11.44 9.96 -30.16
N ASN C 70 -11.73 9.21 -31.21
CA ASN C 70 -13.05 9.22 -31.78
C ASN C 70 -13.61 10.64 -31.84
N GLY C 71 -12.90 11.49 -32.58
CA GLY C 71 -13.31 12.86 -32.76
C GLY C 71 -13.54 13.66 -31.49
N LYS C 72 -12.56 13.62 -30.60
CA LYS C 72 -12.61 14.36 -29.34
C LYS C 72 -11.18 14.65 -28.97
N THR C 73 -10.78 15.91 -29.12
CA THR C 73 -9.43 16.30 -28.80
C THR C 73 -9.28 16.67 -27.34
N MET C 74 -8.07 16.46 -26.81
CA MET C 74 -7.78 16.74 -25.42
C MET C 74 -6.38 17.29 -25.36
N LYS C 75 -6.27 18.52 -24.88
CA LYS C 75 -4.98 19.17 -24.76
C LYS C 75 -4.06 18.36 -23.85
N ILE C 76 -2.80 18.19 -24.26
CA ILE C 76 -1.85 17.48 -23.43
C ILE C 76 -0.75 18.41 -22.99
N VAL C 77 -0.67 18.60 -21.67
CA VAL C 77 0.31 19.47 -21.07
C VAL C 77 0.95 18.70 -19.93
N CYS C 78 2.22 18.96 -19.66
CA CYS C 78 2.85 18.24 -18.56
C CYS C 78 3.61 19.13 -17.57
N ASP C 79 2.94 19.44 -16.47
CA ASP C 79 3.53 20.26 -15.42
C ASP C 79 3.61 19.39 -14.18
N ARG C 80 4.81 19.28 -13.64
CA ARG C 80 5.07 18.47 -12.44
C ARG C 80 4.57 19.15 -11.17
N ASN C 81 4.03 20.36 -11.31
CA ASN C 81 3.52 21.12 -10.18
C ASN C 81 2.11 21.63 -10.47
N PRO C 82 1.13 21.17 -9.68
CA PRO C 82 -0.27 21.56 -9.84
C PRO C 82 -0.49 23.06 -9.90
N LEU C 83 0.22 23.80 -9.05
CA LEU C 83 0.11 25.26 -9.01
C LEU C 83 0.35 25.91 -10.37
N ASN C 84 1.22 25.31 -11.18
CA ASN C 84 1.53 25.84 -12.49
C ASN C 84 0.45 25.55 -13.53
N LEU C 85 -0.44 24.62 -13.22
CA LEU C 85 -1.46 24.22 -14.20
C LEU C 85 -2.49 25.30 -14.55
N PRO C 86 -2.85 25.40 -15.84
CA PRO C 86 -3.80 26.36 -16.40
C PRO C 86 -5.25 25.96 -16.19
N TRP C 87 -5.60 25.54 -14.99
CA TRP C 87 -6.97 25.09 -14.73
C TRP C 87 -8.05 26.13 -14.85
N LYS C 88 -7.80 27.35 -14.40
CA LYS C 88 -8.85 28.34 -14.55
C LYS C 88 -8.89 28.83 -16.00
N GLU C 89 -7.72 28.90 -16.65
CA GLU C 89 -7.68 29.32 -18.04
C GLU C 89 -8.53 28.43 -18.93
N TRP C 90 -8.41 27.13 -18.70
CA TRP C 90 -9.12 26.14 -19.46
C TRP C 90 -10.48 25.79 -18.84
N ASP C 91 -10.88 26.58 -17.85
CA ASP C 91 -12.18 26.41 -17.22
C ASP C 91 -12.41 24.94 -16.82
N ILE C 92 -11.47 24.39 -16.07
CA ILE C 92 -11.57 23.02 -15.60
C ILE C 92 -12.37 22.96 -14.31
N ASP C 93 -13.45 22.20 -14.33
CA ASP C 93 -14.33 22.03 -13.16
C ASP C 93 -13.83 20.97 -12.20
N LEU C 94 -13.63 19.76 -12.73
CA LEU C 94 -13.18 18.61 -11.95
C LEU C 94 -11.90 18.04 -12.48
N VAL C 95 -10.94 17.80 -11.60
CA VAL C 95 -9.68 17.23 -12.02
C VAL C 95 -9.50 15.85 -11.39
N ILE C 96 -9.32 14.83 -12.23
CA ILE C 96 -9.12 13.46 -11.78
C ILE C 96 -7.67 13.34 -11.39
N GLU C 97 -7.41 13.33 -10.09
CA GLU C 97 -6.06 13.20 -9.55
C GLU C 97 -5.67 11.73 -9.43
N SER C 98 -4.88 11.25 -10.37
CA SER C 98 -4.47 9.85 -10.35
C SER C 98 -2.98 9.66 -10.49
N THR C 99 -2.21 10.41 -9.70
CA THR C 99 -0.76 10.27 -9.75
C THR C 99 -0.30 9.70 -8.43
N GLY C 100 -1.21 9.65 -7.48
CA GLY C 100 -0.88 9.10 -6.17
C GLY C 100 0.08 9.92 -5.32
N VAL C 101 0.46 11.10 -5.78
CA VAL C 101 1.40 11.91 -5.01
C VAL C 101 0.70 13.01 -4.18
N PHE C 102 -0.48 13.44 -4.61
CA PHE C 102 -1.22 14.47 -3.88
C PHE C 102 -2.48 13.85 -3.31
N VAL C 103 -2.36 13.21 -2.16
CA VAL C 103 -3.52 12.56 -1.57
C VAL C 103 -4.00 13.15 -0.28
N THR C 104 -3.49 14.32 0.08
CA THR C 104 -3.95 14.99 1.28
C THR C 104 -4.85 16.09 0.78
N ALA C 105 -5.78 16.55 1.62
CA ALA C 105 -6.67 17.60 1.19
C ALA C 105 -5.89 18.82 0.74
N GLU C 106 -4.81 19.15 1.47
CA GLU C 106 -3.98 20.29 1.12
C GLU C 106 -3.33 20.17 -0.25
N GLY C 107 -2.52 19.13 -0.49
CA GLY C 107 -1.83 18.94 -1.77
C GLY C 107 -2.81 18.91 -2.91
N ALA C 108 -3.88 18.13 -2.74
CA ALA C 108 -4.86 18.02 -3.79
C ALA C 108 -5.48 19.35 -4.13
N SER C 109 -5.42 20.28 -3.18
CA SER C 109 -6.00 21.60 -3.39
C SER C 109 -5.18 22.47 -4.33
N LYS C 110 -3.92 22.08 -4.54
CA LYS C 110 -3.07 22.82 -5.46
C LYS C 110 -3.82 22.95 -6.79
N HIS C 111 -4.58 21.93 -7.14
CA HIS C 111 -5.36 21.93 -8.38
C HIS C 111 -6.47 22.97 -8.31
N ILE C 112 -6.90 23.28 -7.09
CA ILE C 112 -7.96 24.27 -6.89
C ILE C 112 -7.40 25.67 -6.96
N GLN C 113 -6.24 25.89 -6.36
CA GLN C 113 -5.58 27.18 -6.41
C GLN C 113 -5.24 27.45 -7.87
N ALA C 114 -4.91 26.38 -8.60
CA ALA C 114 -4.57 26.49 -10.02
C ALA C 114 -5.81 26.89 -10.80
N GLY C 115 -6.98 26.74 -10.20
CA GLY C 115 -8.20 27.14 -10.86
C GLY C 115 -9.32 26.12 -10.93
N ALA C 116 -9.04 24.89 -10.53
CA ALA C 116 -10.08 23.87 -10.59
C ALA C 116 -11.03 23.98 -9.43
N LYS C 117 -12.30 23.65 -9.65
CA LYS C 117 -13.28 23.70 -8.57
C LYS C 117 -13.20 22.47 -7.66
N LYS C 118 -13.35 21.27 -8.22
CA LYS C 118 -13.28 20.05 -7.41
C LYS C 118 -12.21 19.04 -7.85
N VAL C 119 -11.60 18.38 -6.87
CA VAL C 119 -10.55 17.39 -7.14
C VAL C 119 -10.94 15.99 -6.69
N LEU C 120 -10.85 15.02 -7.58
CA LEU C 120 -11.20 13.65 -7.26
C LEU C 120 -9.97 12.74 -7.24
N ILE C 121 -9.52 12.40 -6.04
CA ILE C 121 -8.37 11.53 -5.85
C ILE C 121 -8.73 10.07 -6.17
N THR C 122 -7.93 9.42 -7.01
CA THR C 122 -8.18 8.02 -7.35
C THR C 122 -7.31 7.17 -6.47
N ALA C 123 -7.36 7.47 -5.17
CA ALA C 123 -6.57 6.74 -4.19
C ALA C 123 -7.12 7.13 -2.83
N PRO C 124 -6.74 6.39 -1.78
CA PRO C 124 -7.26 6.74 -0.47
C PRO C 124 -6.77 8.14 -0.06
N GLY C 125 -7.63 8.91 0.59
CA GLY C 125 -7.23 10.22 1.04
C GLY C 125 -6.30 10.06 2.23
N LYS C 126 -5.32 10.94 2.35
CA LYS C 126 -4.41 10.88 3.48
C LYS C 126 -4.71 12.08 4.39
N ALA C 127 -5.11 11.81 5.62
CA ALA C 127 -5.45 12.85 6.60
C ALA C 127 -6.70 13.60 6.21
N GLU C 128 -7.66 13.62 7.14
CA GLU C 128 -8.96 14.27 6.98
C GLU C 128 -9.04 15.53 6.12
N GLY C 129 -10.26 15.84 5.74
CA GLY C 129 -10.52 16.99 4.90
C GLY C 129 -10.95 16.47 3.55
N VAL C 130 -10.73 15.18 3.34
CA VAL C 130 -11.08 14.55 2.10
C VAL C 130 -12.41 13.83 2.26
N GLY C 131 -13.30 13.96 1.28
CA GLY C 131 -14.57 13.27 1.35
C GLY C 131 -14.52 11.94 0.61
N THR C 132 -14.49 10.83 1.34
CA THR C 132 -14.40 9.50 0.73
C THR C 132 -15.78 8.91 0.38
N TYR C 133 -15.94 8.44 -0.84
CA TYR C 133 -17.21 7.85 -1.26
C TYR C 133 -16.97 6.56 -2.01
N VAL C 134 -17.85 5.58 -1.79
CA VAL C 134 -17.79 4.28 -2.46
C VAL C 134 -19.14 4.02 -3.12
N ILE C 135 -19.16 4.05 -4.44
CA ILE C 135 -20.40 3.85 -5.19
C ILE C 135 -21.09 2.57 -4.78
N GLY C 136 -22.37 2.69 -4.43
CA GLY C 136 -23.15 1.55 -4.00
C GLY C 136 -23.19 1.37 -2.49
N VAL C 137 -22.32 2.10 -1.80
CA VAL C 137 -22.25 2.01 -0.36
C VAL C 137 -22.64 3.27 0.36
N ASN C 138 -22.20 4.42 -0.13
CA ASN C 138 -22.53 5.67 0.54
C ASN C 138 -22.62 6.85 -0.42
N ASP C 139 -22.68 6.55 -1.71
CA ASP C 139 -22.76 7.59 -2.72
C ASP C 139 -24.05 8.38 -2.56
N SER C 140 -24.95 7.83 -1.77
CA SER C 140 -26.22 8.49 -1.52
C SER C 140 -25.99 9.78 -0.73
N GLU C 141 -25.02 9.76 0.19
CA GLU C 141 -24.72 10.90 1.04
C GLU C 141 -23.86 11.97 0.39
N TYR C 142 -23.64 11.83 -0.90
CA TYR C 142 -22.84 12.81 -1.60
C TYR C 142 -23.55 14.14 -1.83
N ARG C 143 -22.97 15.22 -1.29
CA ARG C 143 -23.50 16.57 -1.47
C ARG C 143 -22.33 17.34 -2.06
N HIS C 144 -22.62 18.11 -3.10
CA HIS C 144 -21.61 18.88 -3.79
C HIS C 144 -20.79 19.82 -2.92
N GLU C 145 -21.46 20.45 -1.94
CA GLU C 145 -20.85 21.42 -1.02
C GLU C 145 -19.97 20.87 0.07
N ASP C 146 -20.08 19.58 0.35
CA ASP C 146 -19.30 18.99 1.43
C ASP C 146 -17.78 19.11 1.30
N PHE C 147 -17.20 18.58 0.23
CA PHE C 147 -15.74 18.62 0.03
C PHE C 147 -15.29 19.02 -1.37
N ALA C 148 -14.16 19.71 -1.42
CA ALA C 148 -13.59 20.17 -2.66
C ALA C 148 -12.68 19.08 -3.15
N VAL C 149 -12.19 18.28 -2.20
CA VAL C 149 -11.31 17.15 -2.50
C VAL C 149 -11.99 15.86 -2.04
N ILE C 150 -12.45 15.07 -3.00
CA ILE C 150 -13.12 13.80 -2.70
C ILE C 150 -12.24 12.64 -3.12
N SER C 151 -12.44 11.50 -2.46
CA SER C 151 -11.69 10.28 -2.74
C SER C 151 -12.63 9.18 -3.20
N ASN C 152 -12.04 8.11 -3.72
CA ASN C 152 -12.82 6.97 -4.18
C ASN C 152 -12.26 5.73 -3.53
N ALA C 153 -11.52 5.93 -2.45
CA ALA C 153 -10.90 4.87 -1.68
C ALA C 153 -9.96 4.10 -2.60
N SER C 154 -9.57 2.89 -2.18
CA SER C 154 -8.68 2.07 -2.98
C SER C 154 -9.53 1.09 -3.77
N CYS C 155 -8.92 0.33 -4.67
CA CYS C 155 -9.70 -0.63 -5.43
C CYS C 155 -10.03 -1.80 -4.52
N THR C 156 -9.17 -2.03 -3.53
CA THR C 156 -9.36 -3.09 -2.53
C THR C 156 -10.60 -2.75 -1.71
N THR C 157 -10.68 -1.49 -1.27
CA THR C 157 -11.81 -1.04 -0.47
C THR C 157 -13.14 -1.09 -1.24
N ASN C 158 -13.06 -0.96 -2.56
CA ASN C 158 -14.25 -0.96 -3.40
C ASN C 158 -14.80 -2.35 -3.60
N CYS C 159 -13.98 -3.35 -3.31
CA CYS C 159 -14.39 -4.73 -3.43
C CYS C 159 -15.00 -5.14 -2.09
N LEU C 160 -14.27 -4.85 -1.02
CA LEU C 160 -14.68 -5.16 0.34
C LEU C 160 -15.93 -4.42 0.83
N ALA C 161 -15.93 -3.10 0.70
CA ALA C 161 -17.05 -2.28 1.17
C ALA C 161 -18.44 -2.76 0.74
N PRO C 162 -18.63 -3.03 -0.56
CA PRO C 162 -19.92 -3.49 -1.06
C PRO C 162 -20.40 -4.77 -0.38
N VAL C 163 -19.48 -5.71 -0.20
CA VAL C 163 -19.81 -6.96 0.44
C VAL C 163 -20.09 -6.76 1.92
N ALA C 164 -19.18 -6.06 2.59
CA ALA C 164 -19.30 -5.79 4.01
C ALA C 164 -20.64 -5.15 4.31
N LYS C 165 -21.08 -4.26 3.42
CA LYS C 165 -22.35 -3.59 3.61
C LYS C 165 -23.47 -4.62 3.67
N VAL C 166 -23.67 -5.34 2.58
CA VAL C 166 -24.71 -6.35 2.50
C VAL C 166 -24.69 -7.30 3.70
N LEU C 167 -23.52 -7.82 4.04
CA LEU C 167 -23.40 -8.70 5.19
C LEU C 167 -23.91 -8.01 6.46
N HIS C 168 -23.54 -6.75 6.65
CA HIS C 168 -23.94 -6.02 7.84
C HIS C 168 -25.43 -5.73 7.96
N ASP C 169 -26.04 -5.32 6.85
CA ASP C 169 -27.45 -4.99 6.84
C ASP C 169 -28.30 -6.22 7.06
N ASN C 170 -27.75 -7.39 6.73
CA ASN C 170 -28.49 -8.65 6.84
C ASN C 170 -28.19 -9.52 8.04
N PHE C 171 -26.99 -9.45 8.60
CA PHE C 171 -26.65 -10.29 9.74
C PHE C 171 -25.99 -9.53 10.86
N GLY C 172 -25.60 -8.29 10.58
CA GLY C 172 -24.96 -7.48 11.59
C GLY C 172 -23.55 -7.89 11.98
N ILE C 173 -22.56 -7.32 11.32
CA ILE C 173 -21.17 -7.63 11.64
C ILE C 173 -20.84 -7.14 13.06
N ILE C 174 -20.21 -8.00 13.84
CA ILE C 174 -19.85 -7.61 15.20
C ILE C 174 -18.38 -7.25 15.20
N LYS C 175 -17.57 -8.11 14.61
CA LYS C 175 -16.14 -7.88 14.50
C LYS C 175 -15.66 -8.74 13.34
N GLY C 176 -14.72 -8.22 12.56
CA GLY C 176 -14.24 -8.96 11.42
C GLY C 176 -12.77 -8.83 11.19
N THR C 177 -12.27 -9.56 10.20
CA THR C 177 -10.85 -9.53 9.87
C THR C 177 -10.75 -9.86 8.38
N MET C 178 -9.89 -9.17 7.64
CA MET C 178 -9.73 -9.51 6.22
C MET C 178 -8.29 -9.59 5.76
N THR C 179 -8.09 -10.28 4.64
CA THR C 179 -6.78 -10.43 4.07
C THR C 179 -6.92 -10.30 2.57
N THR C 180 -6.16 -9.38 2.00
CA THR C 180 -6.19 -9.16 0.57
C THR C 180 -4.90 -9.64 -0.08
N THR C 181 -5.04 -10.29 -1.23
CA THR C 181 -3.90 -10.81 -1.99
C THR C 181 -3.83 -10.01 -3.28
N HIS C 182 -2.95 -9.01 -3.29
CA HIS C 182 -2.76 -8.11 -4.42
C HIS C 182 -1.82 -8.64 -5.48
N SER C 183 -1.59 -7.79 -6.47
CA SER C 183 -0.69 -8.07 -7.56
C SER C 183 0.55 -7.19 -7.31
N TYR C 184 1.17 -6.71 -8.38
CA TYR C 184 2.38 -5.89 -8.27
C TYR C 184 2.75 -5.49 -6.85
N ALA C 201 9.50 -3.99 -0.31
CA ALA C 201 10.77 -3.39 -0.72
C ALA C 201 11.72 -4.46 -1.25
N ARG C 202 11.17 -5.62 -1.55
CA ARG C 202 11.96 -6.75 -2.03
C ARG C 202 11.48 -7.27 -3.39
N ALA C 203 12.17 -8.28 -3.91
CA ALA C 203 11.85 -8.87 -5.20
C ALA C 203 10.38 -9.26 -5.26
N ALA C 204 9.55 -8.37 -5.80
CA ALA C 204 8.12 -8.62 -5.90
C ALA C 204 7.72 -9.77 -6.83
N ALA C 205 8.43 -9.94 -7.93
CA ALA C 205 8.11 -10.97 -8.91
C ALA C 205 8.40 -12.42 -8.50
N VAL C 206 9.15 -12.60 -7.41
CA VAL C 206 9.47 -13.94 -6.94
C VAL C 206 9.13 -14.18 -5.47
N ASN C 207 8.48 -13.20 -4.84
CA ASN C 207 8.11 -13.32 -3.44
C ASN C 207 6.66 -13.01 -3.14
N ILE C 208 6.25 -13.39 -1.93
CA ILE C 208 4.92 -13.12 -1.42
C ILE C 208 5.25 -12.09 -0.34
N VAL C 209 4.86 -10.85 -0.56
CA VAL C 209 5.17 -9.77 0.37
C VAL C 209 4.03 -9.35 1.28
N PRO C 210 4.27 -9.37 2.60
CA PRO C 210 3.28 -8.99 3.61
C PRO C 210 3.19 -7.48 3.79
N THR C 211 2.61 -6.81 2.81
CA THR C 211 2.46 -5.36 2.92
C THR C 211 1.28 -4.97 3.82
N THR C 212 1.12 -3.67 3.99
CA THR C 212 0.04 -3.14 4.81
C THR C 212 -1.14 -2.73 3.93
N THR C 213 -2.33 -2.70 4.52
CA THR C 213 -3.54 -2.27 3.82
C THR C 213 -4.34 -1.46 4.81
N GLY C 214 -5.08 -0.48 4.30
CA GLY C 214 -5.90 0.31 5.19
C GLY C 214 -7.36 0.21 4.80
N ALA C 215 -7.66 -0.68 3.84
CA ALA C 215 -9.03 -0.86 3.37
C ALA C 215 -9.95 -1.30 4.50
N ALA C 216 -9.40 -2.03 5.47
CA ALA C 216 -10.17 -2.51 6.60
C ALA C 216 -10.75 -1.32 7.33
N LYS C 217 -9.86 -0.41 7.73
CA LYS C 217 -10.27 0.80 8.43
C LYS C 217 -11.02 1.76 7.49
N ALA C 218 -10.59 1.81 6.23
CA ALA C 218 -11.24 2.68 5.24
C ALA C 218 -12.73 2.37 5.09
N VAL C 219 -13.14 1.14 5.36
CA VAL C 219 -14.54 0.81 5.24
C VAL C 219 -15.38 1.63 6.22
N ALA C 220 -14.81 1.90 7.40
CA ALA C 220 -15.53 2.65 8.44
C ALA C 220 -15.90 4.05 7.97
N LEU C 221 -15.25 4.50 6.90
CA LEU C 221 -15.53 5.81 6.35
C LEU C 221 -16.87 5.85 5.65
N VAL C 222 -17.12 4.85 4.81
CA VAL C 222 -18.35 4.77 4.04
C VAL C 222 -19.43 3.93 4.71
N ILE C 223 -19.07 3.27 5.80
CA ILE C 223 -20.01 2.48 6.59
C ILE C 223 -19.58 2.74 8.03
N PRO C 224 -19.93 3.91 8.55
CA PRO C 224 -19.63 4.37 9.90
C PRO C 224 -19.89 3.34 10.99
N GLU C 225 -20.94 2.56 10.81
CA GLU C 225 -21.29 1.54 11.81
C GLU C 225 -20.18 0.50 12.05
N LEU C 226 -19.38 0.22 11.02
CA LEU C 226 -18.31 -0.75 11.15
C LEU C 226 -17.02 -0.15 11.69
N LYS C 227 -17.11 1.07 12.21
CA LYS C 227 -15.95 1.75 12.76
C LYS C 227 -15.36 0.91 13.91
N GLY C 228 -14.07 0.62 13.84
CA GLY C 228 -13.44 -0.16 14.89
C GLY C 228 -13.74 -1.65 14.91
N LYS C 229 -14.52 -2.13 13.94
CA LYS C 229 -14.87 -3.53 13.87
C LYS C 229 -14.09 -4.37 12.84
N LEU C 230 -13.39 -3.74 11.90
CA LEU C 230 -12.65 -4.50 10.91
C LEU C 230 -11.18 -4.16 10.95
N ASN C 231 -10.36 -5.05 10.42
CA ASN C 231 -8.94 -4.82 10.39
C ASN C 231 -8.33 -5.94 9.56
N GLY C 232 -7.46 -5.60 8.61
CA GLY C 232 -6.85 -6.65 7.81
C GLY C 232 -5.39 -6.47 7.46
N ILE C 233 -4.88 -7.35 6.61
CA ILE C 233 -3.51 -7.30 6.14
C ILE C 233 -3.50 -7.61 4.64
N ALA C 234 -2.34 -7.50 4.02
CA ALA C 234 -2.26 -7.75 2.59
C ALA C 234 -1.05 -8.56 2.23
N LEU C 235 -1.21 -9.40 1.22
CA LEU C 235 -0.14 -10.25 0.74
C LEU C 235 0.01 -10.01 -0.74
N ARG C 236 1.16 -9.44 -1.11
CA ARG C 236 1.44 -9.16 -2.52
C ARG C 236 1.99 -10.40 -3.22
N VAL C 237 1.30 -10.85 -4.26
CA VAL C 237 1.72 -12.02 -5.03
C VAL C 237 1.99 -11.65 -6.49
N PRO C 238 2.98 -12.28 -7.12
CA PRO C 238 3.30 -11.99 -8.51
C PRO C 238 2.25 -12.47 -9.51
N THR C 239 1.00 -12.04 -9.36
CA THR C 239 -0.02 -12.46 -10.32
C THR C 239 -0.29 -11.31 -11.27
N PRO C 240 -0.96 -11.59 -12.40
CA PRO C 240 -1.28 -10.58 -13.40
C PRO C 240 -2.20 -9.42 -13.06
N ASN C 241 -3.49 -9.59 -13.33
CA ASN C 241 -4.44 -8.49 -13.12
C ASN C 241 -5.66 -8.71 -12.26
N VAL C 242 -5.62 -9.70 -11.38
CA VAL C 242 -6.78 -9.91 -10.51
C VAL C 242 -6.35 -10.21 -9.08
N SER C 243 -7.07 -9.60 -8.15
CA SER C 243 -6.77 -9.79 -6.75
C SER C 243 -8.01 -10.32 -6.03
N VAL C 244 -7.79 -10.82 -4.82
CA VAL C 244 -8.90 -11.37 -4.07
C VAL C 244 -8.92 -10.92 -2.61
N VAL C 245 -10.14 -10.75 -2.09
CA VAL C 245 -10.35 -10.33 -0.71
C VAL C 245 -10.92 -11.49 0.09
N ASP C 246 -10.31 -11.73 1.25
CA ASP C 246 -10.70 -12.81 2.14
C ASP C 246 -11.29 -12.20 3.42
N LEU C 247 -12.61 -12.08 3.47
CA LEU C 247 -13.29 -11.52 4.63
C LEU C 247 -13.89 -12.56 5.58
N VAL C 248 -13.56 -12.42 6.87
CA VAL C 248 -14.06 -13.33 7.91
C VAL C 248 -14.69 -12.50 9.02
N VAL C 249 -16.00 -12.47 9.07
CA VAL C 249 -16.70 -11.71 10.09
C VAL C 249 -17.46 -12.62 11.04
N GLN C 250 -17.87 -12.06 12.16
CA GLN C 250 -18.65 -12.77 13.17
C GLN C 250 -19.93 -12.01 13.19
N VAL C 251 -20.94 -12.55 12.55
CA VAL C 251 -22.21 -11.86 12.53
C VAL C 251 -22.97 -12.07 13.82
N GLU C 252 -24.18 -11.51 13.90
CA GLU C 252 -25.00 -11.70 15.11
C GLU C 252 -26.30 -12.47 14.90
N LYS C 253 -26.81 -12.47 13.67
CA LYS C 253 -28.00 -13.25 13.35
C LYS C 253 -27.43 -14.48 12.69
N PRO C 254 -27.41 -15.60 13.43
CA PRO C 254 -26.87 -16.85 12.90
C PRO C 254 -27.51 -17.24 11.59
N THR C 255 -26.71 -17.84 10.72
CA THR C 255 -27.23 -18.28 9.42
C THR C 255 -26.45 -19.47 8.86
N ILE C 256 -26.73 -19.82 7.60
CA ILE C 256 -26.08 -20.93 6.93
C ILE C 256 -25.44 -20.44 5.65
N THR C 257 -24.39 -21.13 5.22
CA THR C 257 -23.68 -20.80 4.00
C THR C 257 -24.63 -20.48 2.85
N GLU C 258 -25.65 -21.31 2.68
CA GLU C 258 -26.60 -21.10 1.60
C GLU C 258 -27.30 -19.76 1.73
N GLN C 259 -27.65 -19.38 2.96
CA GLN C 259 -28.36 -18.13 3.22
C GLN C 259 -27.54 -16.87 2.92
N VAL C 260 -26.24 -16.95 3.13
CA VAL C 260 -25.35 -15.84 2.86
C VAL C 260 -25.32 -15.63 1.35
N ASN C 261 -24.98 -16.69 0.62
CA ASN C 261 -24.94 -16.62 -0.85
C ASN C 261 -26.26 -16.12 -1.40
N GLU C 262 -27.31 -16.29 -0.61
CA GLU C 262 -28.66 -15.89 -1.02
C GLU C 262 -28.78 -14.37 -1.05
N VAL C 263 -28.44 -13.74 0.06
CA VAL C 263 -28.53 -12.29 0.16
C VAL C 263 -27.54 -11.58 -0.77
N LEU C 264 -26.37 -12.19 -0.97
CA LEU C 264 -25.34 -11.61 -1.85
C LEU C 264 -25.82 -11.62 -3.29
N GLN C 265 -26.40 -12.75 -3.69
CA GLN C 265 -26.90 -12.87 -5.04
C GLN C 265 -28.04 -11.88 -5.22
N LYS C 266 -28.96 -11.84 -4.26
CA LYS C 266 -30.09 -10.94 -4.33
C LYS C 266 -29.60 -9.52 -4.46
N ALA C 267 -28.48 -9.23 -3.80
CA ALA C 267 -27.90 -7.90 -3.85
C ALA C 267 -27.44 -7.60 -5.26
N SER C 268 -26.64 -8.49 -5.83
CA SER C 268 -26.11 -8.29 -7.18
C SER C 268 -27.20 -8.07 -8.22
N GLN C 269 -28.42 -8.48 -7.93
CA GLN C 269 -29.50 -8.31 -8.88
C GLN C 269 -30.34 -7.07 -8.56
N THR C 270 -30.13 -6.51 -7.38
CA THR C 270 -30.90 -5.35 -6.97
C THR C 270 -30.02 -4.21 -6.44
N THR C 271 -30.07 -4.03 -5.13
CA THR C 271 -29.31 -3.00 -4.43
C THR C 271 -27.86 -2.84 -4.92
N MET C 272 -27.11 -3.93 -5.03
CA MET C 272 -25.71 -3.83 -5.45
C MET C 272 -25.50 -4.14 -6.92
N LYS C 273 -26.59 -4.16 -7.68
CA LYS C 273 -26.49 -4.48 -9.10
C LYS C 273 -25.47 -3.57 -9.79
N GLY C 274 -24.56 -4.19 -10.52
CA GLY C 274 -23.55 -3.41 -11.23
C GLY C 274 -22.29 -3.25 -10.39
N ILE C 275 -22.49 -3.31 -9.08
CA ILE C 275 -21.39 -3.18 -8.15
C ILE C 275 -20.86 -4.56 -7.80
N ILE C 276 -21.73 -5.38 -7.25
CA ILE C 276 -21.35 -6.75 -6.89
C ILE C 276 -21.79 -7.77 -7.96
N LYS C 277 -20.90 -8.69 -8.27
CA LYS C 277 -21.19 -9.73 -9.23
C LYS C 277 -21.21 -11.05 -8.51
N TYR C 278 -22.34 -11.74 -8.58
CA TYR C 278 -22.48 -13.03 -7.93
C TYR C 278 -22.04 -14.12 -8.89
N SER C 279 -20.89 -14.74 -8.60
CA SER C 279 -20.38 -15.81 -9.47
C SER C 279 -20.46 -17.19 -8.82
N ASP C 280 -21.42 -17.98 -9.25
CA ASP C 280 -21.62 -19.32 -8.72
C ASP C 280 -21.03 -20.38 -9.65
N LEU C 281 -20.02 -19.99 -10.43
CA LEU C 281 -19.39 -20.91 -11.35
C LEU C 281 -17.97 -21.20 -10.87
N PRO C 282 -17.36 -22.28 -11.38
CA PRO C 282 -15.99 -22.67 -11.01
C PRO C 282 -14.97 -21.97 -11.89
N LEU C 283 -14.67 -20.71 -11.58
CA LEU C 283 -13.73 -19.93 -12.37
C LEU C 283 -12.43 -19.64 -11.62
N VAL C 284 -11.49 -19.01 -12.33
CA VAL C 284 -10.21 -18.65 -11.74
C VAL C 284 -9.94 -17.16 -11.98
N SER C 285 -9.02 -16.61 -11.21
CA SER C 285 -8.67 -15.20 -11.33
C SER C 285 -8.77 -14.64 -12.75
N SER C 286 -7.99 -15.20 -13.68
CA SER C 286 -7.97 -14.71 -15.06
C SER C 286 -9.33 -14.52 -15.73
N ASP C 287 -10.32 -15.30 -15.33
CA ASP C 287 -11.66 -15.20 -15.92
C ASP C 287 -12.39 -13.93 -15.54
N PHE C 288 -11.78 -13.11 -14.69
CA PHE C 288 -12.42 -11.88 -14.24
C PHE C 288 -11.80 -10.59 -14.76
N ARG C 289 -10.96 -10.70 -15.80
CA ARG C 289 -10.33 -9.53 -16.39
C ARG C 289 -11.35 -8.82 -17.29
N GLY C 290 -11.50 -7.51 -17.10
CA GLY C 290 -12.43 -6.74 -17.90
C GLY C 290 -13.80 -6.63 -17.26
N THR C 291 -13.95 -7.21 -16.08
CA THR C 291 -15.22 -7.17 -15.37
C THR C 291 -15.49 -5.76 -14.87
N ASP C 292 -16.73 -5.30 -15.02
CA ASP C 292 -17.12 -3.97 -14.58
C ASP C 292 -17.49 -3.88 -13.12
N GLU C 293 -17.87 -4.99 -12.50
CA GLU C 293 -18.22 -4.97 -11.08
C GLU C 293 -17.01 -4.68 -10.20
N SER C 294 -17.25 -4.08 -9.04
CA SER C 294 -16.19 -3.75 -8.11
C SER C 294 -15.88 -4.95 -7.22
N SER C 295 -16.91 -5.75 -6.99
CA SER C 295 -16.73 -6.92 -6.15
C SER C 295 -17.35 -8.15 -6.82
N ILE C 296 -16.58 -9.23 -6.89
CA ILE C 296 -17.05 -10.47 -7.51
C ILE C 296 -17.05 -11.59 -6.48
N VAL C 297 -18.22 -11.89 -5.95
CA VAL C 297 -18.33 -12.94 -4.93
C VAL C 297 -18.29 -14.33 -5.58
N ASP C 298 -17.38 -15.16 -5.10
CA ASP C 298 -17.25 -16.52 -5.60
C ASP C 298 -18.01 -17.43 -4.65
N SER C 299 -19.34 -17.44 -4.76
CA SER C 299 -20.24 -18.23 -3.90
C SER C 299 -19.74 -19.61 -3.46
N SER C 300 -19.22 -20.39 -4.40
CA SER C 300 -18.73 -21.73 -4.10
C SER C 300 -17.72 -21.75 -2.96
N LEU C 301 -17.18 -20.59 -2.61
CA LEU C 301 -16.19 -20.48 -1.54
C LEU C 301 -16.74 -19.99 -0.20
N THR C 302 -17.98 -19.50 -0.20
CA THR C 302 -18.62 -18.99 1.01
C THR C 302 -18.57 -20.07 2.05
N LEU C 303 -18.54 -19.69 3.31
CA LEU C 303 -18.44 -20.68 4.38
C LEU C 303 -18.90 -20.09 5.71
N VAL C 304 -19.77 -20.80 6.41
CA VAL C 304 -20.26 -20.33 7.71
C VAL C 304 -19.95 -21.36 8.75
N MET C 305 -19.32 -20.94 9.83
CA MET C 305 -18.99 -21.84 10.91
C MET C 305 -19.89 -21.57 12.09
N ASP C 306 -20.50 -22.62 12.61
CA ASP C 306 -21.37 -22.46 13.77
C ASP C 306 -22.39 -21.34 13.57
N GLY C 307 -22.93 -21.26 12.36
CA GLY C 307 -23.95 -20.27 12.04
C GLY C 307 -23.67 -18.78 12.24
N ASP C 308 -22.59 -18.42 12.94
CA ASP C 308 -22.31 -17.00 13.15
C ASP C 308 -20.96 -16.50 12.66
N LEU C 309 -20.04 -17.40 12.31
CA LEU C 309 -18.74 -16.97 11.79
C LEU C 309 -18.72 -17.22 10.28
N VAL C 310 -19.11 -16.22 9.48
CA VAL C 310 -19.12 -16.37 8.04
C VAL C 310 -17.85 -15.89 7.36
N LYS C 311 -17.53 -16.49 6.22
CA LYS C 311 -16.34 -16.14 5.45
C LYS C 311 -16.68 -15.98 3.99
N VAL C 312 -16.41 -14.81 3.43
CA VAL C 312 -16.69 -14.57 2.03
C VAL C 312 -15.43 -14.23 1.26
N ILE C 313 -15.32 -14.80 0.06
CA ILE C 313 -14.18 -14.55 -0.81
C ILE C 313 -14.72 -13.81 -2.03
N ALA C 314 -14.03 -12.75 -2.43
CA ALA C 314 -14.47 -11.97 -3.58
C ALA C 314 -13.26 -11.56 -4.38
N TRP C 315 -13.44 -11.46 -5.69
CA TRP C 315 -12.37 -11.09 -6.61
C TRP C 315 -12.61 -9.71 -7.15
N TYR C 316 -11.54 -9.07 -7.59
CA TYR C 316 -11.68 -7.78 -8.23
C TYR C 316 -10.55 -7.60 -9.23
N ASP C 317 -10.88 -6.98 -10.37
CA ASP C 317 -9.91 -6.72 -11.42
C ASP C 317 -9.09 -5.49 -11.08
N ASN C 318 -8.06 -5.67 -10.25
CA ASN C 318 -7.18 -4.59 -9.83
C ASN C 318 -7.64 -3.16 -10.14
N GLU C 319 -7.33 -2.67 -11.34
CA GLU C 319 -7.68 -1.31 -11.71
C GLU C 319 -8.90 -1.07 -12.61
N TRP C 320 -9.34 -2.07 -13.38
CA TRP C 320 -10.49 -1.86 -14.26
C TRP C 320 -11.84 -1.56 -13.61
N GLY C 321 -12.27 -2.39 -12.68
CA GLY C 321 -13.54 -2.15 -12.02
C GLY C 321 -13.51 -0.87 -11.21
N TYR C 322 -12.34 -0.58 -10.64
CA TYR C 322 -12.13 0.61 -9.85
C TYR C 322 -12.31 1.81 -10.78
N SER C 323 -11.58 1.82 -11.88
CA SER C 323 -11.69 2.89 -12.86
C SER C 323 -13.13 3.06 -13.32
N GLN C 324 -13.85 1.96 -13.33
CA GLN C 324 -15.24 2.02 -13.75
C GLN C 324 -15.98 2.83 -12.70
N ARG C 325 -15.61 2.61 -11.43
CA ARG C 325 -16.22 3.33 -10.30
C ARG C 325 -15.80 4.79 -10.27
N VAL C 326 -14.54 5.07 -10.63
CA VAL C 326 -14.05 6.44 -10.64
C VAL C 326 -14.85 7.26 -11.65
N VAL C 327 -15.22 6.66 -12.77
CA VAL C 327 -16.01 7.37 -13.76
C VAL C 327 -17.42 7.59 -13.18
N ASP C 328 -17.88 6.64 -12.35
CA ASP C 328 -19.19 6.74 -11.73
C ASP C 328 -19.29 7.89 -10.74
N LEU C 329 -18.27 8.04 -9.90
CA LEU C 329 -18.21 9.10 -8.90
C LEU C 329 -18.12 10.45 -9.59
N ALA C 330 -17.23 10.55 -10.58
CA ALA C 330 -17.05 11.79 -11.32
C ALA C 330 -18.37 12.14 -12.01
N GLU C 331 -19.09 11.11 -12.43
CA GLU C 331 -20.37 11.28 -13.10
C GLU C 331 -21.40 11.74 -12.06
N LEU C 332 -21.30 11.21 -10.84
CA LEU C 332 -22.20 11.57 -9.74
C LEU C 332 -21.96 13.04 -9.47
N ALA C 333 -20.68 13.41 -9.40
CA ALA C 333 -20.31 14.79 -9.19
C ALA C 333 -21.00 15.63 -10.25
N ALA C 334 -20.67 15.36 -11.52
CA ALA C 334 -21.26 16.09 -12.64
C ALA C 334 -22.75 16.31 -12.41
N ARG C 335 -23.49 15.22 -12.20
CA ARG C 335 -24.93 15.30 -11.97
C ARG C 335 -25.30 16.22 -10.81
N LYS C 336 -24.54 16.13 -9.73
CA LYS C 336 -24.83 16.96 -8.57
C LYS C 336 -24.09 18.30 -8.47
N SER C 337 -23.29 18.66 -9.48
CA SER C 337 -22.57 19.93 -9.42
C SER C 337 -23.52 21.14 -9.35
N GLY C 338 -23.05 22.19 -8.66
CA GLY C 338 -23.83 23.41 -8.50
C GLY C 338 -24.13 24.21 -9.76
N MET D 1 18.82 -50.46 17.87
CA MET D 1 19.97 -50.20 16.97
C MET D 1 19.59 -49.30 15.79
N THR D 2 19.13 -49.93 14.70
CA THR D 2 18.74 -49.19 13.51
C THR D 2 17.81 -50.02 12.64
N ILE D 3 17.01 -49.37 11.80
CA ILE D 3 16.10 -50.07 10.92
C ILE D 3 16.47 -49.83 9.47
N ARG D 4 16.21 -50.81 8.62
CA ARG D 4 16.52 -50.68 7.20
C ARG D 4 15.39 -49.94 6.50
N VAL D 5 15.73 -48.84 5.82
CA VAL D 5 14.73 -48.05 5.13
C VAL D 5 14.85 -48.13 3.61
N ALA D 6 13.70 -48.01 2.96
CA ALA D 6 13.63 -48.03 1.50
C ALA D 6 12.71 -46.88 1.12
N ILE D 7 13.12 -46.12 0.12
CA ILE D 7 12.35 -44.98 -0.33
C ILE D 7 11.61 -45.28 -1.62
N ASN D 8 10.30 -45.30 -1.58
CA ASN D 8 9.56 -45.55 -2.80
C ASN D 8 9.16 -44.21 -3.44
N GLY D 9 9.77 -43.92 -4.58
CA GLY D 9 9.51 -42.67 -5.26
C GLY D 9 10.66 -41.72 -4.96
N PHE D 10 11.30 -41.20 -6.00
CA PHE D 10 12.41 -40.29 -5.76
C PHE D 10 12.10 -38.92 -6.31
N GLY D 11 10.87 -38.47 -6.06
CA GLY D 11 10.47 -37.16 -6.53
C GLY D 11 11.04 -36.15 -5.56
N ARG D 12 10.40 -34.98 -5.47
CA ARG D 12 10.87 -33.94 -4.57
C ARG D 12 10.97 -34.42 -3.13
N ILE D 13 9.86 -34.96 -2.63
CA ILE D 13 9.79 -35.46 -1.26
C ILE D 13 10.84 -36.54 -1.04
N GLY D 14 10.96 -37.43 -2.02
CA GLY D 14 11.93 -38.50 -1.93
C GLY D 14 13.32 -37.92 -1.80
N ARG D 15 13.64 -36.99 -2.71
CA ARG D 15 14.95 -36.35 -2.71
C ARG D 15 15.24 -35.53 -1.47
N ASN D 16 14.25 -34.78 -1.00
CA ASN D 16 14.45 -34.00 0.22
C ASN D 16 14.72 -34.90 1.39
N PHE D 17 14.02 -36.04 1.46
CA PHE D 17 14.20 -36.99 2.54
C PHE D 17 15.67 -37.42 2.66
N LEU D 18 16.29 -37.76 1.53
CA LEU D 18 17.70 -38.14 1.53
C LEU D 18 18.60 -37.02 2.03
N ARG D 19 18.40 -35.82 1.47
CA ARG D 19 19.18 -34.65 1.85
C ARG D 19 19.06 -34.43 3.35
N CYS D 20 17.82 -34.24 3.82
CA CYS D 20 17.56 -34.03 5.23
C CYS D 20 18.26 -35.09 6.08
N TRP D 21 18.07 -36.35 5.69
CA TRP D 21 18.66 -37.47 6.40
C TRP D 21 20.16 -37.38 6.51
N PHE D 22 20.83 -37.22 5.39
CA PHE D 22 22.29 -37.12 5.42
C PHE D 22 22.70 -35.93 6.28
N GLY D 23 21.89 -34.88 6.22
CA GLY D 23 22.18 -33.68 6.99
C GLY D 23 22.26 -33.91 8.48
N ARG D 24 21.39 -34.75 9.03
CA ARG D 24 21.39 -35.01 10.47
C ARG D 24 22.66 -35.72 10.96
N GLN D 25 23.05 -35.42 12.18
CA GLN D 25 24.24 -36.02 12.77
C GLN D 25 24.04 -37.51 12.94
N ASN D 26 23.25 -37.88 13.94
CA ASN D 26 22.99 -39.29 14.13
C ASN D 26 21.61 -39.65 13.69
N THR D 27 21.40 -40.96 13.56
CA THR D 27 20.12 -41.47 13.10
C THR D 27 20.04 -42.95 13.39
N ASP D 28 18.82 -43.47 13.45
CA ASP D 28 18.60 -44.88 13.71
C ASP D 28 18.03 -45.43 12.43
N LEU D 29 18.18 -44.65 11.37
CA LEU D 29 17.71 -45.07 10.07
C LEU D 29 18.86 -45.47 9.17
N GLU D 30 18.55 -46.27 8.16
CA GLU D 30 19.56 -46.70 7.20
C GLU D 30 18.91 -46.96 5.85
N VAL D 31 18.92 -45.94 4.99
CA VAL D 31 18.33 -46.08 3.67
C VAL D 31 19.24 -47.02 2.89
N VAL D 32 18.69 -48.14 2.45
CA VAL D 32 19.46 -49.13 1.72
C VAL D 32 19.01 -49.26 0.27
N ALA D 33 17.82 -48.77 -0.04
CA ALA D 33 17.30 -48.87 -1.39
C ALA D 33 16.32 -47.76 -1.71
N ILE D 34 16.16 -47.48 -3.00
CA ILE D 34 15.26 -46.45 -3.49
C ILE D 34 14.53 -47.02 -4.70
N ASN D 35 13.21 -46.93 -4.72
CA ASN D 35 12.50 -47.42 -5.88
C ASN D 35 12.33 -46.22 -6.77
N ASN D 36 13.33 -45.96 -7.62
CA ASN D 36 13.28 -44.83 -8.53
C ASN D 36 12.23 -45.09 -9.61
N THR D 37 12.05 -44.12 -10.50
CA THR D 37 11.08 -44.25 -11.57
C THR D 37 11.86 -44.15 -12.90
N SER D 38 13.20 -44.17 -12.75
CA SER D 38 14.16 -44.09 -13.84
C SER D 38 15.47 -44.77 -13.44
N ASP D 39 16.52 -44.59 -14.24
CA ASP D 39 17.82 -45.18 -13.95
C ASP D 39 18.50 -44.60 -12.72
N ALA D 40 19.70 -45.10 -12.43
CA ALA D 40 20.48 -44.68 -11.27
C ALA D 40 21.21 -43.35 -11.44
N ARG D 41 21.46 -42.93 -12.68
CA ARG D 41 22.16 -41.67 -12.88
C ARG D 41 21.20 -40.50 -12.78
N THR D 42 19.95 -40.71 -13.22
CA THR D 42 18.92 -39.68 -13.15
C THR D 42 18.66 -39.37 -11.68
N ALA D 43 18.95 -40.35 -10.83
CA ALA D 43 18.76 -40.21 -9.40
C ALA D 43 19.89 -39.36 -8.83
N ALA D 44 21.14 -39.78 -9.07
CA ALA D 44 22.29 -39.04 -8.60
C ALA D 44 22.25 -37.61 -9.12
N HIS D 45 21.76 -37.46 -10.35
CA HIS D 45 21.64 -36.14 -10.99
C HIS D 45 20.66 -35.29 -10.18
N LEU D 46 19.39 -35.66 -10.24
CA LEU D 46 18.33 -34.96 -9.53
C LEU D 46 18.65 -34.73 -8.05
N LEU D 47 19.50 -35.59 -7.49
CA LEU D 47 19.87 -35.48 -6.09
C LEU D 47 20.92 -34.41 -5.88
N GLU D 48 21.67 -34.10 -6.94
CA GLU D 48 22.72 -33.11 -6.82
C GLU D 48 22.30 -31.71 -7.27
N TYR D 49 21.46 -31.62 -8.28
CA TYR D 49 21.02 -30.34 -8.80
C TYR D 49 19.56 -30.05 -8.49
N ASP D 50 19.33 -29.08 -7.59
CA ASP D 50 17.98 -28.70 -7.19
C ASP D 50 17.71 -27.23 -7.53
N SER D 51 16.67 -27.00 -8.35
CA SER D 51 16.26 -25.65 -8.78
C SER D 51 15.80 -24.83 -7.60
N VAL D 52 15.65 -25.50 -6.46
CA VAL D 52 15.20 -24.86 -5.24
C VAL D 52 16.26 -24.86 -4.14
N LEU D 53 16.58 -26.06 -3.65
CA LEU D 53 17.56 -26.22 -2.59
C LEU D 53 18.99 -25.90 -3.03
N GLY D 54 19.20 -25.81 -4.34
CA GLY D 54 20.53 -25.53 -4.83
C GLY D 54 21.35 -26.80 -4.87
N ARG D 55 22.53 -26.74 -5.46
CA ARG D 55 23.39 -27.89 -5.57
C ARG D 55 23.66 -28.54 -4.22
N PHE D 56 23.64 -29.87 -4.19
CA PHE D 56 23.88 -30.65 -2.97
C PHE D 56 25.35 -31.06 -2.89
N ASN D 57 26.02 -30.64 -1.81
CA ASN D 57 27.44 -30.95 -1.59
C ASN D 57 27.66 -32.33 -0.96
N ALA D 58 28.10 -33.30 -1.77
CA ALA D 58 28.36 -34.64 -1.27
C ALA D 58 29.13 -35.42 -2.34
N ASP D 59 29.54 -36.64 -2.00
CA ASP D 59 30.29 -37.46 -2.95
C ASP D 59 29.34 -38.35 -3.74
N ILE D 60 28.43 -37.70 -4.46
CA ILE D 60 27.42 -38.39 -5.27
C ILE D 60 28.03 -39.13 -6.47
N SER D 61 28.38 -40.39 -6.24
CA SER D 61 28.95 -41.24 -7.29
C SER D 61 28.00 -42.41 -7.53
N TYR D 62 27.30 -42.38 -8.66
CA TYR D 62 26.35 -43.45 -8.97
C TYR D 62 26.95 -44.65 -9.70
N ASP D 63 26.10 -45.63 -9.98
CA ASP D 63 26.51 -46.87 -10.64
C ASP D 63 25.44 -47.35 -11.64
N GLU D 64 25.62 -48.55 -12.17
CA GLU D 64 24.68 -49.14 -13.12
C GLU D 64 23.28 -49.23 -12.51
N ASN D 65 23.24 -49.50 -11.20
CA ASN D 65 21.98 -49.62 -10.48
C ASN D 65 22.18 -49.45 -8.97
N SER D 66 22.96 -48.45 -8.58
CA SER D 66 23.19 -48.19 -7.17
C SER D 66 24.00 -46.93 -6.95
N ILE D 67 23.32 -45.84 -6.59
CA ILE D 67 24.02 -44.60 -6.34
C ILE D 67 24.72 -44.71 -4.98
N THR D 68 25.63 -43.78 -4.71
CA THR D 68 26.36 -43.78 -3.46
C THR D 68 26.59 -42.34 -3.04
N VAL D 69 26.24 -42.03 -1.79
CA VAL D 69 26.40 -40.69 -1.25
C VAL D 69 27.26 -40.77 0.01
N ASN D 70 28.37 -40.03 0.01
CA ASN D 70 29.29 -40.02 1.15
C ASN D 70 29.53 -41.41 1.72
N GLY D 71 30.04 -42.29 0.86
CA GLY D 71 30.32 -43.66 1.26
C GLY D 71 29.12 -44.42 1.78
N LYS D 72 28.00 -44.36 1.05
CA LYS D 72 26.79 -45.07 1.44
C LYS D 72 26.03 -45.42 0.18
N THR D 73 26.06 -46.69 -0.19
CA THR D 73 25.38 -47.11 -1.40
C THR D 73 23.92 -47.46 -1.14
N MET D 74 23.10 -47.30 -2.17
CA MET D 74 21.68 -47.58 -2.09
C MET D 74 21.20 -48.19 -3.40
N LYS D 75 20.76 -49.43 -3.34
CA LYS D 75 20.29 -50.13 -4.54
C LYS D 75 19.16 -49.32 -5.18
N ILE D 76 19.19 -49.20 -6.49
CA ILE D 76 18.14 -48.47 -7.18
C ILE D 76 17.38 -49.44 -8.06
N VAL D 77 16.12 -49.62 -7.73
CA VAL D 77 15.25 -50.52 -8.48
C VAL D 77 14.00 -49.75 -8.86
N CYS D 78 13.41 -50.09 -10.00
CA CYS D 78 12.21 -49.39 -10.42
C CYS D 78 11.08 -50.30 -10.84
N ASP D 79 10.15 -50.53 -9.93
CA ASP D 79 8.99 -51.36 -10.22
C ASP D 79 7.75 -50.53 -9.99
N ARG D 80 6.93 -50.44 -11.04
CA ARG D 80 5.70 -49.66 -10.95
C ARG D 80 4.63 -50.32 -10.10
N ASN D 81 4.95 -51.50 -9.55
CA ASN D 81 4.00 -52.22 -8.71
C ASN D 81 4.66 -52.63 -7.40
N PRO D 82 4.16 -52.11 -6.29
CA PRO D 82 4.73 -52.44 -4.98
C PRO D 82 4.86 -53.96 -4.76
N LEU D 83 3.81 -54.71 -5.09
CA LEU D 83 3.83 -56.16 -4.91
C LEU D 83 5.10 -56.79 -5.47
N ASN D 84 5.57 -56.27 -6.61
CA ASN D 84 6.77 -56.80 -7.28
C ASN D 84 8.08 -56.43 -6.60
N LEU D 85 8.02 -55.51 -5.65
CA LEU D 85 9.22 -55.07 -4.96
C LEU D 85 9.84 -56.13 -4.05
N PRO D 86 11.18 -56.18 -4.01
CA PRO D 86 11.98 -57.12 -3.21
C PRO D 86 12.21 -56.67 -1.77
N TRP D 87 11.14 -56.28 -1.08
CA TRP D 87 11.27 -55.79 0.29
C TRP D 87 11.72 -56.84 1.30
N LYS D 88 11.03 -57.97 1.37
CA LYS D 88 11.43 -58.99 2.34
C LYS D 88 12.84 -59.48 1.98
N GLU D 89 13.10 -59.59 0.69
CA GLU D 89 14.41 -60.01 0.21
C GLU D 89 15.53 -59.14 0.74
N TRP D 90 15.29 -57.83 0.67
CA TRP D 90 16.27 -56.87 1.12
C TRP D 90 16.09 -56.50 2.60
N ASP D 91 15.23 -57.24 3.29
CA ASP D 91 14.99 -57.01 4.70
C ASP D 91 14.65 -55.54 4.94
N ILE D 92 13.59 -55.07 4.27
CA ILE D 92 13.17 -53.69 4.43
C ILE D 92 12.15 -53.55 5.55
N ASP D 93 12.53 -52.82 6.59
CA ASP D 93 11.64 -52.61 7.73
C ASP D 93 10.60 -51.53 7.43
N LEU D 94 11.08 -50.33 7.16
CA LEU D 94 10.21 -49.18 6.88
C LEU D 94 10.38 -48.65 5.47
N VAL D 95 9.28 -48.42 4.78
CA VAL D 95 9.32 -47.91 3.43
C VAL D 95 8.66 -46.53 3.39
N ILE D 96 9.43 -45.53 2.95
CA ILE D 96 8.95 -44.15 2.83
C ILE D 96 8.14 -44.02 1.54
N GLU D 97 6.81 -44.07 1.65
CA GLU D 97 5.94 -43.98 0.48
C GLU D 97 5.76 -42.51 0.09
N SER D 98 6.43 -42.10 -0.97
CA SER D 98 6.34 -40.71 -1.42
C SER D 98 6.04 -40.58 -2.89
N THR D 99 5.03 -41.28 -3.38
CA THR D 99 4.67 -41.21 -4.78
C THR D 99 3.28 -40.64 -4.89
N GLY D 100 2.62 -40.50 -3.75
CA GLY D 100 1.28 -39.95 -3.71
C GLY D 100 0.22 -40.81 -4.36
N VAL D 101 0.59 -41.97 -4.90
CA VAL D 101 -0.40 -42.84 -5.54
C VAL D 101 -1.04 -43.90 -4.61
N PHE D 102 -0.29 -44.38 -3.63
CA PHE D 102 -0.80 -45.37 -2.69
C PHE D 102 -0.97 -44.71 -1.33
N VAL D 103 -2.10 -44.06 -1.12
CA VAL D 103 -2.33 -43.35 0.13
C VAL D 103 -3.43 -43.92 1.00
N THR D 104 -3.97 -45.06 0.58
CA THR D 104 -5.01 -45.75 1.33
C THR D 104 -4.29 -46.83 2.13
N ALA D 105 -4.89 -47.27 3.23
CA ALA D 105 -4.25 -48.30 4.04
C ALA D 105 -4.01 -49.52 3.15
N GLU D 106 -5.02 -49.88 2.38
CA GLU D 106 -4.94 -51.02 1.46
C GLU D 106 -3.76 -50.95 0.51
N GLY D 107 -3.77 -49.95 -0.37
CA GLY D 107 -2.68 -49.79 -1.34
C GLY D 107 -1.30 -49.74 -0.73
N ALA D 108 -1.11 -48.90 0.28
CA ALA D 108 0.18 -48.75 0.95
C ALA D 108 0.66 -50.10 1.46
N SER D 109 -0.28 -50.99 1.75
CA SER D 109 0.04 -52.32 2.27
C SER D 109 0.73 -53.21 1.27
N LYS D 110 0.59 -52.92 -0.03
CA LYS D 110 1.24 -53.71 -1.06
C LYS D 110 2.74 -53.77 -0.76
N HIS D 111 3.26 -52.75 -0.09
CA HIS D 111 4.68 -52.71 0.29
C HIS D 111 4.94 -53.71 1.42
N ILE D 112 3.88 -54.03 2.14
CA ILE D 112 3.95 -54.98 3.25
C ILE D 112 3.91 -56.40 2.69
N GLN D 113 2.95 -56.67 1.81
CA GLN D 113 2.85 -57.98 1.18
C GLN D 113 4.19 -58.27 0.53
N ALA D 114 4.75 -57.24 -0.07
CA ALA D 114 6.04 -57.34 -0.73
C ALA D 114 7.16 -57.66 0.26
N GLY D 115 6.86 -57.55 1.55
CA GLY D 115 7.90 -57.89 2.52
C GLY D 115 8.34 -56.83 3.52
N ALA D 116 7.80 -55.61 3.40
CA ALA D 116 8.17 -54.54 4.31
C ALA D 116 7.24 -54.57 5.52
N LYS D 117 7.79 -54.24 6.68
CA LYS D 117 7.00 -54.23 7.91
C LYS D 117 6.09 -53.00 8.03
N LYS D 118 6.67 -51.80 8.05
CA LYS D 118 5.88 -50.58 8.17
C LYS D 118 6.02 -49.59 6.98
N VAL D 119 4.91 -48.97 6.62
CA VAL D 119 4.89 -48.01 5.53
C VAL D 119 4.55 -46.61 6.06
N LEU D 120 5.35 -45.62 5.68
CA LEU D 120 5.13 -44.22 6.08
C LEU D 120 4.78 -43.31 4.90
N ILE D 121 3.49 -43.04 4.73
CA ILE D 121 3.01 -42.17 3.66
C ILE D 121 3.38 -40.70 3.87
N THR D 122 4.08 -40.12 2.90
CA THR D 122 4.45 -38.70 2.96
C THR D 122 3.36 -37.88 2.31
N ALA D 123 2.11 -38.11 2.73
CA ALA D 123 0.95 -37.41 2.20
C ALA D 123 -0.24 -37.76 3.06
N PRO D 124 -1.32 -37.01 2.95
CA PRO D 124 -2.47 -37.36 3.78
C PRO D 124 -2.96 -38.75 3.44
N GLY D 125 -3.33 -39.52 4.46
CA GLY D 125 -3.84 -40.85 4.20
C GLY D 125 -5.27 -40.74 3.70
N LYS D 126 -5.66 -41.64 2.80
CA LYS D 126 -7.02 -41.63 2.25
C LYS D 126 -7.80 -42.82 2.80
N ALA D 127 -8.91 -42.54 3.49
CA ALA D 127 -9.77 -43.56 4.10
C ALA D 127 -9.07 -44.26 5.27
N GLU D 128 -9.73 -44.25 6.43
CA GLU D 128 -9.20 -44.84 7.66
C GLU D 128 -8.40 -46.13 7.52
N GLY D 129 -7.61 -46.40 8.55
CA GLY D 129 -6.74 -47.57 8.56
C GLY D 129 -5.30 -47.05 8.61
N VAL D 130 -5.15 -45.75 8.38
CA VAL D 130 -3.85 -45.11 8.39
C VAL D 130 -3.70 -44.30 9.66
N GLY D 131 -2.53 -44.37 10.26
CA GLY D 131 -2.28 -43.61 11.48
C GLY D 131 -1.56 -42.29 11.19
N THR D 132 -2.29 -41.19 11.30
CA THR D 132 -1.71 -39.87 11.04
C THR D 132 -1.05 -39.28 12.30
N TYR D 133 0.17 -38.79 12.14
CA TYR D 133 0.90 -38.18 13.24
C TYR D 133 1.54 -36.89 12.75
N VAL D 134 1.66 -35.91 13.63
CA VAL D 134 2.28 -34.63 13.30
C VAL D 134 3.26 -34.30 14.42
N ILE D 135 4.55 -34.44 14.14
CA ILE D 135 5.58 -34.16 15.15
C ILE D 135 5.31 -32.84 15.87
N GLY D 136 5.38 -32.89 17.19
CA GLY D 136 5.14 -31.71 18.01
C GLY D 136 3.68 -31.54 18.40
N VAL D 137 2.81 -32.35 17.82
CA VAL D 137 1.40 -32.24 18.11
C VAL D 137 0.79 -33.49 18.73
N ASN D 138 1.13 -34.66 18.22
CA ASN D 138 0.58 -35.90 18.76
C ASN D 138 1.53 -37.08 18.56
N ASP D 139 2.81 -36.79 18.37
CA ASP D 139 3.82 -37.83 18.19
C ASP D 139 4.06 -38.53 19.52
N SER D 140 3.45 -38.00 20.56
CA SER D 140 3.59 -38.57 21.88
C SER D 140 2.77 -39.86 22.05
N GLU D 141 1.68 -39.94 21.31
CA GLU D 141 0.76 -41.08 21.35
C GLU D 141 1.17 -42.16 20.39
N TYR D 142 2.37 -42.03 19.83
CA TYR D 142 2.82 -43.01 18.87
C TYR D 142 3.16 -44.32 19.55
N ARG D 143 2.51 -45.39 19.08
CA ARG D 143 2.77 -46.74 19.56
C ARG D 143 3.05 -47.58 18.32
N HIS D 144 4.18 -48.25 18.31
CA HIS D 144 4.57 -49.04 17.16
C HIS D 144 3.55 -50.04 16.62
N GLU D 145 2.76 -50.63 17.50
CA GLU D 145 1.80 -51.62 17.05
C GLU D 145 0.45 -51.09 16.59
N ASP D 146 0.21 -49.80 16.77
CA ASP D 146 -1.06 -49.19 16.37
C ASP D 146 -1.35 -49.32 14.87
N PHE D 147 -0.44 -48.85 14.03
CA PHE D 147 -0.64 -48.93 12.58
C PHE D 147 0.55 -49.43 11.78
N ALA D 148 0.25 -50.16 10.71
CA ALA D 148 1.28 -50.67 9.83
C ALA D 148 1.49 -49.63 8.72
N VAL D 149 0.48 -48.79 8.49
CA VAL D 149 0.54 -47.72 7.50
C VAL D 149 0.32 -46.36 8.18
N ILE D 150 1.40 -45.62 8.38
CA ILE D 150 1.30 -44.32 9.03
C ILE D 150 1.48 -43.16 8.06
N SER D 151 0.84 -42.03 8.39
CA SER D 151 0.90 -40.82 7.57
C SER D 151 1.57 -39.68 8.33
N ASN D 152 1.94 -38.64 7.60
CA ASN D 152 2.58 -37.48 8.21
C ASN D 152 1.78 -36.25 7.82
N ALA D 153 0.57 -36.48 7.35
CA ALA D 153 -0.33 -35.42 6.92
C ALA D 153 0.31 -34.68 5.76
N SER D 154 -0.22 -33.50 5.43
CA SER D 154 0.34 -32.71 4.35
C SER D 154 1.26 -31.68 4.97
N CYS D 155 2.06 -31.00 4.16
CA CYS D 155 2.98 -29.97 4.67
C CYS D 155 2.18 -28.79 5.20
N THR D 156 1.02 -28.55 4.62
CA THR D 156 0.13 -27.46 5.04
C THR D 156 -0.33 -27.76 6.47
N THR D 157 -0.70 -29.02 6.71
CA THR D 157 -1.17 -29.47 8.02
C THR D 157 -0.06 -29.39 9.06
N ASN D 158 1.19 -29.61 8.64
CA ASN D 158 2.30 -29.56 9.58
C ASN D 158 2.68 -28.14 9.96
N CYS D 159 2.05 -27.19 9.29
CA CYS D 159 2.29 -25.77 9.55
C CYS D 159 1.20 -25.32 10.51
N LEU D 160 -0.04 -25.60 10.11
CA LEU D 160 -1.25 -25.25 10.86
C LEU D 160 -1.44 -25.96 12.20
N ALA D 161 -1.26 -27.27 12.23
CA ALA D 161 -1.45 -28.03 13.46
C ALA D 161 -0.65 -27.51 14.66
N PRO D 162 0.67 -27.31 14.50
CA PRO D 162 1.47 -26.81 15.64
C PRO D 162 0.94 -25.48 16.18
N VAL D 163 0.55 -24.59 15.29
CA VAL D 163 0.03 -23.30 15.71
C VAL D 163 -1.31 -23.48 16.41
N ALA D 164 -2.23 -24.18 15.75
CA ALA D 164 -3.57 -24.43 16.31
C ALA D 164 -3.49 -25.05 17.70
N LYS D 165 -2.49 -25.90 17.91
CA LYS D 165 -2.31 -26.55 19.20
C LYS D 165 -2.05 -25.48 20.26
N VAL D 166 -0.92 -24.78 20.13
CA VAL D 166 -0.53 -23.72 21.06
C VAL D 166 -1.72 -22.77 21.31
N LEU D 167 -2.35 -22.32 20.25
CA LEU D 167 -3.50 -21.43 20.38
C LEU D 167 -4.61 -22.07 21.22
N HIS D 168 -4.90 -23.34 20.98
CA HIS D 168 -5.94 -24.05 21.72
C HIS D 168 -5.62 -24.28 23.19
N ASP D 169 -4.40 -24.71 23.48
CA ASP D 169 -4.04 -24.97 24.86
C ASP D 169 -4.01 -23.71 25.69
N ASN D 170 -3.89 -22.56 25.04
CA ASN D 170 -3.79 -21.31 25.76
C ASN D 170 -5.01 -20.41 25.80
N PHE D 171 -5.86 -20.45 24.79
CA PHE D 171 -7.04 -19.56 24.78
C PHE D 171 -8.31 -20.33 24.44
N GLY D 172 -8.12 -21.58 24.04
CA GLY D 172 -9.23 -22.43 23.70
C GLY D 172 -9.98 -22.06 22.44
N ILE D 173 -9.66 -22.72 21.35
CA ILE D 173 -10.34 -22.46 20.08
C ILE D 173 -11.78 -22.92 20.19
N ILE D 174 -12.69 -22.10 19.71
CA ILE D 174 -14.11 -22.41 19.77
C ILE D 174 -14.52 -22.79 18.37
N LYS D 175 -14.05 -22.01 17.41
CA LYS D 175 -14.36 -22.23 16.01
C LYS D 175 -13.36 -21.39 15.24
N GLY D 176 -12.91 -21.89 14.10
CA GLY D 176 -11.94 -21.14 13.32
C GLY D 176 -12.12 -21.35 11.84
N THR D 177 -11.25 -20.71 11.07
CA THR D 177 -11.29 -20.78 9.62
C THR D 177 -9.89 -20.43 9.12
N MET D 178 -9.39 -21.16 8.13
CA MET D 178 -8.08 -20.84 7.62
C MET D 178 -8.08 -20.75 6.11
N THR D 179 -6.98 -20.22 5.58
CA THR D 179 -6.83 -20.04 4.14
C THR D 179 -5.36 -20.23 3.83
N THR D 180 -5.07 -21.19 2.96
CA THR D 180 -3.68 -21.44 2.62
C THR D 180 -3.40 -21.01 1.18
N THR D 181 -2.25 -20.37 1.00
CA THR D 181 -1.82 -19.91 -0.31
C THR D 181 -0.60 -20.73 -0.69
N HIS D 182 -0.81 -21.75 -1.52
CA HIS D 182 0.24 -22.66 -1.95
C HIS D 182 1.02 -22.18 -3.13
N SER D 183 1.87 -23.07 -3.62
CA SER D 183 2.67 -22.85 -4.80
C SER D 183 2.09 -23.76 -5.90
N TYR D 184 2.93 -24.27 -6.80
CA TYR D 184 2.47 -25.13 -7.91
C TYR D 184 1.00 -25.52 -7.86
N ALA D 201 -7.17 -27.07 -12.56
CA ALA D 201 -7.13 -27.70 -13.87
C ALA D 201 -6.90 -26.65 -14.96
N ARG D 202 -6.37 -25.49 -14.55
CA ARG D 202 -6.10 -24.39 -15.49
C ARG D 202 -4.68 -23.87 -15.38
N ALA D 203 -4.36 -22.87 -16.21
CA ALA D 203 -3.03 -22.27 -16.23
C ALA D 203 -2.59 -21.86 -14.83
N ALA D 204 -1.83 -22.73 -14.17
CA ALA D 204 -1.37 -22.46 -12.82
C ALA D 204 -0.35 -21.33 -12.73
N ALA D 205 0.50 -21.21 -13.74
CA ALA D 205 1.55 -20.18 -13.73
C ALA D 205 1.10 -18.73 -13.95
N VAL D 206 -0.15 -18.54 -14.40
CA VAL D 206 -0.65 -17.18 -14.63
C VAL D 206 -1.97 -16.90 -13.91
N ASN D 207 -2.44 -17.85 -13.11
CA ASN D 207 -3.70 -17.71 -12.38
C ASN D 207 -3.62 -18.00 -10.87
N ILE D 208 -4.64 -17.53 -10.17
CA ILE D 208 -4.77 -17.78 -8.74
C ILE D 208 -5.89 -18.81 -8.71
N VAL D 209 -5.55 -20.04 -8.36
CA VAL D 209 -6.53 -21.11 -8.36
C VAL D 209 -7.08 -21.47 -6.99
N PRO D 210 -8.41 -21.46 -6.87
CA PRO D 210 -9.16 -21.78 -5.65
C PRO D 210 -9.30 -23.29 -5.48
N THR D 211 -8.22 -23.98 -5.19
CA THR D 211 -8.27 -25.43 -5.01
C THR D 211 -8.80 -25.77 -3.62
N THR D 212 -8.97 -27.07 -3.35
CA THR D 212 -9.46 -27.52 -2.06
C THR D 212 -8.29 -27.95 -1.17
N THR D 213 -8.53 -27.95 0.14
CA THR D 213 -7.53 -28.36 1.10
C THR D 213 -8.28 -29.11 2.19
N GLY D 214 -7.62 -30.10 2.79
CA GLY D 214 -8.25 -30.87 3.84
C GLY D 214 -7.49 -30.69 5.14
N ALA D 215 -6.50 -29.82 5.14
CA ALA D 215 -5.70 -29.58 6.34
C ALA D 215 -6.55 -29.16 7.52
N ALA D 216 -7.62 -28.43 7.23
CA ALA D 216 -8.50 -27.97 8.29
C ALA D 216 -8.98 -29.17 9.04
N LYS D 217 -9.66 -30.05 8.32
CA LYS D 217 -10.20 -31.24 8.95
C LYS D 217 -9.12 -32.22 9.40
N ALA D 218 -7.98 -32.22 8.71
CA ALA D 218 -6.89 -33.11 9.08
C ALA D 218 -6.35 -32.77 10.47
N VAL D 219 -6.54 -31.54 10.93
CA VAL D 219 -6.05 -31.15 12.24
C VAL D 219 -6.82 -31.93 13.32
N ALA D 220 -8.10 -32.21 13.03
CA ALA D 220 -8.96 -32.95 13.94
C ALA D 220 -8.43 -34.35 14.24
N LEU D 221 -7.48 -34.81 13.43
CA LEU D 221 -6.89 -36.12 13.62
C LEU D 221 -5.82 -36.07 14.70
N VAL D 222 -4.92 -35.10 14.63
CA VAL D 222 -3.86 -35.00 15.63
C VAL D 222 -4.22 -34.09 16.80
N ILE D 223 -5.38 -33.47 16.73
CA ILE D 223 -5.87 -32.61 17.81
C ILE D 223 -7.36 -32.83 17.82
N PRO D 224 -7.78 -34.04 18.25
CA PRO D 224 -9.17 -34.47 18.35
C PRO D 224 -10.15 -33.43 18.89
N GLU D 225 -9.71 -32.64 19.88
CA GLU D 225 -10.60 -31.62 20.45
C GLU D 225 -11.10 -30.59 19.44
N LEU D 226 -10.32 -30.35 18.39
CA LEU D 226 -10.70 -29.38 17.37
C LEU D 226 -11.56 -29.99 16.28
N LYS D 227 -11.96 -31.25 16.49
CA LYS D 227 -12.80 -31.96 15.54
C LYS D 227 -13.99 -31.06 15.20
N GLY D 228 -14.27 -30.89 13.92
CA GLY D 228 -15.40 -30.07 13.48
C GLY D 228 -15.33 -28.59 13.80
N LYS D 229 -14.21 -28.12 14.33
CA LYS D 229 -14.09 -26.72 14.69
C LYS D 229 -13.34 -25.85 13.67
N LEU D 230 -12.62 -26.49 12.76
CA LEU D 230 -11.89 -25.72 11.74
C LEU D 230 -12.34 -26.11 10.36
N ASN D 231 -12.08 -25.25 9.40
CA ASN D 231 -12.45 -25.51 8.03
C ASN D 231 -11.89 -24.42 7.15
N GLY D 232 -11.03 -24.77 6.20
CA GLY D 232 -10.46 -23.77 5.33
C GLY D 232 -10.52 -24.04 3.85
N ILE D 233 -9.86 -23.17 3.08
CA ILE D 233 -9.80 -23.29 1.64
C ILE D 233 -8.37 -22.99 1.23
N ALA D 234 -8.09 -23.14 -0.06
CA ALA D 234 -6.73 -22.91 -0.53
C ALA D 234 -6.68 -22.09 -1.80
N LEU D 235 -5.62 -21.31 -1.95
CA LEU D 235 -5.42 -20.50 -3.12
C LEU D 235 -4.03 -20.76 -3.71
N ARG D 236 -3.99 -21.37 -4.89
CA ARG D 236 -2.72 -21.69 -5.55
C ARG D 236 -2.20 -20.47 -6.30
N VAL D 237 -1.01 -20.02 -5.92
CA VAL D 237 -0.39 -18.88 -6.55
C VAL D 237 0.96 -19.24 -7.17
N PRO D 238 1.27 -18.65 -8.33
CA PRO D 238 2.53 -18.92 -9.02
C PRO D 238 3.78 -18.45 -8.31
N THR D 239 4.00 -18.89 -7.07
CA THR D 239 5.20 -18.48 -6.37
C THR D 239 6.17 -19.65 -6.32
N PRO D 240 7.44 -19.36 -6.04
CA PRO D 240 8.48 -20.40 -5.97
C PRO D 240 8.36 -21.48 -4.91
N ASN D 241 9.00 -21.29 -3.76
CA ASN D 241 9.01 -22.35 -2.75
C ASN D 241 8.53 -22.10 -1.33
N VAL D 242 7.66 -21.12 -1.14
CA VAL D 242 7.17 -20.84 0.20
C VAL D 242 5.69 -20.51 0.18
N SER D 243 4.93 -21.14 1.06
CA SER D 243 3.50 -20.92 1.15
C SER D 243 3.14 -20.34 2.51
N VAL D 244 1.89 -19.90 2.64
CA VAL D 244 1.48 -19.30 3.89
C VAL D 244 0.08 -19.72 4.33
N VAL D 245 -0.09 -19.84 5.64
CA VAL D 245 -1.37 -20.21 6.22
C VAL D 245 -1.94 -19.00 6.95
N ASP D 246 -3.21 -18.73 6.70
CA ASP D 246 -3.94 -17.62 7.30
C ASP D 246 -5.05 -18.14 8.25
N LEU D 247 -4.72 -18.29 9.52
CA LEU D 247 -5.67 -18.80 10.50
C LEU D 247 -6.44 -17.73 11.26
N VAL D 248 -7.76 -17.87 11.34
CA VAL D 248 -8.60 -16.93 12.08
C VAL D 248 -9.53 -17.72 12.99
N VAL D 249 -9.21 -17.73 14.28
CA VAL D 249 -10.00 -18.47 15.25
C VAL D 249 -10.73 -17.55 16.23
N GLN D 250 -11.72 -18.10 16.91
CA GLN D 250 -12.45 -17.34 17.91
C GLN D 250 -12.15 -18.07 19.22
N VAL D 251 -11.26 -17.52 20.04
CA VAL D 251 -10.93 -18.17 21.29
C VAL D 251 -11.92 -17.79 22.36
N GLU D 252 -11.81 -18.39 23.54
CA GLU D 252 -12.74 -18.05 24.60
C GLU D 252 -12.10 -17.22 25.66
N LYS D 253 -10.81 -17.45 25.91
CA LYS D 253 -10.10 -16.64 26.89
C LYS D 253 -9.60 -15.41 26.16
N PRO D 254 -10.20 -14.23 26.46
CA PRO D 254 -9.83 -12.97 25.85
C PRO D 254 -8.38 -12.59 26.04
N THR D 255 -7.79 -12.01 25.00
CA THR D 255 -6.40 -11.59 25.04
C THR D 255 -6.10 -10.40 24.14
N ILE D 256 -4.81 -10.12 24.02
CA ILE D 256 -4.35 -9.01 23.19
C ILE D 256 -3.28 -9.53 22.23
N THR D 257 -3.13 -8.83 21.11
CA THR D 257 -2.16 -9.19 20.09
C THR D 257 -0.82 -9.54 20.67
N GLU D 258 -0.35 -8.69 21.58
CA GLU D 258 0.95 -8.91 22.20
C GLU D 258 0.97 -10.25 22.92
N GLN D 259 -0.11 -10.58 23.63
CA GLN D 259 -0.18 -11.83 24.38
C GLN D 259 -0.08 -13.07 23.51
N VAL D 260 -0.76 -13.06 22.37
CA VAL D 260 -0.71 -14.21 21.48
C VAL D 260 0.74 -14.42 21.05
N ASN D 261 1.37 -13.38 20.51
CA ASN D 261 2.77 -13.47 20.08
C ASN D 261 3.65 -14.00 21.19
N GLU D 262 3.24 -13.70 22.41
CA GLU D 262 3.96 -14.12 23.60
C GLU D 262 3.99 -15.64 23.74
N VAL D 263 2.82 -16.26 23.79
CA VAL D 263 2.78 -17.71 23.95
C VAL D 263 3.43 -18.45 22.75
N LEU D 264 3.23 -17.94 21.54
CA LEU D 264 3.78 -18.55 20.35
C LEU D 264 5.31 -18.48 20.39
N GLN D 265 5.83 -17.36 20.88
CA GLN D 265 7.26 -17.22 20.97
C GLN D 265 7.77 -18.20 22.02
N LYS D 266 7.07 -18.27 23.15
CA LYS D 266 7.48 -19.17 24.22
C LYS D 266 7.50 -20.60 23.74
N ALA D 267 6.52 -20.92 22.91
CA ALA D 267 6.42 -22.27 22.35
C ALA D 267 7.64 -22.58 21.51
N SER D 268 7.97 -21.70 20.59
CA SER D 268 9.10 -21.92 19.71
C SER D 268 10.42 -22.10 20.45
N GLN D 269 10.46 -21.72 21.72
CA GLN D 269 11.69 -21.85 22.51
C GLN D 269 11.63 -23.04 23.44
N THR D 270 10.44 -23.60 23.60
CA THR D 270 10.24 -24.73 24.50
C THR D 270 9.47 -25.86 23.81
N THR D 271 8.22 -26.03 24.24
CA THR D 271 7.31 -27.04 23.74
C THR D 271 7.35 -27.28 22.22
N MET D 272 7.32 -26.21 21.42
CA MET D 272 7.34 -26.37 19.98
C MET D 272 8.69 -26.11 19.33
N LYS D 273 9.72 -25.99 20.16
CA LYS D 273 11.07 -25.73 19.69
C LYS D 273 11.46 -26.67 18.56
N GLY D 274 11.96 -26.11 17.47
CA GLY D 274 12.33 -26.91 16.32
C GLY D 274 11.16 -27.11 15.38
N ILE D 275 9.94 -26.98 15.90
CA ILE D 275 8.75 -27.16 15.08
C ILE D 275 8.24 -25.82 14.60
N ILE D 276 8.06 -24.90 15.54
CA ILE D 276 7.59 -23.58 15.23
C ILE D 276 8.73 -22.59 15.37
N LYS D 277 8.84 -21.70 14.39
CA LYS D 277 9.84 -20.66 14.42
C LYS D 277 9.11 -19.35 14.63
N TYR D 278 9.59 -18.56 15.58
CA TYR D 278 8.99 -17.26 15.84
C TYR D 278 9.79 -16.18 15.10
N SER D 279 9.17 -15.58 14.09
CA SER D 279 9.84 -14.54 13.31
C SER D 279 9.26 -13.16 13.55
N ASP D 280 9.96 -12.36 14.35
CA ASP D 280 9.50 -11.01 14.66
C ASP D 280 10.25 -9.96 13.83
N LEU D 281 10.74 -10.39 12.67
CA LEU D 281 11.46 -9.50 11.77
C LEU D 281 10.61 -9.27 10.53
N PRO D 282 10.96 -8.24 9.74
CA PRO D 282 10.26 -7.88 8.50
C PRO D 282 10.84 -8.63 7.30
N LEU D 283 10.39 -9.86 7.09
CA LEU D 283 10.90 -10.65 5.99
C LEU D 283 9.82 -10.96 4.98
N VAL D 284 10.24 -11.61 3.89
CA VAL D 284 9.34 -12.00 2.83
C VAL D 284 9.49 -13.49 2.57
N SER D 285 8.51 -14.06 1.87
CA SER D 285 8.51 -15.49 1.58
C SER D 285 9.87 -16.11 1.30
N SER D 286 10.55 -15.60 0.28
CA SER D 286 11.86 -16.13 -0.09
C SER D 286 12.86 -16.28 1.06
N ASP D 287 12.75 -15.43 2.08
CA ASP D 287 13.66 -15.50 3.21
C ASP D 287 13.50 -16.73 4.09
N PHE D 288 12.52 -17.57 3.76
CA PHE D 288 12.27 -18.76 4.55
C PHE D 288 12.60 -20.08 3.86
N ARG D 289 13.34 -20.02 2.75
CA ARG D 289 13.72 -21.24 2.05
C ARG D 289 14.81 -21.95 2.83
N GLY D 290 14.67 -23.26 2.98
CA GLY D 290 15.67 -24.02 3.70
C GLY D 290 15.46 -24.00 5.20
N THR D 291 14.34 -23.44 5.64
CA THR D 291 14.03 -23.38 7.06
C THR D 291 13.62 -24.77 7.53
N ASP D 292 14.15 -25.22 8.66
CA ASP D 292 13.82 -26.54 9.17
C ASP D 292 12.50 -26.64 9.93
N GLU D 293 12.02 -25.52 10.48
CA GLU D 293 10.76 -25.54 11.21
C GLU D 293 9.60 -25.83 10.25
N SER D 294 8.51 -26.37 10.78
CA SER D 294 7.34 -26.70 9.98
C SER D 294 6.40 -25.52 9.89
N SER D 295 6.48 -24.64 10.88
CA SER D 295 5.62 -23.47 10.91
C SER D 295 6.44 -22.24 11.32
N ILE D 296 6.27 -21.16 10.56
CA ILE D 296 6.99 -19.93 10.83
C ILE D 296 5.99 -18.81 11.10
N VAL D 297 5.81 -18.46 12.37
CA VAL D 297 4.87 -17.42 12.70
C VAL D 297 5.45 -16.03 12.46
N ASP D 298 4.76 -15.24 11.66
CA ASP D 298 5.20 -13.89 11.39
C ASP D 298 4.48 -12.99 12.36
N SER D 299 5.05 -12.84 13.56
CA SER D 299 4.48 -12.04 14.64
C SER D 299 3.93 -10.67 14.24
N SER D 300 4.69 -9.93 13.44
CA SER D 300 4.25 -8.60 13.02
C SER D 300 2.89 -8.66 12.33
N LEU D 301 2.43 -9.85 12.00
CA LEU D 301 1.14 -9.98 11.32
C LEU D 301 0.01 -10.44 12.22
N THR D 302 0.34 -10.79 13.47
CA THR D 302 -0.65 -11.24 14.43
C THR D 302 -1.65 -10.11 14.61
N LEU D 303 -2.89 -10.45 14.96
CA LEU D 303 -3.94 -9.44 15.13
C LEU D 303 -5.12 -10.01 15.92
N VAL D 304 -5.53 -9.32 16.97
CA VAL D 304 -6.65 -9.75 17.79
C VAL D 304 -7.78 -8.71 17.72
N MET D 305 -8.99 -9.15 17.44
CA MET D 305 -10.11 -8.23 17.37
C MET D 305 -11.04 -8.46 18.56
N ASP D 306 -11.25 -7.41 19.34
CA ASP D 306 -12.15 -7.48 20.49
C ASP D 306 -11.73 -8.54 21.49
N GLY D 307 -10.41 -8.72 21.66
CA GLY D 307 -9.91 -9.70 22.61
C GLY D 307 -10.14 -11.19 22.36
N ASP D 308 -11.17 -11.55 21.62
CA ASP D 308 -11.45 -12.96 21.39
C ASP D 308 -11.35 -13.51 19.95
N LEU D 309 -11.18 -12.64 18.95
CA LEU D 309 -11.06 -13.10 17.57
C LEU D 309 -9.62 -12.91 17.12
N VAL D 310 -8.79 -13.93 17.24
CA VAL D 310 -7.39 -13.79 16.85
C VAL D 310 -7.04 -14.35 15.47
N LYS D 311 -6.06 -13.72 14.82
CA LYS D 311 -5.60 -14.11 13.49
C LYS D 311 -4.10 -14.33 13.49
N VAL D 312 -3.66 -15.50 13.03
CA VAL D 312 -2.24 -15.75 12.95
C VAL D 312 -1.82 -16.14 11.52
N ILE D 313 -0.65 -15.66 11.11
CA ILE D 313 -0.15 -15.94 9.77
C ILE D 313 1.17 -16.65 9.96
N ALA D 314 1.36 -17.76 9.25
CA ALA D 314 2.61 -18.50 9.37
C ALA D 314 3.04 -19.00 8.01
N TRP D 315 4.35 -19.03 7.81
CA TRP D 315 4.95 -19.48 6.55
C TRP D 315 5.50 -20.87 6.71
N TYR D 316 5.68 -21.54 5.59
CA TYR D 316 6.28 -22.86 5.57
C TYR D 316 6.94 -23.09 4.21
N ASP D 317 8.12 -23.69 4.24
CA ASP D 317 8.87 -23.97 3.02
C ASP D 317 8.31 -25.21 2.35
N ASN D 318 7.22 -25.05 1.60
CA ASN D 318 6.57 -26.15 0.90
C ASN D 318 6.98 -27.57 1.30
N GLU D 319 8.07 -28.07 0.73
CA GLU D 319 8.49 -29.44 1.00
C GLU D 319 9.69 -29.64 1.94
N TRP D 320 10.51 -28.63 2.15
CA TRP D 320 11.68 -28.82 3.01
C TRP D 320 11.42 -29.12 4.50
N GLY D 321 10.69 -28.24 5.17
CA GLY D 321 10.39 -28.46 6.59
C GLY D 321 9.59 -29.74 6.80
N TYR D 322 8.67 -30.00 5.88
CA TYR D 322 7.85 -31.20 5.91
C TYR D 322 8.76 -32.43 5.84
N SER D 323 9.64 -32.45 4.84
CA SER D 323 10.58 -33.55 4.69
C SER D 323 11.41 -33.68 5.95
N GLN D 324 11.65 -32.55 6.61
CA GLN D 324 12.43 -32.57 7.84
C GLN D 324 11.60 -33.29 8.90
N ARG D 325 10.28 -33.12 8.84
CA ARG D 325 9.38 -33.79 9.77
C ARG D 325 9.22 -35.27 9.42
N VAL D 326 9.26 -35.59 8.12
CA VAL D 326 9.15 -36.98 7.68
C VAL D 326 10.33 -37.78 8.22
N VAL D 327 11.53 -37.19 8.21
CA VAL D 327 12.69 -37.89 8.72
C VAL D 327 12.52 -38.05 10.23
N ASP D 328 11.82 -37.10 10.85
CA ASP D 328 11.58 -37.13 12.29
C ASP D 328 10.67 -38.27 12.69
N LEU D 329 9.57 -38.44 11.94
CA LEU D 329 8.61 -39.48 12.21
C LEU D 329 9.22 -40.87 11.97
N ALA D 330 9.97 -41.01 10.88
CA ALA D 330 10.64 -42.27 10.53
C ALA D 330 11.66 -42.57 11.62
N GLU D 331 12.25 -41.52 12.16
CA GLU D 331 13.23 -41.68 13.20
C GLU D 331 12.49 -42.12 14.47
N LEU D 332 11.34 -41.52 14.73
CA LEU D 332 10.53 -41.86 15.90
C LEU D 332 10.20 -43.35 15.81
N ALA D 333 9.73 -43.75 14.63
CA ALA D 333 9.39 -45.15 14.40
C ALA D 333 10.60 -46.02 14.73
N ALA D 334 11.74 -45.70 14.14
CA ALA D 334 12.97 -46.44 14.39
C ALA D 334 13.18 -46.63 15.89
N ARG D 335 13.14 -45.53 16.64
CA ARG D 335 13.34 -45.58 18.10
C ARG D 335 12.31 -46.43 18.82
N LYS D 336 11.07 -46.40 18.34
CA LYS D 336 10.01 -47.16 18.97
C LYS D 336 9.69 -48.49 18.28
N SER D 337 10.54 -48.93 17.35
CA SER D 337 10.27 -50.20 16.66
C SER D 337 10.48 -51.40 17.59
N GLY D 338 9.61 -52.40 17.45
CA GLY D 338 9.68 -53.61 18.27
C GLY D 338 10.98 -54.40 18.22
N MET E 1 -19.56 -30.25 -51.54
CA MET E 1 -20.53 -29.71 -50.53
C MET E 1 -19.87 -29.47 -49.18
N THR E 2 -19.80 -30.52 -48.36
CA THR E 2 -19.21 -30.43 -47.04
C THR E 2 -18.85 -31.81 -46.52
N ILE E 3 -17.90 -31.85 -45.59
CA ILE E 3 -17.48 -33.12 -45.00
C ILE E 3 -17.80 -33.14 -43.52
N ARG E 4 -18.13 -34.31 -43.00
CA ARG E 4 -18.43 -34.45 -41.58
C ARG E 4 -17.12 -34.55 -40.79
N VAL E 5 -16.96 -33.69 -39.78
CA VAL E 5 -15.74 -33.69 -38.97
C VAL E 5 -15.97 -34.12 -37.53
N ALA E 6 -14.94 -34.74 -36.96
CA ALA E 6 -14.96 -35.19 -35.58
C ALA E 6 -13.65 -34.75 -34.95
N ILE E 7 -13.75 -34.18 -33.75
CA ILE E 7 -12.58 -33.70 -33.05
C ILE E 7 -12.17 -34.64 -31.92
N ASN E 8 -11.00 -35.24 -32.05
CA ASN E 8 -10.53 -36.14 -31.02
C ASN E 8 -9.59 -35.39 -30.09
N GLY E 9 -10.07 -35.16 -28.87
CA GLY E 9 -9.29 -34.42 -27.89
C GLY E 9 -9.83 -33.02 -27.84
N PHE E 10 -10.31 -32.61 -26.66
CA PHE E 10 -10.85 -31.27 -26.54
C PHE E 10 -9.98 -30.39 -25.65
N GLY E 11 -8.66 -30.49 -25.84
CA GLY E 11 -7.74 -29.68 -25.06
C GLY E 11 -7.71 -28.29 -25.65
N ARG E 12 -6.60 -27.58 -25.46
CA ARG E 12 -6.45 -26.23 -26.00
C ARG E 12 -6.63 -26.20 -27.50
N ILE E 13 -5.88 -27.04 -28.21
CA ILE E 13 -5.95 -27.14 -29.66
C ILE E 13 -7.35 -27.46 -30.09
N GLY E 14 -7.92 -28.48 -29.46
CA GLY E 14 -9.29 -28.89 -29.79
C GLY E 14 -10.25 -27.74 -29.63
N ARG E 15 -10.19 -27.06 -28.50
CA ARG E 15 -11.07 -25.93 -28.23
C ARG E 15 -10.86 -24.79 -29.21
N ASN E 16 -9.60 -24.46 -29.49
CA ASN E 16 -9.31 -23.37 -30.43
C ASN E 16 -9.91 -23.68 -31.79
N PHE E 17 -9.80 -24.93 -32.21
CA PHE E 17 -10.34 -25.34 -33.50
C PHE E 17 -11.81 -24.96 -33.58
N LEU E 18 -12.57 -25.30 -32.55
CA LEU E 18 -13.99 -24.97 -32.52
C LEU E 18 -14.21 -23.46 -32.65
N ARG E 19 -13.54 -22.70 -31.80
CA ARG E 19 -13.66 -21.25 -31.82
C ARG E 19 -13.35 -20.72 -33.21
N CYS E 20 -12.13 -20.98 -33.68
CA CYS E 20 -11.71 -20.54 -34.99
C CYS E 20 -12.75 -20.89 -36.06
N TRP E 21 -13.20 -22.14 -36.04
CA TRP E 21 -14.19 -22.62 -37.01
C TRP E 21 -15.49 -21.81 -37.02
N PHE E 22 -16.08 -21.62 -35.84
CA PHE E 22 -17.32 -20.85 -35.74
C PHE E 22 -17.05 -19.40 -36.13
N GLY E 23 -15.83 -18.95 -35.91
CA GLY E 23 -15.47 -17.59 -36.25
C GLY E 23 -15.50 -17.31 -37.75
N ARG E 24 -15.14 -18.30 -38.55
CA ARG E 24 -15.14 -18.13 -40.00
C ARG E 24 -16.56 -18.02 -40.58
N GLN E 25 -16.69 -17.23 -41.64
CA GLN E 25 -17.99 -17.04 -42.29
C GLN E 25 -18.44 -18.31 -42.99
N ASN E 26 -17.74 -18.70 -44.06
CA ASN E 26 -18.09 -19.92 -44.80
C ASN E 26 -17.18 -21.07 -44.36
N THR E 27 -17.61 -22.27 -44.71
CA THR E 27 -16.85 -23.46 -44.41
C THR E 27 -17.46 -24.68 -45.09
N ASP E 28 -16.61 -25.63 -45.46
CA ASP E 28 -17.03 -26.87 -46.12
C ASP E 28 -16.88 -27.97 -45.08
N LEU E 29 -16.76 -27.56 -43.83
CA LEU E 29 -16.61 -28.50 -42.73
C LEU E 29 -17.88 -28.54 -41.93
N GLU E 30 -18.05 -29.61 -41.16
CA GLU E 30 -19.21 -29.76 -40.29
C GLU E 30 -18.87 -30.64 -39.11
N VAL E 31 -18.40 -30.03 -38.03
CA VAL E 31 -18.05 -30.79 -36.83
C VAL E 31 -19.34 -31.35 -36.26
N VAL E 32 -19.41 -32.68 -36.20
CA VAL E 32 -20.61 -33.33 -35.71
C VAL E 32 -20.37 -34.02 -34.38
N ALA E 33 -19.12 -34.29 -34.07
CA ALA E 33 -18.79 -34.97 -32.81
C ALA E 33 -17.44 -34.56 -32.26
N ILE E 34 -17.28 -34.80 -30.97
CA ILE E 34 -16.05 -34.48 -30.28
C ILE E 34 -15.77 -35.63 -29.31
N ASN E 35 -14.56 -36.16 -29.34
CA ASN E 35 -14.24 -37.23 -28.40
C ASN E 35 -13.58 -36.57 -27.21
N ASN E 36 -14.39 -36.13 -26.25
CA ASN E 36 -13.90 -35.47 -25.07
C ASN E 36 -13.16 -36.45 -24.17
N THR E 37 -12.62 -35.91 -23.08
CA THR E 37 -11.85 -36.66 -22.09
C THR E 37 -12.68 -36.65 -20.79
N SER E 38 -13.83 -35.97 -20.86
CA SER E 38 -14.74 -35.82 -19.74
C SER E 38 -16.18 -35.70 -20.23
N ASP E 39 -17.07 -35.22 -19.36
CA ASP E 39 -18.48 -35.07 -19.71
C ASP E 39 -18.74 -33.94 -20.69
N ALA E 40 -20.02 -33.73 -21.00
CA ALA E 40 -20.43 -32.70 -21.94
C ALA E 40 -20.42 -31.27 -21.38
N ARG E 41 -20.56 -31.14 -20.07
CA ARG E 41 -20.58 -29.81 -19.46
C ARG E 41 -19.18 -29.26 -19.28
N THR E 42 -18.22 -30.15 -19.00
CA THR E 42 -16.82 -29.75 -18.83
C THR E 42 -16.37 -29.21 -20.17
N ALA E 43 -17.04 -29.67 -21.23
CA ALA E 43 -16.73 -29.24 -22.59
C ALA E 43 -17.27 -27.83 -22.81
N ALA E 44 -18.58 -27.67 -22.61
CA ALA E 44 -19.22 -26.38 -22.78
C ALA E 44 -18.53 -25.34 -21.90
N HIS E 45 -18.12 -25.77 -20.70
CA HIS E 45 -17.43 -24.90 -19.75
C HIS E 45 -16.11 -24.43 -20.36
N LEU E 46 -15.17 -25.36 -20.52
CA LEU E 46 -13.86 -25.08 -21.08
C LEU E 46 -13.92 -24.32 -22.41
N LEU E 47 -15.03 -24.47 -23.12
CA LEU E 47 -15.20 -23.81 -24.41
C LEU E 47 -15.60 -22.35 -24.25
N GLU E 48 -16.23 -22.03 -23.13
CA GLU E 48 -16.66 -20.67 -22.87
C GLU E 48 -15.65 -19.82 -22.10
N TYR E 49 -14.99 -20.41 -21.11
CA TYR E 49 -14.03 -19.67 -20.31
C TYR E 49 -12.58 -20.01 -20.63
N ASP E 50 -11.87 -19.07 -21.25
CA ASP E 50 -10.48 -19.28 -21.61
C ASP E 50 -9.55 -18.30 -20.89
N SER E 51 -8.63 -18.82 -20.10
CA SER E 51 -7.68 -17.99 -19.35
C SER E 51 -6.80 -17.18 -20.28
N VAL E 52 -6.87 -17.52 -21.57
CA VAL E 52 -6.07 -16.85 -22.59
C VAL E 52 -6.92 -16.05 -23.58
N LEU E 53 -7.73 -16.78 -24.34
CA LEU E 53 -8.61 -16.17 -25.34
C LEU E 53 -9.74 -15.37 -24.73
N GLY E 54 -9.98 -15.54 -23.43
CA GLY E 54 -11.06 -14.82 -22.79
C GLY E 54 -12.38 -15.50 -23.08
N ARG E 55 -13.42 -15.09 -22.38
CA ARG E 55 -14.75 -15.67 -22.54
C ARG E 55 -15.19 -15.70 -24.00
N PHE E 56 -15.78 -16.82 -24.41
CA PHE E 56 -16.26 -17.03 -25.78
C PHE E 56 -17.74 -16.65 -25.88
N ASN E 57 -18.05 -15.70 -26.76
CA ASN E 57 -19.44 -15.24 -26.93
C ASN E 57 -20.23 -16.12 -27.88
N ALA E 58 -21.11 -16.95 -27.33
CA ALA E 58 -21.93 -17.83 -28.15
C ALA E 58 -23.05 -18.41 -27.30
N ASP E 59 -23.95 -19.13 -27.95
CA ASP E 59 -25.08 -19.75 -27.25
C ASP E 59 -24.71 -21.16 -26.81
N ILE E 60 -23.66 -21.26 -26.01
CA ILE E 60 -23.16 -22.52 -25.49
C ILE E 60 -24.11 -23.19 -24.51
N SER E 61 -25.01 -24.02 -25.03
CA SER E 61 -25.96 -24.74 -24.20
C SER E 61 -25.69 -26.23 -24.37
N TYR E 62 -25.13 -26.86 -23.34
CA TYR E 62 -24.80 -28.28 -23.41
C TYR E 62 -25.96 -29.19 -22.98
N ASP E 63 -25.70 -30.49 -23.08
CA ASP E 63 -26.69 -31.52 -22.74
C ASP E 63 -26.02 -32.70 -22.03
N GLU E 64 -26.80 -33.76 -21.79
CA GLU E 64 -26.31 -34.95 -21.12
C GLU E 64 -25.08 -35.50 -21.84
N ASN E 65 -25.07 -35.38 -23.16
CA ASN E 65 -23.97 -35.87 -23.98
C ASN E 65 -23.94 -35.24 -25.37
N SER E 66 -24.21 -33.94 -25.45
CA SER E 66 -24.19 -33.24 -26.73
C SER E 66 -24.30 -31.73 -26.59
N ILE E 67 -23.15 -31.05 -26.59
CA ILE E 67 -23.13 -29.60 -26.47
C ILE E 67 -23.68 -28.97 -27.75
N THR E 68 -24.08 -27.70 -27.64
CA THR E 68 -24.62 -27.00 -28.79
C THR E 68 -24.15 -25.56 -28.78
N VAL E 69 -23.54 -25.14 -29.89
CA VAL E 69 -23.02 -23.79 -30.02
C VAL E 69 -23.71 -23.10 -31.18
N ASN E 70 -24.40 -22.00 -30.88
CA ASN E 70 -25.09 -21.25 -31.91
C ASN E 70 -25.92 -22.18 -32.79
N GLY E 71 -26.84 -22.91 -32.17
CA GLY E 71 -27.70 -23.81 -32.92
C GLY E 71 -26.95 -24.83 -33.75
N LYS E 72 -26.00 -25.52 -33.14
CA LYS E 72 -25.22 -26.56 -33.81
C LYS E 72 -24.79 -27.57 -32.77
N THR E 73 -25.48 -28.70 -32.71
CA THR E 73 -25.15 -29.72 -31.72
C THR E 73 -24.01 -30.61 -32.19
N MET E 74 -23.29 -31.17 -31.23
CA MET E 74 -22.16 -32.04 -31.52
C MET E 74 -22.13 -33.13 -30.46
N LYS E 75 -22.30 -34.38 -30.88
CA LYS E 75 -22.29 -35.50 -29.96
C LYS E 75 -20.97 -35.57 -29.19
N ILE E 76 -21.06 -35.76 -27.89
CA ILE E 76 -19.84 -35.86 -27.07
C ILE E 76 -19.71 -37.27 -26.55
N VAL E 77 -18.65 -37.93 -26.98
CA VAL E 77 -18.35 -39.30 -26.57
C VAL E 77 -16.89 -39.31 -26.12
N CYS E 78 -16.58 -40.13 -25.12
CA CYS E 78 -15.21 -40.20 -24.63
C CYS E 78 -14.66 -41.62 -24.56
N ASP E 79 -13.83 -41.98 -25.77
CA ASP E 79 -13.51 -43.37 -25.49
C ASP E 79 -11.85 -43.41 -25.46
N ARG E 80 -11.28 -43.49 -24.28
CA ARG E 80 -9.71 -43.65 -24.71
C ARG E 80 -8.83 -44.31 -25.88
N ASN E 81 -9.72 -45.13 -26.59
CA ASN E 81 -9.16 -46.00 -27.62
C ASN E 81 -9.85 -45.71 -28.96
N PRO E 82 -9.10 -45.19 -29.94
CA PRO E 82 -9.64 -44.87 -31.27
C PRO E 82 -10.45 -46.01 -31.87
N LEU E 83 -9.91 -47.23 -31.79
CA LEU E 83 -10.59 -48.40 -32.34
C LEU E 83 -12.03 -48.53 -31.87
N ASN E 84 -12.31 -48.09 -30.66
CA ASN E 84 -13.65 -48.17 -30.09
C ASN E 84 -14.58 -47.08 -30.58
N LEU E 85 -14.04 -46.03 -31.18
CA LEU E 85 -14.84 -44.91 -31.66
C LEU E 85 -15.80 -45.28 -32.79
N PRO E 86 -17.02 -44.71 -32.76
CA PRO E 86 -18.10 -44.92 -33.74
C PRO E 86 -17.99 -44.01 -34.96
N TRP E 87 -16.82 -43.96 -35.59
CA TRP E 87 -16.61 -43.10 -36.74
C TRP E 87 -17.39 -43.50 -38.00
N LYS E 88 -17.45 -44.79 -38.33
CA LYS E 88 -18.19 -45.18 -39.51
C LYS E 88 -19.69 -45.06 -39.23
N GLU E 89 -20.09 -45.37 -38.00
CA GLU E 89 -21.50 -45.26 -37.60
C GLU E 89 -21.98 -43.85 -37.88
N TRP E 90 -21.18 -42.90 -37.41
CA TRP E 90 -21.49 -41.49 -37.54
C TRP E 90 -21.01 -40.87 -38.84
N ASP E 91 -20.58 -41.72 -39.77
CA ASP E 91 -20.13 -41.25 -41.07
C ASP E 91 -19.14 -40.09 -40.94
N ILE E 92 -18.05 -40.33 -40.21
CA ILE E 92 -17.03 -39.31 -40.02
C ILE E 92 -15.98 -39.37 -41.12
N ASP E 93 -15.87 -38.30 -41.90
CA ASP E 93 -14.91 -38.23 -42.99
C ASP E 93 -13.51 -37.90 -42.50
N LEU E 94 -13.38 -36.76 -41.82
CA LEU E 94 -12.11 -36.28 -41.30
C LEU E 94 -12.15 -36.16 -39.79
N VAL E 95 -11.11 -36.67 -39.14
CA VAL E 95 -11.02 -36.60 -37.69
C VAL E 95 -9.81 -35.75 -37.33
N ILE E 96 -10.07 -34.70 -36.53
CA ILE E 96 -9.02 -33.80 -36.08
C ILE E 96 -8.34 -34.46 -34.86
N GLU E 97 -7.14 -34.97 -35.06
CA GLU E 97 -6.39 -35.62 -34.00
C GLU E 97 -5.57 -34.59 -33.23
N SER E 98 -6.07 -34.19 -32.07
CA SER E 98 -5.39 -33.20 -31.25
C SER E 98 -5.20 -33.65 -29.81
N THR E 99 -4.64 -34.83 -29.62
CA THR E 99 -4.40 -35.32 -28.27
C THR E 99 -2.89 -35.58 -28.11
N GLY E 100 -2.15 -35.41 -29.20
CA GLY E 100 -0.71 -35.61 -29.17
C GLY E 100 -0.20 -37.01 -28.86
N VAL E 101 -1.11 -37.95 -28.65
CA VAL E 101 -0.69 -39.31 -28.34
C VAL E 101 -0.59 -40.23 -29.57
N PHE E 102 -1.38 -39.95 -30.61
CA PHE E 102 -1.34 -40.75 -31.83
C PHE E 102 -0.78 -39.87 -32.93
N VAL E 103 0.55 -39.87 -33.07
CA VAL E 103 1.20 -39.05 -34.07
C VAL E 103 1.96 -39.82 -35.14
N THR E 104 1.85 -41.15 -35.11
CA THR E 104 2.50 -42.00 -36.11
C THR E 104 1.41 -42.36 -37.11
N ALA E 105 1.81 -42.67 -38.35
CA ALA E 105 0.83 -43.04 -39.38
C ALA E 105 -0.01 -44.22 -38.89
N GLU E 106 0.65 -45.16 -38.24
CA GLU E 106 -0.01 -46.34 -37.70
C GLU E 106 -1.08 -46.00 -36.66
N GLY E 107 -0.66 -45.41 -35.55
CA GLY E 107 -1.60 -45.04 -34.50
C GLY E 107 -2.77 -44.22 -34.99
N ALA E 108 -2.46 -43.12 -35.66
CA ALA E 108 -3.49 -42.23 -36.18
C ALA E 108 -4.53 -43.00 -37.00
N SER E 109 -4.08 -44.08 -37.64
CA SER E 109 -4.95 -44.91 -38.47
C SER E 109 -6.04 -45.63 -37.70
N LYS E 110 -5.87 -45.78 -36.39
CA LYS E 110 -6.86 -46.44 -35.57
C LYS E 110 -8.19 -45.73 -35.80
N HIS E 111 -8.12 -44.43 -36.09
CA HIS E 111 -9.30 -43.62 -36.35
C HIS E 111 -9.91 -44.04 -37.66
N ILE E 112 -9.06 -44.54 -38.56
CA ILE E 112 -9.49 -45.00 -39.87
C ILE E 112 -10.17 -46.35 -39.71
N GLN E 113 -9.53 -47.26 -39.00
CA GLN E 113 -10.07 -48.60 -38.75
C GLN E 113 -11.42 -48.42 -38.09
N ALA E 114 -11.51 -47.40 -37.26
CA ALA E 114 -12.75 -47.07 -36.55
C ALA E 114 -13.81 -46.65 -37.56
N GLY E 115 -13.40 -46.28 -38.76
CA GLY E 115 -14.37 -45.87 -39.76
C GLY E 115 -14.16 -44.50 -40.38
N ALA E 116 -13.15 -43.77 -39.94
CA ALA E 116 -12.89 -42.44 -40.47
C ALA E 116 -12.04 -42.56 -41.72
N LYS E 117 -12.26 -41.67 -42.68
CA LYS E 117 -11.49 -41.68 -43.91
C LYS E 117 -10.11 -41.05 -43.73
N LYS E 118 -10.06 -39.77 -43.41
CA LYS E 118 -8.79 -39.08 -43.24
C LYS E 118 -8.59 -38.54 -41.82
N VAL E 119 -7.33 -38.57 -41.37
CA VAL E 119 -6.96 -38.10 -40.04
C VAL E 119 -5.98 -36.94 -40.14
N LEU E 120 -6.29 -35.83 -39.46
CA LEU E 120 -5.43 -34.65 -39.48
C LEU E 120 -4.77 -34.41 -38.13
N ILE E 121 -3.48 -34.74 -38.03
CA ILE E 121 -2.71 -34.57 -36.80
C ILE E 121 -2.34 -33.10 -36.54
N THR E 122 -2.76 -32.57 -35.38
CA THR E 122 -2.44 -31.19 -35.01
C THR E 122 -1.11 -31.16 -34.26
N ALA E 123 -0.13 -31.87 -34.80
CA ALA E 123 1.19 -31.94 -34.20
C ALA E 123 2.13 -32.54 -35.21
N PRO E 124 3.44 -32.48 -34.96
CA PRO E 124 4.38 -33.05 -35.93
C PRO E 124 4.14 -34.54 -36.03
N GLY E 125 4.20 -35.05 -37.26
CA GLY E 125 4.00 -36.48 -37.44
C GLY E 125 5.27 -37.20 -37.02
N LYS E 126 5.12 -38.37 -36.40
CA LYS E 126 6.27 -39.15 -35.97
C LYS E 126 6.46 -40.33 -36.91
N ALA E 127 7.62 -40.38 -37.55
CA ALA E 127 7.94 -41.45 -38.51
C ALA E 127 7.08 -41.27 -39.76
N GLU E 128 7.74 -41.30 -40.92
CA GLU E 128 7.09 -41.13 -42.22
C GLU E 128 5.77 -41.87 -42.38
N GLY E 129 5.03 -41.50 -43.41
CA GLY E 129 3.75 -42.14 -43.66
C GLY E 129 2.69 -41.11 -43.41
N VAL E 130 3.14 -40.00 -42.83
CA VAL E 130 2.29 -38.87 -42.51
C VAL E 130 2.58 -37.74 -43.48
N GLY E 131 1.53 -37.13 -44.02
CA GLY E 131 1.73 -36.04 -44.96
C GLY E 131 1.73 -34.70 -44.27
N THR E 132 2.90 -34.07 -44.19
CA THR E 132 3.03 -32.76 -43.55
C THR E 132 2.82 -31.61 -44.50
N TYR E 133 1.90 -30.71 -44.15
CA TYR E 133 1.62 -29.54 -44.97
C TYR E 133 1.60 -28.27 -44.11
N VAL E 134 2.11 -27.18 -44.67
CA VAL E 134 2.15 -25.88 -43.99
C VAL E 134 1.51 -24.83 -44.89
N ILE E 135 0.26 -24.47 -44.59
CA ILE E 135 -0.45 -23.49 -45.39
C ILE E 135 0.44 -22.30 -45.75
N GLY E 136 0.41 -21.92 -47.03
CA GLY E 136 1.21 -20.80 -47.49
C GLY E 136 2.61 -21.20 -47.92
N VAL E 137 3.00 -22.43 -47.62
CA VAL E 137 4.33 -22.93 -47.98
C VAL E 137 4.31 -24.10 -48.97
N ASN E 138 3.45 -25.09 -48.74
CA ASN E 138 3.38 -26.24 -49.63
C ASN E 138 1.99 -26.85 -49.70
N ASP E 139 0.98 -26.08 -49.30
CA ASP E 139 -0.39 -26.58 -49.33
C ASP E 139 -0.78 -26.78 -50.79
N SER E 140 0.01 -26.17 -51.69
CA SER E 140 -0.24 -26.26 -53.11
C SER E 140 -0.12 -27.70 -53.61
N GLU E 141 0.81 -28.44 -53.03
CA GLU E 141 1.06 -29.80 -53.42
C GLU E 141 0.09 -30.78 -52.80
N TYR E 142 -0.90 -30.26 -52.10
CA TYR E 142 -1.83 -31.16 -51.47
C TYR E 142 -2.67 -31.92 -52.48
N ARG E 143 -2.68 -33.24 -52.38
CA ARG E 143 -3.50 -34.09 -53.24
C ARG E 143 -4.25 -35.03 -52.30
N HIS E 144 -5.57 -35.09 -52.45
CA HIS E 144 -6.39 -35.92 -51.58
C HIS E 144 -5.95 -37.38 -51.44
N GLU E 145 -5.41 -37.98 -52.50
CA GLU E 145 -5.01 -39.40 -52.47
C GLU E 145 -3.67 -39.69 -51.81
N ASP E 146 -2.82 -38.69 -51.70
CA ASP E 146 -1.50 -38.89 -51.11
C ASP E 146 -1.46 -39.56 -49.75
N PHE E 147 -2.00 -38.92 -48.71
CA PHE E 147 -1.96 -39.55 -47.39
C PHE E 147 -3.30 -39.65 -46.69
N ALA E 148 -3.46 -40.70 -45.90
CA ALA E 148 -4.68 -40.90 -45.14
C ALA E 148 -4.51 -40.20 -43.79
N VAL E 149 -3.25 -39.96 -43.42
CA VAL E 149 -2.89 -39.30 -42.18
C VAL E 149 -1.99 -38.09 -42.47
N ILE E 150 -2.57 -36.89 -42.41
CA ILE E 150 -1.81 -35.68 -42.68
C ILE E 150 -1.51 -34.92 -41.39
N SER E 151 -0.41 -34.16 -41.41
CA SER E 151 0.01 -33.38 -40.25
C SER E 151 -0.02 -31.91 -40.60
N ASN E 152 0.12 -31.05 -39.60
CA ASN E 152 0.13 -29.61 -39.83
C ASN E 152 1.38 -29.04 -39.17
N ALA E 153 2.35 -29.92 -38.91
CA ALA E 153 3.61 -29.56 -38.27
C ALA E 153 3.30 -28.92 -36.93
N SER E 154 4.29 -28.30 -36.32
CA SER E 154 4.08 -27.64 -35.03
C SER E 154 3.76 -26.18 -35.28
N CYS E 155 3.32 -25.49 -34.23
CA CYS E 155 3.01 -24.08 -34.38
C CYS E 155 4.30 -23.29 -34.60
N THR E 156 5.41 -23.83 -34.08
CA THR E 156 6.72 -23.20 -34.24
C THR E 156 7.13 -23.29 -35.72
N THR E 157 6.85 -24.45 -36.32
CA THR E 157 7.16 -24.71 -37.72
C THR E 157 6.31 -23.82 -38.62
N ASN E 158 5.08 -23.54 -38.21
CA ASN E 158 4.19 -22.69 -39.01
C ASN E 158 4.58 -21.22 -38.97
N CYS E 159 5.48 -20.87 -38.06
CA CYS E 159 5.96 -19.50 -37.94
C CYS E 159 7.22 -19.37 -38.77
N LEU E 160 8.14 -20.31 -38.53
CA LEU E 160 9.42 -20.36 -39.22
C LEU E 160 9.33 -20.65 -40.72
N ALA E 161 8.61 -21.69 -41.10
CA ALA E 161 8.47 -22.07 -42.50
C ALA E 161 8.08 -20.92 -43.44
N PRO E 162 7.01 -20.18 -43.12
CA PRO E 162 6.60 -19.07 -43.99
C PRO E 162 7.72 -18.06 -44.23
N VAL E 163 8.44 -17.71 -43.18
CA VAL E 163 9.54 -16.76 -43.28
C VAL E 163 10.70 -17.34 -44.07
N ALA E 164 11.12 -18.55 -43.69
CA ALA E 164 12.21 -19.22 -44.38
C ALA E 164 11.96 -19.30 -45.89
N LYS E 165 10.71 -19.58 -46.26
CA LYS E 165 10.34 -19.66 -47.68
C LYS E 165 10.67 -18.35 -48.38
N VAL E 166 9.98 -17.29 -47.97
CA VAL E 166 10.19 -15.95 -48.52
C VAL E 166 11.67 -15.63 -48.61
N LEU E 167 12.40 -15.84 -47.51
CA LEU E 167 13.84 -15.57 -47.49
C LEU E 167 14.61 -16.39 -48.53
N HIS E 168 14.25 -17.65 -48.70
CA HIS E 168 14.92 -18.53 -49.65
C HIS E 168 14.67 -18.17 -51.10
N ASP E 169 13.41 -17.91 -51.44
CA ASP E 169 13.04 -17.57 -52.81
C ASP E 169 13.68 -16.25 -53.24
N ASN E 170 13.98 -15.39 -52.28
CA ASN E 170 14.55 -14.07 -52.59
C ASN E 170 16.04 -13.88 -52.42
N PHE E 171 16.69 -14.68 -51.58
CA PHE E 171 18.12 -14.52 -51.38
C PHE E 171 18.85 -15.87 -51.38
N GLY E 172 18.07 -16.94 -51.37
CA GLY E 172 18.65 -18.27 -51.39
C GLY E 172 19.41 -18.62 -50.12
N ILE E 173 18.74 -19.34 -49.23
CA ILE E 173 19.34 -19.76 -47.96
C ILE E 173 20.42 -20.79 -48.24
N ILE E 174 21.61 -20.55 -47.71
CA ILE E 174 22.72 -21.49 -47.91
C ILE E 174 22.81 -22.41 -46.71
N LYS E 175 22.76 -21.84 -45.53
CA LYS E 175 22.80 -22.60 -44.28
C LYS E 175 22.29 -21.66 -43.20
N GLY E 176 21.49 -22.19 -42.29
CA GLY E 176 20.95 -21.34 -41.23
C GLY E 176 20.89 -21.99 -39.87
N THR E 177 20.51 -21.21 -38.87
CA THR E 177 20.39 -21.67 -37.50
C THR E 177 19.22 -20.91 -36.89
N MET E 178 18.45 -21.58 -36.05
CA MET E 178 17.30 -20.95 -35.45
C MET E 178 17.16 -21.24 -33.95
N THR E 179 16.51 -20.34 -33.22
CA THR E 179 16.30 -20.49 -31.79
C THR E 179 14.90 -20.04 -31.42
N THR E 180 14.10 -20.94 -30.88
CA THR E 180 12.74 -20.60 -30.49
C THR E 180 12.58 -20.50 -28.99
N THR E 181 11.88 -19.47 -28.55
CA THR E 181 11.62 -19.27 -27.13
C THR E 181 10.13 -19.52 -26.92
N HIS E 182 9.80 -20.70 -26.39
CA HIS E 182 8.42 -21.10 -26.15
C HIS E 182 7.85 -20.66 -24.81
N SER E 183 6.64 -21.12 -24.57
CA SER E 183 5.93 -20.87 -23.33
C SER E 183 5.97 -22.18 -22.55
N TYR E 184 4.92 -22.46 -21.78
CA TYR E 184 4.83 -23.68 -20.97
C TYR E 184 5.97 -24.68 -21.22
N ALA E 201 12.09 -31.16 -17.74
CA ALA E 201 11.66 -32.04 -16.65
C ALA E 201 11.88 -31.35 -15.31
N ARG E 202 11.97 -30.02 -15.33
CA ARG E 202 12.19 -29.24 -14.13
C ARG E 202 11.16 -28.11 -13.97
N ALA E 203 11.31 -27.34 -12.88
CA ALA E 203 10.40 -26.24 -12.59
C ALA E 203 10.30 -25.27 -13.77
N ALA E 204 9.31 -25.48 -14.62
CA ALA E 204 9.11 -24.66 -15.80
C ALA E 204 8.71 -23.20 -15.51
N ALA E 205 8.02 -22.97 -14.41
CA ALA E 205 7.56 -21.63 -14.05
C ALA E 205 8.63 -20.68 -13.49
N VAL E 206 9.77 -21.23 -13.11
CA VAL E 206 10.84 -20.40 -12.57
C VAL E 206 12.17 -20.59 -13.29
N ASN E 207 12.16 -21.37 -14.35
CA ASN E 207 13.38 -21.63 -15.11
C ASN E 207 13.27 -21.42 -16.62
N ILE E 208 14.45 -21.32 -17.23
CA ILE E 208 14.56 -21.19 -18.67
C ILE E 208 15.07 -22.58 -19.03
N VAL E 209 14.24 -23.37 -19.69
CA VAL E 209 14.60 -24.73 -20.03
C VAL E 209 15.02 -24.92 -21.49
N PRO E 210 16.22 -25.49 -21.69
CA PRO E 210 16.80 -25.75 -23.01
C PRO E 210 16.22 -27.03 -23.61
N THR E 211 14.97 -26.98 -24.06
CA THR E 211 14.37 -28.18 -24.63
C THR E 211 14.76 -28.35 -26.10
N THR E 212 14.33 -29.45 -26.71
CA THR E 212 14.65 -29.71 -28.11
C THR E 212 13.52 -29.26 -29.02
N THR E 213 13.86 -29.02 -30.28
CA THR E 213 12.86 -28.61 -31.27
C THR E 213 13.21 -29.31 -32.57
N GLY E 214 12.19 -29.65 -33.35
CA GLY E 214 12.44 -30.32 -34.61
C GLY E 214 11.96 -29.46 -35.76
N ALA E 215 11.47 -28.28 -35.43
CA ALA E 215 10.97 -27.35 -36.42
C ALA E 215 12.01 -27.03 -37.48
N ALA E 216 13.27 -26.97 -37.07
CA ALA E 216 14.36 -26.68 -38.01
C ALA E 216 14.31 -27.73 -39.12
N LYS E 217 14.40 -28.99 -38.72
CA LYS E 217 14.38 -30.08 -39.68
C LYS E 217 13.02 -30.25 -40.33
N ALA E 218 11.96 -29.98 -39.57
CA ALA E 218 10.61 -30.09 -40.10
C ALA E 218 10.39 -29.18 -41.31
N VAL E 219 11.15 -28.10 -41.41
CA VAL E 219 11.01 -27.18 -42.53
C VAL E 219 11.37 -27.89 -43.83
N ALA E 220 12.37 -28.76 -43.74
CA ALA E 220 12.83 -29.52 -44.91
C ALA E 220 11.72 -30.33 -45.55
N LEU E 221 10.66 -30.58 -44.79
CA LEU E 221 9.53 -31.33 -45.30
C LEU E 221 8.72 -30.52 -46.30
N VAL E 222 8.31 -29.32 -45.89
CA VAL E 222 7.50 -28.47 -46.75
C VAL E 222 8.33 -27.59 -47.69
N ILE E 223 9.64 -27.54 -47.46
CA ILE E 223 10.53 -26.78 -48.32
C ILE E 223 11.76 -27.68 -48.51
N PRO E 224 11.62 -28.73 -49.33
CA PRO E 224 12.65 -29.72 -49.65
C PRO E 224 14.04 -29.16 -49.92
N GLU E 225 14.12 -28.03 -50.61
CA GLU E 225 15.40 -27.43 -50.93
C GLU E 225 16.24 -27.13 -49.70
N LEU E 226 15.58 -26.77 -48.59
CA LEU E 226 16.29 -26.44 -47.36
C LEU E 226 16.73 -27.66 -46.56
N LYS E 227 16.48 -28.85 -47.11
CA LYS E 227 16.86 -30.10 -46.46
C LYS E 227 18.32 -30.05 -45.98
N GLY E 228 18.51 -30.33 -44.70
CA GLY E 228 19.85 -30.33 -44.12
C GLY E 228 20.54 -28.98 -44.04
N LYS E 229 19.81 -27.90 -44.27
CA LYS E 229 20.40 -26.56 -44.23
C LYS E 229 20.01 -25.75 -42.99
N LEU E 230 19.06 -26.26 -42.21
CA LEU E 230 18.61 -25.57 -41.01
C LEU E 230 18.70 -26.47 -39.79
N ASN E 231 18.85 -25.86 -38.62
CA ASN E 231 18.95 -26.62 -37.37
C ASN E 231 18.90 -25.67 -36.19
N GLY E 232 17.93 -25.87 -35.31
CA GLY E 232 17.82 -24.99 -34.16
C GLY E 232 17.61 -25.65 -32.81
N ILE E 233 17.38 -24.83 -31.79
CA ILE E 233 17.14 -25.31 -30.44
C ILE E 233 15.99 -24.52 -29.86
N ALA E 234 15.55 -24.89 -28.66
CA ALA E 234 14.43 -24.20 -28.04
C ALA E 234 14.68 -23.89 -26.57
N LEU E 235 14.18 -22.73 -26.16
CA LEU E 235 14.30 -22.28 -24.78
C LEU E 235 12.91 -22.02 -24.22
N ARG E 236 12.52 -22.82 -23.24
CA ARG E 236 11.21 -22.68 -22.61
C ARG E 236 11.25 -21.61 -21.53
N VAL E 237 10.45 -20.57 -21.71
CA VAL E 237 10.39 -19.49 -20.75
C VAL E 237 8.97 -19.33 -20.18
N PRO E 238 8.87 -19.00 -18.89
CA PRO E 238 7.59 -18.83 -18.20
C PRO E 238 6.75 -17.65 -18.67
N THR E 239 6.47 -17.54 -19.96
CA THR E 239 5.65 -16.44 -20.42
C THR E 239 4.24 -16.95 -20.72
N PRO E 240 3.29 -16.04 -20.86
CA PRO E 240 1.89 -16.40 -21.14
C PRO E 240 1.54 -17.10 -22.45
N ASN E 241 1.15 -16.33 -23.47
CA ASN E 241 0.69 -16.94 -24.71
C ASN E 241 1.37 -16.59 -26.03
N VAL E 242 2.58 -16.10 -25.99
CA VAL E 242 3.26 -15.77 -27.22
C VAL E 242 4.72 -16.17 -27.19
N SER E 243 5.17 -16.78 -28.28
CA SER E 243 6.55 -17.20 -28.42
C SER E 243 7.23 -16.46 -29.56
N VAL E 244 8.54 -16.63 -29.67
CA VAL E 244 9.27 -15.95 -30.72
C VAL E 244 10.33 -16.86 -31.37
N VAL E 245 10.52 -16.68 -32.68
CA VAL E 245 11.50 -17.45 -33.45
C VAL E 245 12.65 -16.55 -33.85
N ASP E 246 13.87 -17.01 -33.60
CA ASP E 246 15.09 -16.27 -33.89
C ASP E 246 15.87 -16.95 -35.01
N LEU E 247 15.62 -16.54 -36.24
CA LEU E 247 16.28 -17.13 -37.40
C LEU E 247 17.52 -16.37 -37.90
N VAL E 248 18.61 -17.10 -38.08
CA VAL E 248 19.85 -16.52 -38.60
C VAL E 248 20.33 -17.38 -39.75
N VAL E 249 20.19 -16.87 -40.97
CA VAL E 249 20.61 -17.60 -42.15
C VAL E 249 21.73 -16.88 -42.89
N GLN E 250 22.37 -17.61 -43.80
CA GLN E 250 23.42 -17.05 -44.63
C GLN E 250 22.91 -17.18 -46.06
N VAL E 251 22.46 -16.07 -46.62
CA VAL E 251 21.96 -16.08 -47.98
C VAL E 251 23.13 -15.94 -48.93
N GLU E 252 22.86 -16.04 -50.24
CA GLU E 252 23.93 -15.91 -51.21
C GLU E 252 23.83 -14.62 -52.00
N LYS E 253 22.63 -14.10 -52.15
CA LYS E 253 22.45 -12.83 -52.85
C LYS E 253 22.49 -11.76 -51.77
N PRO E 254 23.63 -11.06 -51.67
CA PRO E 254 23.82 -10.00 -50.68
C PRO E 254 22.73 -8.96 -50.71
N THR E 255 22.37 -8.44 -49.54
CA THR E 255 21.34 -7.42 -49.43
C THR E 255 21.55 -6.57 -48.18
N ILE E 256 20.57 -5.72 -47.92
CA ILE E 256 20.61 -4.83 -46.77
C ILE E 256 19.36 -5.04 -45.92
N THR E 257 19.47 -4.72 -44.64
CA THR E 257 18.37 -4.86 -43.69
C THR E 257 17.07 -4.33 -44.27
N GLU E 258 17.10 -3.12 -44.81
CA GLU E 258 15.92 -2.51 -45.40
C GLU E 258 15.32 -3.39 -46.49
N GLN E 259 16.18 -3.99 -47.30
CA GLN E 259 15.75 -4.85 -48.41
C GLN E 259 15.00 -6.12 -47.98
N VAL E 260 15.45 -6.73 -46.88
CA VAL E 260 14.80 -7.95 -46.36
C VAL E 260 13.38 -7.61 -45.91
N ASN E 261 13.26 -6.59 -45.06
CA ASN E 261 11.96 -6.15 -44.56
C ASN E 261 11.05 -5.83 -45.73
N GLU E 262 11.66 -5.42 -46.82
CA GLU E 262 10.94 -5.06 -48.03
C GLU E 262 10.22 -6.26 -48.63
N VAL E 263 10.95 -7.35 -48.85
CA VAL E 263 10.36 -8.56 -49.43
C VAL E 263 9.38 -9.24 -48.47
N LEU E 264 9.66 -9.12 -47.17
CA LEU E 264 8.80 -9.72 -46.15
C LEU E 264 7.47 -8.97 -46.10
N GLN E 265 7.55 -7.64 -46.11
CA GLN E 265 6.35 -6.83 -46.08
C GLN E 265 5.52 -7.10 -47.32
N LYS E 266 6.18 -7.18 -48.47
CA LYS E 266 5.51 -7.44 -49.74
C LYS E 266 4.79 -8.79 -49.70
N ALA E 267 5.45 -9.77 -49.09
CA ALA E 267 4.88 -11.10 -48.98
C ALA E 267 3.60 -11.06 -48.17
N SER E 268 3.65 -10.40 -47.01
CA SER E 268 2.51 -10.28 -46.12
C SER E 268 1.29 -9.64 -46.78
N GLN E 269 1.53 -8.90 -47.86
CA GLN E 269 0.46 -8.22 -48.58
C GLN E 269 0.01 -8.99 -49.82
N THR E 270 0.83 -9.96 -50.21
CA THR E 270 0.54 -10.77 -51.40
C THR E 270 0.61 -12.28 -51.15
N THR E 271 1.71 -12.89 -51.61
CA THR E 271 1.94 -14.31 -51.47
C THR E 271 1.67 -14.89 -50.08
N MET E 272 2.21 -14.25 -49.05
CA MET E 272 2.02 -14.73 -47.67
C MET E 272 0.91 -14.02 -46.90
N LYS E 273 0.08 -13.26 -47.60
CA LYS E 273 -1.00 -12.52 -46.96
C LYS E 273 -1.88 -13.47 -46.13
N GLY E 274 -2.14 -13.07 -44.88
CA GLY E 274 -2.95 -13.89 -44.01
C GLY E 274 -2.10 -14.87 -43.24
N ILE E 275 -0.92 -15.18 -43.78
CA ILE E 275 -0.01 -16.11 -43.14
C ILE E 275 1.03 -15.35 -42.35
N ILE E 276 1.70 -14.43 -43.02
CA ILE E 276 2.73 -13.63 -42.36
C ILE E 276 2.21 -12.23 -42.14
N LYS E 277 2.49 -11.70 -40.97
CA LYS E 277 2.07 -10.35 -40.62
C LYS E 277 3.32 -9.51 -40.48
N TYR E 278 3.35 -8.39 -41.16
CA TYR E 278 4.50 -7.48 -41.10
C TYR E 278 4.22 -6.40 -40.07
N SER E 279 4.95 -6.44 -38.95
CA SER E 279 4.78 -5.46 -37.88
C SER E 279 5.98 -4.53 -37.75
N ASP E 280 5.81 -3.31 -38.23
CA ASP E 280 6.87 -2.31 -38.17
C ASP E 280 6.62 -1.34 -37.03
N LEU E 281 5.89 -1.81 -36.02
CA LEU E 281 5.58 -1.00 -34.84
C LEU E 281 6.32 -1.54 -33.62
N PRO E 282 6.53 -0.69 -32.60
CA PRO E 282 7.22 -1.06 -31.36
C PRO E 282 6.27 -1.75 -30.39
N LEU E 283 6.07 -3.04 -30.58
CA LEU E 283 5.16 -3.78 -29.72
C LEU E 283 5.88 -4.85 -28.91
N VAL E 284 5.13 -5.50 -28.03
CA VAL E 284 5.66 -6.56 -27.18
C VAL E 284 4.82 -7.82 -27.35
N SER E 285 5.36 -8.95 -26.90
CA SER E 285 4.69 -10.24 -27.00
C SER E 285 3.17 -10.15 -26.80
N SER E 286 2.75 -9.68 -25.63
CA SER E 286 1.34 -9.58 -25.31
C SER E 286 0.46 -8.92 -26.38
N ASP E 287 1.02 -7.99 -27.15
CA ASP E 287 0.24 -7.31 -28.18
C ASP E 287 -0.15 -8.20 -29.35
N PHE E 288 0.33 -9.44 -29.34
CA PHE E 288 0.05 -10.36 -30.44
C PHE E 288 -0.90 -11.51 -30.13
N ARG E 289 -1.63 -11.40 -29.02
CA ARG E 289 -2.57 -12.44 -28.65
C ARG E 289 -3.84 -12.29 -29.48
N GLY E 290 -4.33 -13.39 -30.03
CA GLY E 290 -5.53 -13.34 -30.84
C GLY E 290 -5.23 -12.98 -32.30
N THR E 291 -3.95 -13.01 -32.67
CA THR E 291 -3.52 -12.71 -34.04
C THR E 291 -3.75 -13.95 -34.90
N ASP E 292 -4.29 -13.75 -36.09
CA ASP E 292 -4.57 -14.87 -36.97
C ASP E 292 -3.38 -15.32 -37.79
N GLU E 293 -2.41 -14.45 -37.99
CA GLU E 293 -1.21 -14.82 -38.76
C GLU E 293 -0.39 -15.87 -38.02
N SER E 294 0.27 -16.73 -38.80
CA SER E 294 1.11 -17.80 -38.25
C SER E 294 2.49 -17.26 -37.90
N SER E 295 2.89 -16.23 -38.62
CA SER E 295 4.21 -15.65 -38.40
C SER E 295 4.09 -14.14 -38.37
N ILE E 296 4.66 -13.52 -37.34
CA ILE E 296 4.60 -12.08 -37.21
C ILE E 296 6.02 -11.54 -37.21
N VAL E 297 6.44 -10.97 -38.34
CA VAL E 297 7.78 -10.43 -38.45
C VAL E 297 7.89 -9.07 -37.79
N ASP E 298 8.84 -8.95 -36.86
CA ASP E 298 9.05 -7.68 -36.17
C ASP E 298 10.20 -6.98 -36.91
N SER E 299 9.82 -6.26 -37.96
CA SER E 299 10.77 -5.53 -38.81
C SER E 299 11.89 -4.79 -38.08
N SER E 300 11.52 -3.97 -37.10
CA SER E 300 12.49 -3.21 -36.34
C SER E 300 13.63 -4.06 -35.78
N LEU E 301 13.45 -5.37 -35.79
CA LEU E 301 14.47 -6.28 -35.26
C LEU E 301 15.35 -6.91 -36.34
N THR E 302 14.94 -6.76 -37.60
CA THR E 302 15.69 -7.33 -38.73
C THR E 302 17.11 -6.78 -38.68
N LEU E 303 18.07 -7.60 -39.13
CA LEU E 303 19.47 -7.21 -39.11
C LEU E 303 20.29 -8.02 -40.12
N VAL E 304 21.05 -7.33 -40.96
CA VAL E 304 21.88 -8.02 -41.94
C VAL E 304 23.34 -7.68 -41.68
N MET E 305 24.19 -8.70 -41.61
CA MET E 305 25.61 -8.50 -41.37
C MET E 305 26.40 -8.78 -42.62
N ASP E 306 27.18 -7.80 -43.05
CA ASP E 306 28.01 -7.96 -44.23
C ASP E 306 27.18 -8.37 -45.45
N GLY E 307 25.97 -7.83 -45.54
CA GLY E 307 25.10 -8.13 -46.66
C GLY E 307 24.61 -9.55 -46.93
N ASP E 308 25.25 -10.58 -46.36
CA ASP E 308 24.81 -11.96 -46.61
C ASP E 308 24.33 -12.77 -45.39
N LEU E 309 24.59 -12.27 -44.18
CA LEU E 309 24.14 -12.98 -42.98
C LEU E 309 22.97 -12.21 -42.39
N VAL E 310 21.75 -12.61 -42.76
CA VAL E 310 20.54 -11.96 -42.27
C VAL E 310 19.91 -12.65 -41.06
N LYS E 311 19.31 -11.84 -40.17
CA LYS E 311 18.65 -12.31 -38.96
C LYS E 311 17.22 -11.77 -38.89
N VAL E 312 16.26 -12.67 -38.73
CA VAL E 312 14.86 -12.26 -38.64
C VAL E 312 14.23 -12.79 -37.36
N ILE E 313 13.42 -11.95 -36.73
CA ILE E 313 12.72 -12.29 -35.51
C ILE E 313 11.22 -12.24 -35.78
N ALA E 314 10.52 -13.30 -35.41
CA ALA E 314 9.08 -13.34 -35.64
C ALA E 314 8.34 -13.89 -34.43
N TRP E 315 7.14 -13.36 -34.20
CA TRP E 315 6.31 -13.79 -33.09
C TRP E 315 5.17 -14.64 -33.59
N TYR E 316 4.65 -15.49 -32.70
CA TYR E 316 3.49 -16.31 -33.02
C TYR E 316 2.70 -16.58 -31.74
N ASP E 317 1.37 -16.53 -31.85
CA ASP E 317 0.50 -16.76 -30.70
C ASP E 317 0.38 -18.25 -30.44
N ASN E 318 1.35 -18.82 -29.73
CA ASN E 318 1.37 -20.24 -29.41
C ASN E 318 0.37 -21.15 -30.14
N GLU E 319 -0.88 -21.17 -29.69
CA GLU E 319 -1.86 -22.04 -30.30
C GLU E 319 -2.96 -21.40 -31.16
N TRP E 320 -3.18 -20.10 -31.03
CA TRP E 320 -4.25 -19.49 -31.82
C TRP E 320 -4.05 -19.45 -33.34
N GLY E 321 -2.93 -18.86 -33.77
CA GLY E 321 -2.65 -18.78 -35.20
C GLY E 321 -2.54 -20.18 -35.79
N TYR E 322 -1.91 -21.08 -35.05
CA TYR E 322 -1.76 -22.46 -35.49
C TYR E 322 -3.14 -23.03 -35.70
N SER E 323 -4.00 -22.92 -34.70
CA SER E 323 -5.37 -23.42 -34.79
C SER E 323 -6.05 -22.84 -36.00
N GLN E 324 -5.71 -21.60 -36.32
CA GLN E 324 -6.30 -20.94 -37.46
C GLN E 324 -5.85 -21.71 -38.71
N ARG E 325 -4.59 -22.14 -38.72
CA ARG E 325 -4.04 -22.90 -39.83
C ARG E 325 -4.62 -24.30 -39.89
N VAL E 326 -4.95 -24.88 -38.74
CA VAL E 326 -5.51 -26.22 -38.70
C VAL E 326 -6.88 -26.23 -39.34
N VAL E 327 -7.63 -25.16 -39.16
CA VAL E 327 -8.95 -25.09 -39.77
C VAL E 327 -8.75 -24.88 -41.26
N ASP E 328 -7.67 -24.21 -41.62
CA ASP E 328 -7.37 -23.97 -43.04
C ASP E 328 -7.06 -25.27 -43.78
N LEU E 329 -6.20 -26.08 -43.19
CA LEU E 329 -5.81 -27.36 -43.77
C LEU E 329 -7.02 -28.26 -43.90
N ALA E 330 -7.79 -28.35 -42.82
CA ALA E 330 -9.00 -29.19 -42.82
C ALA E 330 -9.97 -28.66 -43.87
N GLU E 331 -9.91 -27.35 -44.11
CA GLU E 331 -10.78 -26.71 -45.08
C GLU E 331 -10.28 -27.07 -46.48
N LEU E 332 -8.96 -27.09 -46.64
CA LEU E 332 -8.33 -27.45 -47.91
C LEU E 332 -8.74 -28.88 -48.25
N ALA E 333 -8.63 -29.75 -47.25
CA ALA E 333 -8.99 -31.15 -47.41
C ALA E 333 -10.44 -31.24 -47.87
N ALA E 334 -11.34 -30.59 -47.16
CA ALA E 334 -12.76 -30.59 -47.51
C ALA E 334 -12.95 -30.23 -48.97
N ARG E 335 -12.33 -29.13 -49.39
CA ARG E 335 -12.42 -28.67 -50.77
C ARG E 335 -11.88 -29.69 -51.77
N LYS E 336 -10.76 -30.32 -51.44
CA LYS E 336 -10.16 -31.29 -52.33
C LYS E 336 -10.56 -32.74 -52.06
N SER E 337 -11.56 -32.94 -51.20
CA SER E 337 -12.01 -34.29 -50.90
C SER E 337 -12.65 -34.95 -52.11
N GLY E 338 -12.45 -36.27 -52.24
CA GLY E 338 -12.99 -37.04 -53.34
C GLY E 338 -14.51 -37.16 -53.40
N MET F 1 50.91 -3.43 -1.04
CA MET F 1 50.16 -3.82 0.20
C MET F 1 48.65 -3.95 -0.04
N THR F 2 47.93 -2.82 0.08
CA THR F 2 46.49 -2.82 -0.11
C THR F 2 45.98 -1.40 -0.35
N ILE F 3 44.87 -1.28 -1.08
CA ILE F 3 44.28 0.01 -1.39
C ILE F 3 42.95 0.16 -0.66
N ARG F 4 42.60 1.38 -0.27
CA ARG F 4 41.34 1.63 0.43
C ARG F 4 40.22 1.79 -0.60
N VAL F 5 39.18 0.98 -0.45
CA VAL F 5 38.05 1.02 -1.39
C VAL F 5 36.78 1.58 -0.78
N ALA F 6 35.98 2.23 -1.63
CA ALA F 6 34.71 2.80 -1.22
C ALA F 6 33.68 2.38 -2.27
N ILE F 7 32.54 1.88 -1.80
CA ILE F 7 31.49 1.43 -2.71
C ILE F 7 30.36 2.46 -2.82
N ASN F 8 30.20 3.02 -4.01
CA ASN F 8 29.14 4.00 -4.19
C ASN F 8 27.93 3.30 -4.76
N GLY F 9 26.89 3.22 -3.94
CA GLY F 9 25.68 2.55 -4.36
C GLY F 9 25.66 1.18 -3.73
N PHE F 10 24.63 0.90 -2.94
CA PHE F 10 24.53 -0.39 -2.30
C PHE F 10 23.34 -1.18 -2.80
N GLY F 11 23.18 -1.20 -4.13
CA GLY F 11 22.12 -1.94 -4.75
C GLY F 11 22.58 -3.38 -4.91
N ARG F 12 22.02 -4.10 -5.87
CA ARG F 12 22.40 -5.49 -6.09
C ARG F 12 23.90 -5.65 -6.33
N ILE F 13 24.42 -4.93 -7.33
CA ILE F 13 25.84 -4.99 -7.67
C ILE F 13 26.69 -4.62 -6.46
N GLY F 14 26.27 -3.58 -5.74
CA GLY F 14 26.99 -3.15 -4.56
C GLY F 14 27.04 -4.24 -3.51
N ARG F 15 25.89 -4.86 -3.26
CA ARG F 15 25.80 -5.93 -2.27
C ARG F 15 26.56 -7.19 -2.69
N ASN F 16 26.44 -7.56 -3.95
CA ASN F 16 27.15 -8.73 -4.44
C ASN F 16 28.66 -8.51 -4.27
N PHE F 17 29.11 -7.29 -4.57
CA PHE F 17 30.53 -6.96 -4.46
C PHE F 17 31.04 -7.23 -3.06
N LEU F 18 30.25 -6.90 -2.05
CA LEU F 18 30.66 -7.15 -0.67
C LEU F 18 30.75 -8.65 -0.35
N ARG F 19 29.71 -9.38 -0.72
CA ARG F 19 29.66 -10.82 -0.51
C ARG F 19 30.84 -11.48 -1.19
N CYS F 20 30.94 -11.33 -2.50
CA CYS F 20 32.03 -11.90 -3.29
C CYS F 20 33.38 -11.63 -2.61
N TRP F 21 33.62 -10.37 -2.26
CA TRP F 21 34.86 -9.94 -1.62
C TRP F 21 35.15 -10.69 -0.32
N PHE F 22 34.20 -10.70 0.59
CA PHE F 22 34.40 -11.40 1.85
C PHE F 22 34.60 -12.87 1.55
N GLY F 23 34.01 -13.31 0.44
CA GLY F 23 34.11 -14.70 0.05
C GLY F 23 35.53 -15.13 -0.28
N ARG F 24 36.28 -14.27 -0.96
CA ARG F 24 37.64 -14.59 -1.33
C ARG F 24 38.57 -14.74 -0.15
N GLN F 25 39.61 -15.56 -0.32
CA GLN F 25 40.59 -15.78 0.76
C GLN F 25 41.49 -14.55 0.91
N ASN F 26 42.32 -14.28 -0.09
CA ASN F 26 43.21 -13.12 -0.04
C ASN F 26 42.62 -11.99 -0.84
N THR F 27 43.15 -10.80 -0.58
CA THR F 27 42.71 -9.60 -1.27
C THR F 27 43.65 -8.44 -0.93
N ASP F 28 43.85 -7.56 -1.92
CA ASP F 28 44.69 -6.38 -1.77
C ASP F 28 43.72 -5.20 -1.68
N LEU F 29 42.46 -5.52 -1.40
CA LEU F 29 41.43 -4.50 -1.28
C LEU F 29 41.01 -4.36 0.17
N GLU F 30 40.42 -3.21 0.47
CA GLU F 30 39.95 -2.94 1.82
C GLU F 30 38.82 -1.94 1.77
N VAL F 31 37.60 -2.46 1.70
CA VAL F 31 36.41 -1.61 1.67
C VAL F 31 36.28 -0.95 3.03
N VAL F 32 36.41 0.37 3.04
CA VAL F 32 36.34 1.11 4.30
C VAL F 32 35.06 1.92 4.40
N ALA F 33 34.44 2.21 3.26
CA ALA F 33 33.21 2.98 3.27
C ALA F 33 32.27 2.59 2.14
N ILE F 34 30.98 2.87 2.35
CA ILE F 34 29.93 2.57 1.38
C ILE F 34 28.99 3.76 1.36
N ASN F 35 28.69 4.28 0.16
CA ASN F 35 27.80 5.41 0.05
C ASN F 35 26.39 4.85 -0.24
N ASN F 36 25.65 4.59 0.82
CA ASN F 36 24.34 4.02 0.72
C ASN F 36 23.38 5.01 0.20
N THR F 37 22.16 4.52 0.04
CA THR F 37 21.07 5.41 -0.36
C THR F 37 20.14 5.43 0.85
N SER F 38 20.51 4.86 1.99
CA SER F 38 19.56 4.94 3.10
C SER F 38 20.44 4.83 4.33
N ASP F 39 19.84 4.49 5.47
CA ASP F 39 20.58 4.29 6.75
C ASP F 39 21.49 3.05 6.81
N ALA F 40 22.17 2.84 7.95
CA ALA F 40 23.10 1.69 8.12
C ALA F 40 22.47 0.32 8.40
N ARG F 41 21.24 0.30 8.91
CA ARG F 41 20.58 -0.96 9.17
C ARG F 41 19.97 -1.50 7.89
N THR F 42 19.52 -0.61 7.02
CA THR F 42 18.94 -0.99 5.73
C THR F 42 20.03 -1.68 4.92
N ALA F 43 21.27 -1.32 5.23
CA ALA F 43 22.42 -1.88 4.56
C ALA F 43 22.68 -3.28 5.11
N ALA F 44 22.80 -3.38 6.43
CA ALA F 44 23.03 -4.66 7.08
C ALA F 44 21.93 -5.65 6.72
N HIS F 45 20.70 -5.15 6.64
CA HIS F 45 19.54 -5.96 6.30
C HIS F 45 19.67 -6.53 4.89
N LEU F 46 19.66 -5.64 3.89
CA LEU F 46 19.78 -6.01 2.48
C LEU F 46 21.03 -6.84 2.17
N LEU F 47 22.03 -6.75 3.05
CA LEU F 47 23.27 -7.50 2.89
C LEU F 47 23.11 -8.93 3.40
N GLU F 48 22.22 -9.12 4.36
CA GLU F 48 21.98 -10.44 4.94
C GLU F 48 20.86 -11.24 4.28
N TYR F 49 19.81 -10.57 3.84
CA TYR F 49 18.69 -11.26 3.21
C TYR F 49 18.58 -11.02 1.72
N ASP F 50 18.89 -12.04 0.92
CA ASP F 50 18.84 -11.92 -0.52
C ASP F 50 17.82 -12.86 -1.15
N SER F 51 16.81 -12.29 -1.81
CA SER F 51 15.77 -13.07 -2.46
C SER F 51 16.36 -13.95 -3.57
N VAL F 52 17.65 -13.78 -3.82
CA VAL F 52 18.33 -14.53 -4.86
C VAL F 52 19.47 -15.38 -4.31
N LEU F 53 20.48 -14.72 -3.76
CA LEU F 53 21.64 -15.40 -3.22
C LEU F 53 21.32 -16.11 -1.91
N GLY F 54 20.17 -15.80 -1.33
CA GLY F 54 19.80 -16.43 -0.07
C GLY F 54 20.51 -15.74 1.07
N ARG F 55 20.13 -16.07 2.30
CA ARG F 55 20.72 -15.47 3.49
C ARG F 55 22.25 -15.54 3.51
N PHE F 56 22.87 -14.43 3.89
CA PHE F 56 24.33 -14.34 3.94
C PHE F 56 24.87 -14.65 5.36
N ASN F 57 25.68 -15.70 5.45
CA ASN F 57 26.23 -16.13 6.72
C ASN F 57 27.45 -15.30 7.12
N ALA F 58 27.27 -14.45 8.12
CA ALA F 58 28.35 -13.61 8.62
C ALA F 58 27.90 -12.89 9.89
N ASP F 59 28.84 -12.23 10.56
CA ASP F 59 28.54 -11.49 11.79
C ASP F 59 28.14 -10.06 11.46
N ILE F 60 27.05 -9.94 10.72
CA ILE F 60 26.51 -8.65 10.31
C ILE F 60 25.91 -7.89 11.48
N SER F 61 26.72 -7.05 12.11
CA SER F 61 26.28 -6.23 13.23
C SER F 61 26.48 -4.76 12.82
N TYR F 62 25.37 -4.05 12.60
CA TYR F 62 25.45 -2.65 12.18
C TYR F 62 25.43 -1.65 13.33
N ASP F 63 25.63 -0.37 12.96
CA ASP F 63 25.67 0.73 13.90
C ASP F 63 24.86 1.93 13.40
N GLU F 64 24.91 3.04 14.14
CA GLU F 64 24.20 4.27 13.79
C GLU F 64 24.57 4.72 12.37
N ASN F 65 25.82 4.49 12.00
CA ASN F 65 26.32 4.87 10.68
C ASN F 65 27.59 4.10 10.30
N SER F 66 27.60 2.80 10.61
CA SER F 66 28.74 1.96 10.29
C SER F 66 28.48 0.47 10.55
N ILE F 67 28.20 -0.27 9.48
CA ILE F 67 27.95 -1.69 9.61
C ILE F 67 29.27 -2.41 9.81
N THR F 68 29.20 -3.62 10.34
CA THR F 68 30.40 -4.42 10.57
C THR F 68 30.15 -5.88 10.17
N VAL F 69 31.01 -6.40 9.29
CA VAL F 69 30.91 -7.77 8.82
C VAL F 69 32.16 -8.54 9.21
N ASN F 70 31.97 -9.61 10.00
CA ASN F 70 33.08 -10.44 10.44
C ASN F 70 34.24 -9.61 10.90
N GLY F 71 33.98 -8.77 11.90
CA GLY F 71 35.02 -7.90 12.44
C GLY F 71 35.67 -6.98 11.43
N LYS F 72 34.86 -6.26 10.66
CA LYS F 72 35.35 -5.31 9.67
C LYS F 72 34.29 -4.24 9.51
N THR F 73 34.56 -3.06 10.03
CA THR F 73 33.61 -1.97 9.95
C THR F 73 33.79 -1.14 8.68
N MET F 74 32.70 -0.54 8.22
CA MET F 74 32.71 0.28 7.03
C MET F 74 31.75 1.45 7.23
N LYS F 75 32.29 2.65 7.24
CA LYS F 75 31.47 3.84 7.44
C LYS F 75 30.38 3.90 6.38
N ILE F 76 29.17 4.25 6.80
CA ILE F 76 28.05 4.38 5.88
C ILE F 76 27.60 5.83 5.82
N VAL F 77 27.73 6.40 4.64
CA VAL F 77 27.36 7.78 4.39
C VAL F 77 26.53 7.78 3.13
N CYS F 78 25.57 8.69 3.04
CA CYS F 78 24.74 8.74 1.85
C CYS F 78 24.63 10.10 1.27
N ASP F 79 25.44 10.45 0.26
CA ASP F 79 25.43 11.73 -0.42
C ASP F 79 25.01 11.41 -1.82
N ARG F 80 23.91 12.00 -2.22
CA ARG F 80 23.34 11.90 -3.54
C ARG F 80 24.21 12.63 -4.62
N ASN F 81 25.31 13.22 -4.08
CA ASN F 81 26.23 13.98 -5.01
C ASN F 81 27.66 13.66 -4.80
N PRO F 82 28.35 13.07 -5.79
CA PRO F 82 29.78 12.72 -5.60
C PRO F 82 30.71 13.78 -5.06
N LEU F 83 30.54 15.00 -5.56
CA LEU F 83 31.39 16.12 -5.16
C LEU F 83 31.37 16.31 -3.67
N ASN F 84 30.23 16.03 -3.06
CA ASN F 84 30.08 16.18 -1.61
C ASN F 84 30.73 15.10 -0.78
N LEU F 85 31.10 13.99 -1.42
CA LEU F 85 31.72 12.86 -0.73
C LEU F 85 33.12 13.12 -0.17
N PRO F 86 33.40 12.60 1.05
CA PRO F 86 34.66 12.71 1.78
C PRO F 86 35.71 11.68 1.37
N TRP F 87 35.99 11.62 0.07
CA TRP F 87 36.96 10.65 -0.41
C TRP F 87 38.38 10.95 -0.07
N LYS F 88 38.81 12.18 -0.24
CA LYS F 88 40.19 12.46 0.17
C LYS F 88 40.34 12.40 1.66
N GLU F 89 39.31 12.85 2.36
CA GLU F 89 39.25 12.83 3.80
C GLU F 89 39.56 11.45 4.34
N TRP F 90 38.85 10.51 3.76
CA TRP F 90 38.93 9.15 4.11
C TRP F 90 39.98 8.41 3.32
N ASP F 91 40.86 9.11 2.62
CA ASP F 91 41.90 8.42 1.86
C ASP F 91 41.37 7.26 1.00
N ILE F 92 40.41 7.55 0.14
CA ILE F 92 39.84 6.55 -0.72
C ILE F 92 40.58 6.49 -2.05
N ASP F 93 41.22 5.35 -2.31
CA ASP F 93 41.96 5.15 -3.55
C ASP F 93 41.03 4.81 -4.69
N LEU F 94 40.31 3.70 -4.55
CA LEU F 94 39.39 3.23 -5.58
C LEU F 94 37.94 3.27 -5.13
N VAL F 95 37.07 3.76 -6.00
CA VAL F 95 35.66 3.83 -5.70
C VAL F 95 34.91 2.97 -6.71
N ILE F 96 34.11 2.03 -6.20
CA ILE F 96 33.32 1.13 -7.04
C ILE F 96 32.01 1.83 -7.38
N GLU F 97 31.94 2.34 -8.61
CA GLU F 97 30.74 3.07 -9.04
C GLU F 97 29.69 2.10 -9.52
N SER F 98 28.70 1.83 -8.67
CA SER F 98 27.66 0.90 -9.03
C SER F 98 26.26 1.46 -8.83
N THR F 99 26.02 2.67 -9.33
CA THR F 99 24.70 3.27 -9.20
C THR F 99 24.11 3.45 -10.60
N GLY F 100 24.94 3.19 -11.61
CA GLY F 100 24.52 3.31 -12.99
C GLY F 100 24.18 4.71 -13.49
N VAL F 101 24.33 5.72 -12.63
CA VAL F 101 24.01 7.09 -13.01
C VAL F 101 25.21 7.93 -13.50
N PHE F 102 26.41 7.56 -13.07
CA PHE F 102 27.60 8.28 -13.49
C PHE F 102 28.46 7.35 -14.31
N VAL F 103 28.12 7.20 -15.58
CA VAL F 103 28.86 6.28 -16.45
C VAL F 103 29.71 6.93 -17.55
N THR F 104 29.84 8.25 -17.49
CA THR F 104 30.66 8.98 -18.46
C THR F 104 31.97 9.31 -17.74
N ALA F 105 33.03 9.50 -18.50
CA ALA F 105 34.32 9.82 -17.90
C ALA F 105 34.20 11.05 -16.99
N GLU F 106 33.41 12.02 -17.44
CA GLU F 106 33.18 13.25 -16.70
C GLU F 106 32.51 13.04 -15.36
N GLY F 107 31.26 12.57 -15.39
CA GLY F 107 30.53 12.34 -14.16
C GLY F 107 31.28 11.47 -13.17
N ALA F 108 31.80 10.35 -13.65
CA ALA F 108 32.54 9.41 -12.80
C ALA F 108 33.67 10.11 -12.07
N SER F 109 34.23 11.14 -12.70
CA SER F 109 35.34 11.88 -12.11
C SER F 109 34.95 12.72 -10.90
N LYS F 110 33.66 12.96 -10.72
CA LYS F 110 33.19 13.75 -9.59
C LYS F 110 33.76 13.08 -8.34
N HIS F 111 33.90 11.76 -8.40
CA HIS F 111 34.45 10.99 -7.29
C HIS F 111 35.93 11.30 -7.13
N ILE F 112 36.58 11.67 -8.23
CA ILE F 112 37.99 12.01 -8.21
C ILE F 112 38.17 13.39 -7.60
N GLN F 113 37.37 14.35 -8.06
CA GLN F 113 37.41 15.70 -7.54
C GLN F 113 37.15 15.61 -6.04
N ALA F 114 36.26 14.71 -5.66
CA ALA F 114 35.90 14.49 -4.26
C ALA F 114 37.09 13.97 -3.47
N GLY F 115 38.11 13.48 -4.17
CA GLY F 115 39.30 13.00 -3.50
C GLY F 115 39.73 11.58 -3.79
N ALA F 116 38.98 10.86 -4.62
CA ALA F 116 39.34 9.48 -4.96
C ALA F 116 40.27 9.46 -6.15
N LYS F 117 41.17 8.48 -6.18
CA LYS F 117 42.12 8.37 -7.27
C LYS F 117 41.52 7.73 -8.51
N LYS F 118 41.08 6.50 -8.36
CA LYS F 118 40.50 5.78 -9.49
C LYS F 118 39.04 5.37 -9.26
N VAL F 119 38.27 5.40 -10.35
CA VAL F 119 36.85 5.06 -10.32
C VAL F 119 36.57 3.86 -11.23
N LEU F 120 35.95 2.82 -10.67
CA LEU F 120 35.61 1.62 -11.43
C LEU F 120 34.10 1.50 -11.65
N ILE F 121 33.68 1.73 -12.89
CA ILE F 121 32.27 1.66 -13.26
C ILE F 121 31.81 0.21 -13.42
N THR F 122 30.77 -0.17 -12.68
CA THR F 122 30.21 -1.52 -12.77
C THR F 122 29.09 -1.49 -13.81
N ALA F 123 29.38 -0.90 -14.96
CA ALA F 123 28.43 -0.78 -16.05
C ALA F 123 29.19 -0.33 -17.28
N PRO F 124 28.58 -0.45 -18.47
CA PRO F 124 29.29 0.00 -19.68
C PRO F 124 29.57 1.50 -19.57
N GLY F 125 30.77 1.92 -19.97
CA GLY F 125 31.10 3.33 -19.91
C GLY F 125 30.41 4.06 -21.05
N LYS F 126 29.92 5.27 -20.78
CA LYS F 126 29.23 6.04 -21.82
C LYS F 126 30.14 7.16 -22.32
N ALA F 127 30.41 7.12 -23.62
CA ALA F 127 31.29 8.09 -24.26
C ALA F 127 32.72 7.89 -23.78
N GLU F 128 33.65 7.82 -24.74
CA GLU F 128 35.09 7.62 -24.49
C GLU F 128 35.70 8.38 -23.31
N GLY F 129 36.89 7.93 -22.93
CA GLY F 129 37.59 8.53 -21.80
C GLY F 129 37.62 7.50 -20.70
N VAL F 130 36.79 6.46 -20.87
CA VAL F 130 36.68 5.37 -19.91
C VAL F 130 37.47 4.18 -20.42
N GLY F 131 38.16 3.49 -19.51
CA GLY F 131 38.93 2.32 -19.91
C GLY F 131 38.16 1.05 -19.63
N THR F 132 37.68 0.39 -20.69
CA THR F 132 36.91 -0.85 -20.56
C THR F 132 37.77 -2.12 -20.58
N TYR F 133 37.61 -2.94 -19.55
CA TYR F 133 38.35 -4.18 -19.45
C TYR F 133 37.43 -5.36 -19.12
N VAL F 134 37.77 -6.51 -19.67
CA VAL F 134 37.01 -7.74 -19.46
C VAL F 134 37.99 -8.85 -19.03
N ILE F 135 38.03 -9.14 -17.74
CA ILE F 135 38.92 -10.16 -17.21
C ILE F 135 38.92 -11.40 -18.09
N GLY F 136 40.11 -11.88 -18.42
CA GLY F 136 40.23 -13.06 -19.27
C GLY F 136 40.27 -12.74 -20.75
N VAL F 137 39.94 -11.51 -21.11
CA VAL F 137 39.93 -11.12 -22.52
C VAL F 137 40.96 -10.05 -22.87
N ASN F 138 41.08 -9.03 -22.04
CA ASN F 138 42.04 -7.96 -22.29
C ASN F 138 42.57 -7.32 -21.01
N ASP F 139 42.43 -8.03 -19.89
CA ASP F 139 42.91 -7.51 -18.62
C ASP F 139 44.44 -7.45 -18.63
N SER F 140 45.02 -8.08 -19.64
CA SER F 140 46.47 -8.13 -19.80
C SER F 140 47.11 -6.79 -20.14
N GLU F 141 46.40 -6.01 -20.97
CA GLU F 141 46.88 -4.69 -21.36
C GLU F 141 46.44 -3.60 -20.39
N TYR F 142 46.11 -3.99 -19.16
CA TYR F 142 45.71 -3.02 -18.15
C TYR F 142 46.94 -2.35 -17.57
N ARG F 143 46.98 -1.02 -17.69
CA ARG F 143 48.08 -0.24 -17.14
C ARG F 143 47.45 0.78 -16.20
N HIS F 144 47.98 0.85 -14.98
CA HIS F 144 47.44 1.76 -13.97
C HIS F 144 47.26 3.20 -14.39
N GLU F 145 48.18 3.73 -15.20
CA GLU F 145 48.10 5.12 -15.60
C GLU F 145 47.24 5.45 -16.80
N ASP F 146 46.76 4.43 -17.50
CA ASP F 146 45.92 4.65 -18.68
C ASP F 146 44.64 5.44 -18.41
N PHE F 147 43.77 4.95 -17.53
CA PHE F 147 42.53 5.66 -17.23
C PHE F 147 42.27 5.84 -15.75
N ALA F 148 41.61 6.94 -15.42
CA ALA F 148 41.26 7.24 -14.03
C ALA F 148 39.86 6.70 -13.81
N VAL F 149 39.13 6.47 -14.92
CA VAL F 149 37.77 5.93 -14.88
C VAL F 149 37.71 4.68 -15.75
N ILE F 150 37.69 3.51 -15.11
CA ILE F 150 37.63 2.25 -15.83
C ILE F 150 36.26 1.60 -15.72
N SER F 151 35.93 0.83 -16.75
CA SER F 151 34.66 0.13 -16.82
C SER F 151 34.91 -1.37 -16.81
N ASN F 152 33.86 -2.15 -16.57
CA ASN F 152 33.97 -3.60 -16.54
C ASN F 152 32.94 -4.15 -17.50
N ALA F 153 32.46 -3.27 -18.37
CA ALA F 153 31.45 -3.61 -19.37
C ALA F 153 30.18 -4.08 -18.66
N SER F 154 29.30 -4.75 -19.40
CA SER F 154 28.06 -5.26 -18.83
C SER F 154 28.25 -6.75 -18.54
N CYS F 155 27.36 -7.31 -17.72
CA CYS F 155 27.45 -8.72 -17.39
C CYS F 155 27.23 -9.53 -18.66
N THR F 156 26.44 -8.99 -19.58
CA THR F 156 26.15 -9.65 -20.84
C THR F 156 27.43 -9.73 -21.63
N THR F 157 28.18 -8.62 -21.66
CA THR F 157 29.45 -8.52 -22.38
C THR F 157 30.48 -9.47 -21.77
N ASN F 158 30.45 -9.64 -20.46
CA ASN F 158 31.38 -10.53 -19.80
C ASN F 158 31.12 -11.99 -20.07
N CYS F 159 29.96 -12.29 -20.64
CA CYS F 159 29.61 -13.66 -20.96
C CYS F 159 30.04 -13.91 -22.40
N LEU F 160 29.65 -12.97 -23.25
CA LEU F 160 29.92 -13.01 -24.68
C LEU F 160 31.39 -12.84 -25.05
N ALA F 161 32.03 -11.81 -24.51
CA ALA F 161 33.43 -11.55 -24.81
C ALA F 161 34.34 -12.79 -24.70
N PRO F 162 34.35 -13.45 -23.54
CA PRO F 162 35.19 -14.64 -23.35
C PRO F 162 35.03 -15.70 -24.43
N VAL F 163 33.78 -15.98 -24.79
CA VAL F 163 33.50 -16.99 -25.81
C VAL F 163 33.96 -16.50 -27.18
N ALA F 164 33.59 -15.26 -27.51
CA ALA F 164 33.95 -14.68 -28.79
C ALA F 164 35.46 -14.77 -28.98
N LYS F 165 36.21 -14.45 -27.93
CA LYS F 165 37.65 -14.51 -27.99
C LYS F 165 38.09 -15.90 -28.43
N VAL F 166 37.83 -16.90 -27.59
CA VAL F 166 38.21 -18.28 -27.89
C VAL F 166 37.85 -18.67 -29.32
N LEU F 167 36.60 -18.39 -29.70
CA LEU F 167 36.13 -18.71 -31.05
C LEU F 167 36.98 -18.02 -32.12
N HIS F 168 37.31 -16.75 -31.88
CA HIS F 168 38.09 -15.98 -32.84
C HIS F 168 39.54 -16.47 -32.98
N ASP F 169 40.20 -16.72 -31.86
CA ASP F 169 41.58 -17.19 -31.88
C ASP F 169 41.73 -18.55 -32.53
N ASN F 170 40.65 -19.32 -32.54
CA ASN F 170 40.70 -20.66 -33.10
C ASN F 170 40.09 -20.86 -34.48
N PHE F 171 39.10 -20.06 -34.85
CA PHE F 171 38.48 -20.24 -36.16
C PHE F 171 38.39 -18.93 -36.94
N GLY F 172 38.64 -17.82 -36.27
CA GLY F 172 38.61 -16.53 -36.91
C GLY F 172 37.22 -16.07 -37.32
N ILE F 173 36.58 -15.32 -36.44
CA ILE F 173 35.24 -14.81 -36.70
C ILE F 173 35.30 -13.81 -37.85
N ILE F 174 34.45 -14.01 -38.85
CA ILE F 174 34.40 -13.12 -40.00
C ILE F 174 33.31 -12.09 -39.77
N LYS F 175 32.14 -12.58 -39.35
CA LYS F 175 31.00 -11.72 -39.07
C LYS F 175 30.06 -12.55 -38.19
N GLY F 176 29.46 -11.90 -37.21
CA GLY F 176 28.55 -12.61 -36.33
C GLY F 176 27.33 -11.84 -35.86
N THR F 177 26.40 -12.56 -35.26
CA THR F 177 25.16 -11.98 -34.75
C THR F 177 24.85 -12.65 -33.42
N MET F 178 24.31 -11.89 -32.47
CA MET F 178 24.02 -12.44 -31.16
C MET F 178 22.67 -11.98 -30.62
N THR F 179 22.10 -12.78 -29.72
CA THR F 179 20.81 -12.46 -29.11
C THR F 179 20.86 -12.86 -27.65
N THR F 180 20.59 -11.90 -26.77
CA THR F 180 20.61 -12.18 -25.35
C THR F 180 19.22 -12.14 -24.76
N THR F 181 18.93 -13.10 -23.89
CA THR F 181 17.64 -13.16 -23.22
C THR F 181 17.88 -12.84 -21.75
N HIS F 182 17.59 -11.61 -21.36
CA HIS F 182 17.81 -11.13 -19.99
C HIS F 182 16.68 -11.43 -19.06
N SER F 183 16.82 -10.89 -17.86
CA SER F 183 15.82 -11.01 -16.81
C SER F 183 15.17 -9.62 -16.69
N TYR F 184 14.74 -9.25 -15.48
CA TYR F 184 14.09 -7.97 -15.23
C TYR F 184 14.09 -7.02 -16.44
N ALA F 201 9.49 -0.42 -21.56
CA ALA F 201 8.58 0.55 -20.99
C ALA F 201 7.18 -0.04 -20.78
N ARG F 202 7.10 -1.37 -20.79
CA ARG F 202 5.83 -2.07 -20.62
C ARG F 202 5.89 -3.12 -19.51
N ALA F 203 4.76 -3.78 -19.26
CA ALA F 203 4.68 -4.81 -18.22
C ALA F 203 5.73 -5.88 -18.42
N ALA F 204 6.85 -5.73 -17.73
CA ALA F 204 7.98 -6.67 -17.83
C ALA F 204 7.68 -8.09 -17.33
N ALA F 205 6.87 -8.20 -16.29
CA ALA F 205 6.53 -9.48 -15.69
C ALA F 205 5.61 -10.42 -16.49
N VAL F 206 4.98 -9.90 -17.54
CA VAL F 206 4.09 -10.73 -18.33
C VAL F 206 4.39 -10.63 -19.83
N ASN F 207 5.47 -9.95 -20.18
CA ASN F 207 5.83 -9.78 -21.59
C ASN F 207 7.26 -10.15 -21.92
N ILE F 208 7.51 -10.26 -23.23
CA ILE F 208 8.83 -10.53 -23.74
C ILE F 208 9.14 -9.18 -24.40
N VAL F 209 10.09 -8.45 -23.83
CA VAL F 209 10.41 -7.12 -24.35
C VAL F 209 11.68 -7.07 -25.17
N PRO F 210 11.58 -6.57 -26.41
CA PRO F 210 12.70 -6.44 -27.35
C PRO F 210 13.51 -5.18 -27.06
N THR F 211 14.30 -5.20 -25.98
CA THR F 211 15.12 -4.05 -25.64
C THR F 211 16.39 -4.01 -26.50
N THR F 212 17.23 -3.02 -26.25
CA THR F 212 18.47 -2.89 -27.00
C THR F 212 19.65 -3.37 -26.15
N THR F 213 20.72 -3.81 -26.83
CA THR F 213 21.92 -4.26 -26.15
C THR F 213 23.13 -3.71 -26.92
N GLY F 214 24.18 -3.35 -26.19
CA GLY F 214 25.36 -2.82 -26.84
C GLY F 214 26.55 -3.74 -26.65
N ALA F 215 26.28 -4.88 -26.02
CA ALA F 215 27.31 -5.87 -25.76
C ALA F 215 27.98 -6.33 -27.04
N ALA F 216 27.23 -6.36 -28.13
CA ALA F 216 27.76 -6.78 -29.43
C ALA F 216 28.93 -5.87 -29.78
N LYS F 217 28.65 -4.58 -29.84
CA LYS F 217 29.66 -3.59 -30.17
C LYS F 217 30.69 -3.46 -29.05
N ALA F 218 30.24 -3.57 -27.80
CA ALA F 218 31.14 -3.47 -26.65
C ALA F 218 32.28 -4.46 -26.74
N VAL F 219 32.06 -5.58 -27.43
CA VAL F 219 33.11 -6.60 -27.57
C VAL F 219 34.31 -6.04 -28.33
N ALA F 220 34.03 -5.19 -29.32
CA ALA F 220 35.07 -4.58 -30.14
C ALA F 220 36.06 -3.78 -29.29
N LEU F 221 35.65 -3.43 -28.07
CA LEU F 221 36.50 -2.68 -27.17
C LEU F 221 37.63 -3.55 -26.63
N VAL F 222 37.27 -4.69 -26.05
CA VAL F 222 38.26 -5.59 -25.49
C VAL F 222 38.84 -6.57 -26.50
N ILE F 223 38.21 -6.64 -27.67
CA ILE F 223 38.68 -7.50 -28.74
C ILE F 223 38.59 -6.67 -30.02
N PRO F 224 39.50 -5.68 -30.15
CA PRO F 224 39.58 -4.76 -31.28
C PRO F 224 39.34 -5.37 -32.65
N GLU F 225 39.98 -6.51 -32.91
CA GLU F 225 39.85 -7.21 -34.19
C GLU F 225 38.40 -7.45 -34.63
N LEU F 226 37.51 -7.69 -33.66
CA LEU F 226 36.11 -7.95 -33.96
C LEU F 226 35.32 -6.67 -34.20
N LYS F 227 36.02 -5.54 -34.18
CA LYS F 227 35.40 -4.24 -34.40
C LYS F 227 34.51 -4.26 -35.66
N GLY F 228 33.23 -3.94 -35.49
CA GLY F 228 32.30 -3.91 -36.61
C GLY F 228 31.88 -5.26 -37.19
N LYS F 229 32.25 -6.35 -36.53
CA LYS F 229 31.92 -7.69 -37.02
C LYS F 229 30.74 -8.35 -36.27
N LEU F 230 30.38 -7.81 -35.12
CA LEU F 230 29.29 -8.36 -34.32
C LEU F 230 28.18 -7.35 -34.12
N ASN F 231 26.98 -7.84 -33.86
CA ASN F 231 25.85 -6.98 -33.62
C ASN F 231 24.64 -7.80 -33.22
N GLY F 232 24.11 -7.53 -32.03
CA GLY F 232 22.96 -8.29 -31.57
C GLY F 232 21.81 -7.49 -31.01
N ILE F 233 20.82 -8.21 -30.47
CA ILE F 233 19.64 -7.60 -29.87
C ILE F 233 19.36 -8.30 -28.54
N ALA F 234 18.40 -7.79 -27.77
CA ALA F 234 18.07 -8.38 -26.48
C ALA F 234 16.57 -8.58 -26.27
N LEU F 235 16.23 -9.66 -25.58
CA LEU F 235 14.83 -9.99 -25.28
C LEU F 235 14.69 -10.16 -23.78
N ARG F 236 13.94 -9.26 -23.16
CA ARG F 236 13.71 -9.31 -21.72
C ARG F 236 12.60 -10.29 -21.38
N VAL F 237 12.92 -11.33 -20.61
CA VAL F 237 11.93 -12.31 -20.21
C VAL F 237 11.80 -12.34 -18.69
N PRO F 238 10.57 -12.58 -18.20
CA PRO F 238 10.28 -12.63 -16.76
C PRO F 238 10.88 -13.82 -16.02
N THR F 239 12.17 -14.04 -16.16
CA THR F 239 12.79 -15.16 -15.45
C THR F 239 13.54 -14.61 -14.24
N PRO F 240 13.88 -15.49 -13.29
CA PRO F 240 14.60 -15.13 -12.07
C PRO F 240 15.99 -14.53 -12.16
N ASN F 241 17.01 -15.38 -12.02
CA ASN F 241 18.38 -14.87 -11.99
C ASN F 241 19.41 -15.39 -12.99
N VAL F 242 18.96 -15.89 -14.12
CA VAL F 242 19.93 -16.37 -15.09
C VAL F 242 19.52 -16.01 -16.51
N SER F 243 20.49 -15.47 -17.25
CA SER F 243 20.25 -15.07 -18.64
C SER F 243 21.11 -15.90 -19.57
N VAL F 244 20.80 -15.83 -20.85
CA VAL F 244 21.54 -16.59 -21.83
C VAL F 244 21.88 -15.79 -23.08
N VAL F 245 23.06 -16.06 -23.64
CA VAL F 245 23.53 -15.40 -24.85
C VAL F 245 23.52 -16.39 -26.02
N ASP F 246 22.93 -15.98 -27.13
CA ASP F 246 22.82 -16.81 -28.33
C ASP F 246 23.72 -16.27 -29.45
N LEU F 247 24.94 -16.78 -29.55
CA LEU F 247 25.90 -16.32 -30.56
C LEU F 247 25.96 -17.15 -31.83
N VAL F 248 25.85 -16.47 -32.97
CA VAL F 248 25.91 -17.13 -34.28
C VAL F 248 26.96 -16.41 -35.14
N VAL F 249 28.12 -17.04 -35.31
CA VAL F 249 29.17 -16.44 -36.10
C VAL F 249 29.50 -17.26 -37.33
N GLN F 250 30.23 -16.64 -38.25
CA GLN F 250 30.67 -17.30 -39.46
C GLN F 250 32.19 -17.28 -39.38
N VAL F 251 32.79 -18.41 -39.02
CA VAL F 251 34.24 -18.48 -38.93
C VAL F 251 34.79 -18.71 -40.35
N GLU F 252 36.11 -18.77 -40.47
CA GLU F 252 36.70 -18.99 -41.79
C GLU F 252 37.34 -20.35 -41.84
N LYS F 253 37.72 -20.80 -40.66
CA LYS F 253 38.33 -22.09 -40.53
C LYS F 253 37.24 -23.11 -40.31
N PRO F 254 36.89 -23.84 -41.36
CA PRO F 254 35.83 -24.83 -41.19
C PRO F 254 36.10 -25.84 -40.09
N THR F 255 35.04 -26.22 -39.39
CA THR F 255 35.13 -27.19 -38.29
C THR F 255 33.85 -27.96 -38.07
N ILE F 256 33.83 -28.76 -37.02
CA ILE F 256 32.66 -29.56 -36.69
C ILE F 256 32.20 -29.24 -35.28
N THR F 257 30.92 -29.47 -35.01
CA THR F 257 30.35 -29.20 -33.69
C THR F 257 31.23 -29.73 -32.56
N GLU F 258 31.69 -30.96 -32.70
CA GLU F 258 32.53 -31.58 -31.69
C GLU F 258 33.82 -30.78 -31.46
N GLN F 259 34.40 -30.29 -32.55
CA GLN F 259 35.64 -29.52 -32.48
C GLN F 259 35.51 -28.19 -31.74
N VAL F 260 34.37 -27.53 -31.87
CA VAL F 260 34.15 -26.26 -31.19
C VAL F 260 34.13 -26.51 -29.68
N ASN F 261 33.26 -27.43 -29.28
CA ASN F 261 33.14 -27.78 -27.87
C ASN F 261 34.50 -28.16 -27.33
N GLU F 262 35.34 -28.69 -28.20
CA GLU F 262 36.68 -29.11 -27.81
C GLU F 262 37.56 -27.95 -27.36
N VAL F 263 37.61 -26.88 -28.16
CA VAL F 263 38.42 -25.72 -27.84
C VAL F 263 37.85 -24.92 -26.66
N LEU F 264 36.52 -24.92 -26.55
CA LEU F 264 35.86 -24.20 -25.47
C LEU F 264 36.16 -24.89 -24.14
N GLN F 265 36.06 -26.22 -24.14
CA GLN F 265 36.34 -27.00 -22.94
C GLN F 265 37.79 -26.80 -22.53
N LYS F 266 38.69 -26.91 -23.51
CA LYS F 266 40.12 -26.74 -23.25
C LYS F 266 40.37 -25.38 -22.65
N ALA F 267 39.64 -24.38 -23.12
CA ALA F 267 39.78 -23.02 -22.63
C ALA F 267 39.39 -22.95 -21.16
N SER F 268 38.23 -23.50 -20.83
CA SER F 268 37.73 -23.49 -19.45
C SER F 268 38.67 -24.16 -18.46
N GLN F 269 39.58 -24.98 -18.98
CA GLN F 269 40.51 -25.70 -18.11
C GLN F 269 41.87 -25.03 -18.10
N THR F 270 42.06 -24.10 -19.04
CA THR F 270 43.33 -23.41 -19.19
C THR F 270 43.23 -21.89 -19.25
N THR F 271 43.39 -21.36 -20.46
CA THR F 271 43.32 -19.93 -20.73
C THR F 271 42.12 -19.24 -20.09
N MET F 272 40.91 -19.78 -20.31
CA MET F 272 39.70 -19.18 -19.76
C MET F 272 39.23 -19.77 -18.44
N LYS F 273 40.08 -20.57 -17.80
CA LYS F 273 39.74 -21.19 -16.53
C LYS F 273 39.27 -20.14 -15.53
N GLY F 274 38.14 -20.40 -14.89
CA GLY F 274 37.59 -19.48 -13.91
C GLY F 274 36.66 -18.48 -14.55
N ILE F 275 36.87 -18.24 -15.85
CA ILE F 275 36.06 -17.30 -16.59
C ILE F 275 34.95 -18.03 -17.32
N ILE F 276 35.32 -19.04 -18.10
CA ILE F 276 34.33 -19.81 -18.82
C ILE F 276 34.16 -21.17 -18.18
N LYS F 277 32.92 -21.61 -18.09
CA LYS F 277 32.62 -22.91 -17.52
C LYS F 277 32.05 -23.78 -18.63
N TYR F 278 32.63 -24.96 -18.81
CA TYR F 278 32.15 -25.87 -19.83
C TYR F 278 31.16 -26.84 -19.19
N SER F 279 29.89 -26.71 -19.56
CA SER F 279 28.85 -27.58 -19.01
C SER F 279 28.32 -28.56 -20.06
N ASP F 280 28.74 -29.81 -19.95
CA ASP F 280 28.29 -30.83 -20.89
C ASP F 280 27.20 -31.70 -20.27
N LEU F 281 26.48 -31.13 -19.32
CA LEU F 281 25.38 -31.82 -18.66
C LEU F 281 24.05 -31.18 -19.06
N PRO F 282 22.95 -31.93 -18.90
CA PRO F 282 21.61 -31.44 -19.24
C PRO F 282 21.04 -30.64 -18.08
N LEU F 283 21.37 -29.35 -18.04
CA LEU F 283 20.89 -28.49 -16.97
C LEU F 283 20.00 -27.38 -17.48
N VAL F 284 19.35 -26.70 -16.53
CA VAL F 284 18.46 -25.59 -16.84
C VAL F 284 18.94 -24.33 -16.12
N SER F 285 18.50 -23.18 -16.61
CA SER F 285 18.88 -21.89 -16.05
C SER F 285 19.13 -21.88 -14.54
N SER F 286 18.11 -22.25 -13.77
CA SER F 286 18.20 -22.26 -12.32
C SER F 286 19.42 -22.97 -11.73
N ASP F 287 19.93 -23.97 -12.44
CA ASP F 287 21.09 -24.73 -11.97
C ASP F 287 22.38 -23.93 -11.96
N PHE F 288 22.36 -22.73 -12.56
CA PHE F 288 23.56 -21.91 -12.64
C PHE F 288 23.63 -20.73 -11.69
N ARG F 289 22.76 -20.70 -10.69
CA ARG F 289 22.76 -19.61 -9.73
C ARG F 289 23.93 -19.78 -8.78
N GLY F 290 24.64 -18.68 -8.51
CA GLY F 290 25.77 -18.71 -7.60
C GLY F 290 27.05 -19.13 -8.30
N THR F 291 26.99 -19.30 -9.62
CA THR F 291 28.17 -19.70 -10.39
C THR F 291 29.15 -18.53 -10.47
N ASP F 292 30.43 -18.81 -10.29
CA ASP F 292 31.44 -17.77 -10.36
C ASP F 292 31.90 -17.44 -11.78
N GLU F 293 31.78 -18.39 -12.69
CA GLU F 293 32.18 -18.14 -14.07
C GLU F 293 31.30 -17.06 -14.69
N SER F 294 31.88 -16.30 -15.61
CA SER F 294 31.18 -15.21 -16.28
C SER F 294 30.41 -15.76 -17.48
N SER F 295 30.90 -16.85 -18.03
CA SER F 295 30.27 -17.46 -19.18
C SER F 295 30.18 -18.97 -18.97
N ILE F 296 29.00 -19.53 -19.22
CA ILE F 296 28.78 -20.95 -19.06
C ILE F 296 28.34 -21.54 -20.40
N VAL F 297 29.24 -22.22 -21.07
CA VAL F 297 28.90 -22.79 -22.37
C VAL F 297 28.13 -24.11 -22.23
N ASP F 298 26.95 -24.16 -22.82
CA ASP F 298 26.13 -25.37 -22.78
C ASP F 298 26.45 -26.19 -24.02
N SER F 299 27.55 -26.94 -23.96
CA SER F 299 28.01 -27.75 -25.07
C SER F 299 26.90 -28.47 -25.85
N SER F 300 26.03 -29.17 -25.14
CA SER F 300 24.94 -29.90 -25.79
C SER F 300 24.14 -29.06 -26.78
N LEU F 301 24.32 -27.75 -26.70
CA LEU F 301 23.60 -26.84 -27.59
C LEU F 301 24.42 -26.34 -28.77
N THR F 302 25.73 -26.60 -28.73
CA THR F 302 26.61 -26.18 -29.80
C THR F 302 26.11 -26.74 -31.13
N LEU F 303 26.35 -26.01 -32.21
CA LEU F 303 25.88 -26.42 -33.53
C LEU F 303 26.68 -25.72 -34.63
N VAL F 304 27.16 -26.50 -35.58
CA VAL F 304 27.92 -25.97 -36.71
C VAL F 304 27.24 -26.35 -38.02
N MET F 305 26.94 -25.34 -38.84
CA MET F 305 26.29 -25.56 -40.12
C MET F 305 27.28 -25.44 -41.27
N ASP F 306 27.41 -26.50 -42.06
CA ASP F 306 28.31 -26.47 -43.22
C ASP F 306 29.76 -26.14 -42.81
N GLY F 307 30.17 -26.65 -41.65
CA GLY F 307 31.52 -26.41 -41.17
C GLY F 307 32.00 -24.99 -40.88
N ASP F 308 31.32 -23.96 -41.36
CA ASP F 308 31.78 -22.58 -41.10
C ASP F 308 30.84 -21.64 -40.33
N LEU F 309 29.58 -22.03 -40.15
CA LEU F 309 28.61 -21.21 -39.41
C LEU F 309 28.34 -21.87 -38.07
N VAL F 310 29.09 -21.47 -37.05
CA VAL F 310 28.91 -22.06 -35.73
C VAL F 310 27.98 -21.26 -34.82
N LYS F 311 27.28 -21.97 -33.94
CA LYS F 311 26.33 -21.38 -32.98
C LYS F 311 26.63 -21.83 -31.55
N VAL F 312 26.85 -20.88 -30.66
CA VAL F 312 27.13 -21.21 -29.26
C VAL F 312 26.15 -20.56 -28.28
N ILE F 313 25.72 -21.33 -27.29
CA ILE F 313 24.81 -20.87 -26.28
C ILE F 313 25.51 -20.87 -24.93
N ALA F 314 25.46 -19.76 -24.22
CA ALA F 314 26.12 -19.68 -22.93
C ALA F 314 25.22 -18.99 -21.93
N TRP F 315 25.27 -19.46 -20.68
CA TRP F 315 24.48 -18.90 -19.60
C TRP F 315 25.34 -18.05 -18.69
N TYR F 316 24.70 -17.11 -18.00
CA TYR F 316 25.40 -16.29 -17.03
C TYR F 316 24.43 -15.87 -15.94
N ASP F 317 24.92 -15.91 -14.71
CA ASP F 317 24.11 -15.56 -13.55
C ASP F 317 24.01 -14.04 -13.43
N ASN F 318 23.11 -13.44 -14.20
CA ASN F 318 22.90 -12.01 -14.19
C ASN F 318 23.97 -11.15 -13.51
N GLU F 319 23.87 -10.98 -12.18
CA GLU F 319 24.82 -10.15 -11.45
C GLU F 319 25.91 -10.83 -10.62
N TRP F 320 25.75 -12.11 -10.29
CA TRP F 320 26.76 -12.75 -9.46
C TRP F 320 28.11 -12.98 -10.11
N GLY F 321 28.14 -13.60 -11.28
CA GLY F 321 29.39 -13.87 -11.97
C GLY F 321 30.08 -12.57 -12.32
N TYR F 322 29.27 -11.59 -12.71
CA TYR F 322 29.77 -10.27 -13.05
C TYR F 322 30.44 -9.66 -11.83
N SER F 323 29.74 -9.64 -10.70
CA SER F 323 30.28 -9.10 -9.47
C SER F 323 31.57 -9.79 -9.13
N GLN F 324 31.67 -11.06 -9.49
CA GLN F 324 32.88 -11.83 -9.22
C GLN F 324 33.99 -11.22 -10.07
N ARG F 325 33.64 -10.81 -11.27
CA ARG F 325 34.60 -10.18 -12.19
C ARG F 325 34.96 -8.76 -11.73
N VAL F 326 34.01 -8.05 -11.12
CA VAL F 326 34.24 -6.69 -10.65
C VAL F 326 35.26 -6.69 -9.53
N VAL F 327 35.21 -7.70 -8.66
CA VAL F 327 36.16 -7.79 -7.58
C VAL F 327 37.52 -8.13 -8.19
N ASP F 328 37.49 -8.90 -9.29
CA ASP F 328 38.73 -9.29 -9.98
C ASP F 328 39.46 -8.09 -10.58
N LEU F 329 38.72 -7.22 -11.26
CA LEU F 329 39.27 -6.02 -11.86
C LEU F 329 39.79 -5.09 -10.75
N ALA F 330 38.97 -4.85 -9.74
CA ALA F 330 39.37 -4.00 -8.62
C ALA F 330 40.61 -4.60 -7.97
N GLU F 331 40.73 -5.92 -8.03
CA GLU F 331 41.86 -6.62 -7.45
C GLU F 331 43.08 -6.40 -8.35
N LEU F 332 42.85 -6.43 -9.66
CA LEU F 332 43.90 -6.22 -10.65
C LEU F 332 44.45 -4.81 -10.45
N ALA F 333 43.54 -3.85 -10.23
CA ALA F 333 43.95 -2.47 -10.01
C ALA F 333 44.81 -2.43 -8.76
N ALA F 334 44.30 -2.94 -7.66
CA ALA F 334 45.06 -2.95 -6.42
C ALA F 334 46.50 -3.45 -6.61
N ARG F 335 46.65 -4.58 -7.29
CA ARG F 335 47.96 -5.16 -7.57
C ARG F 335 48.82 -4.25 -8.41
N LYS F 336 48.21 -3.64 -9.43
CA LYS F 336 48.96 -2.75 -10.30
C LYS F 336 48.93 -1.29 -9.92
N SER F 337 48.37 -0.97 -8.74
CA SER F 337 48.21 0.51 -8.42
C SER F 337 49.63 1.11 -8.18
N GLY F 338 49.79 2.40 -8.50
CA GLY F 338 51.00 3.16 -8.39
C GLY F 338 51.34 3.15 -6.93
S SO4 G . -14.02 46.39 23.23
O1 SO4 G . -12.58 46.11 23.49
O2 SO4 G . -14.46 47.50 24.12
O3 SO4 G . -14.80 45.18 23.53
O4 SO4 G . -14.20 46.77 21.82
S SO4 H . -11.28 16.88 25.03
O1 SO4 H . -10.45 17.44 26.12
O2 SO4 H . -10.55 17.00 23.77
O3 SO4 H . -12.55 17.62 24.98
O4 SO4 H . -11.58 15.46 25.28
S SO4 I . -5.11 -0.54 0.42
O1 SO4 I . -5.50 0.51 -0.53
O2 SO4 I . -3.95 -0.08 1.21
O3 SO4 I . -4.77 -1.77 -0.31
O4 SO4 I . -6.24 -0.82 1.33
S SO4 J . -3.70 -29.98 1.85
O1 SO4 J . -3.11 -31.09 1.07
O2 SO4 J . -5.04 -29.73 1.34
O3 SO4 J . -2.89 -28.77 1.66
O4 SO4 J . -3.75 -30.32 3.28
S SO4 K . 8.80 -27.99 -32.23
O1 SO4 K . 7.93 -29.10 -31.83
O2 SO4 K . 9.62 -28.40 -33.39
O3 SO4 K . 9.69 -27.63 -31.10
O4 SO4 K . 7.98 -26.83 -32.59
S SO4 L . 23.73 -4.63 -22.33
O1 SO4 L . 23.85 -3.53 -21.37
O2 SO4 L . 23.56 -4.06 -23.67
O3 SO4 L . 22.57 -5.45 -21.99
O4 SO4 L . 24.94 -5.46 -22.32
#